data_6S5O
#
_entry.id   6S5O
#
_cell.length_a   108.203
_cell.length_b   155.217
_cell.length_c   285.940
_cell.angle_alpha   90.000
_cell.angle_beta   90.000
_cell.angle_gamma   90.000
#
_symmetry.space_group_name_H-M   'C 2 2 21'
#
loop_
_entity.id
_entity.type
_entity.pdbx_description
1 polymer 'Ktr system potassium uptake protein A'
2 non-polymer "ADENOSINE-5'-DIPHOSPHATE"
#
_entity_poly.entity_id   1
_entity_poly.type   'polypeptide(L)'
_entity_poly.pdbx_seq_one_letter_code
;MGRIKNKQFAVIGLGRFGGSICKELHRMGHEVLAVDINEEKVNAYASYATHAVIANATEENELLSLGIRNFEYVIVAIGA
NIQASTLTTLLLKELDIPNIWVKAQNYYHHKVLEKIGADRIIHPQKDMGVKIAQSLSDENVLNYIDLSDEYSIVELLATR
KLDSKSIIDLNVRAKYGCTILAIKHHGDICLSPAPEDIIREQDCLVIMGHKKDIKRFENEGM
;
_entity_poly.pdbx_strand_id   A,B,C,D,E,F,G,H
#
loop_
_chem_comp.id
_chem_comp.type
_chem_comp.name
_chem_comp.formula
ADP non-polymer ADENOSINE-5'-DIPHOSPHATE 'C10 H15 N5 O10 P2'
#
# COMPACT_ATOMS: atom_id res chain seq x y z
N GLN A 8 -36.31 -13.75 40.42
CA GLN A 8 -34.91 -14.09 40.25
C GLN A 8 -34.18 -13.06 39.37
N PHE A 9 -34.89 -12.56 38.37
CA PHE A 9 -34.31 -11.56 37.46
C PHE A 9 -35.17 -10.32 37.35
N ALA A 10 -34.53 -9.16 37.41
CA ALA A 10 -35.22 -7.89 37.21
C ALA A 10 -34.51 -7.06 36.14
N VAL A 11 -35.29 -6.59 35.16
CA VAL A 11 -34.75 -5.75 34.10
C VAL A 11 -35.35 -4.35 34.22
N ILE A 12 -34.48 -3.37 34.44
CA ILE A 12 -34.93 -2.03 34.81
C ILE A 12 -35.23 -1.12 33.62
N GLY A 13 -34.51 -1.33 32.52
CA GLY A 13 -34.76 -0.53 31.33
C GLY A 13 -35.29 -1.35 30.17
N LEU A 14 -36.55 -1.14 29.80
CA LEU A 14 -37.14 -1.87 28.70
C LEU A 14 -37.01 -1.11 27.39
N GLY A 15 -35.79 -1.05 26.88
CA GLY A 15 -35.53 -0.42 25.59
C GLY A 15 -35.14 -1.48 24.58
N ARG A 16 -34.44 -1.06 23.55
CA ARG A 16 -33.94 -1.99 22.53
C ARG A 16 -33.07 -3.08 23.14
N PHE A 17 -32.24 -2.71 24.11
CA PHE A 17 -31.32 -3.65 24.75
C PHE A 17 -31.99 -4.47 25.86
N GLY A 18 -32.47 -3.77 26.89
CA GLY A 18 -33.05 -4.43 28.04
C GLY A 18 -34.29 -5.23 27.73
N GLY A 19 -35.13 -4.71 26.84
CA GLY A 19 -36.32 -5.40 26.41
C GLY A 19 -36.02 -6.77 25.82
N SER A 20 -34.92 -6.84 25.07
CA SER A 20 -34.50 -8.11 24.46
C SER A 20 -34.08 -9.10 25.54
N ILE A 21 -33.34 -8.61 26.54
CA ILE A 21 -32.93 -9.43 27.67
C ILE A 21 -34.15 -9.99 28.39
N CYS A 22 -35.11 -9.11 28.67
CA CYS A 22 -36.35 -9.51 29.32
C CYS A 22 -37.10 -10.57 28.53
N LYS A 23 -37.40 -10.26 27.27
CA LYS A 23 -38.12 -11.18 26.39
C LYS A 23 -37.44 -12.54 26.28
N GLU A 24 -36.11 -12.53 26.20
CA GLU A 24 -35.35 -13.76 26.02
C GLU A 24 -35.35 -14.59 27.31
N LEU A 25 -35.12 -13.93 28.43
CA LEU A 25 -35.18 -14.59 29.74
C LEU A 25 -36.55 -15.21 29.97
N HIS A 26 -37.59 -14.50 29.55
CA HIS A 26 -38.96 -15.01 29.67
C HIS A 26 -39.17 -16.21 28.76
N ARG A 27 -38.63 -16.14 27.55
CA ARG A 27 -38.76 -17.22 26.58
C ARG A 27 -38.02 -18.48 27.05
N MET A 28 -36.93 -18.29 27.79
CA MET A 28 -36.15 -19.42 28.29
C MET A 28 -36.86 -20.12 29.45
N GLY A 29 -37.79 -19.42 30.09
CA GLY A 29 -38.59 -20.01 31.15
C GLY A 29 -38.31 -19.49 32.54
N HIS A 30 -37.41 -18.52 32.66
CA HIS A 30 -37.12 -17.90 33.94
C HIS A 30 -38.19 -16.86 34.27
N GLU A 31 -38.37 -16.56 35.55
CA GLU A 31 -39.32 -15.53 35.95
C GLU A 31 -38.63 -14.17 36.06
N VAL A 32 -39.18 -13.18 35.37
CA VAL A 32 -38.54 -11.87 35.24
C VAL A 32 -39.49 -10.73 35.58
N LEU A 33 -39.02 -9.79 36.39
CA LEU A 33 -39.78 -8.58 36.66
C LEU A 33 -39.24 -7.43 35.82
N ALA A 34 -40.09 -6.91 34.94
CA ALA A 34 -39.71 -5.82 34.05
C ALA A 34 -40.12 -4.48 34.64
N VAL A 35 -39.19 -3.53 34.65
CA VAL A 35 -39.46 -2.19 35.16
C VAL A 35 -39.34 -1.19 34.02
N ASP A 36 -40.16 -0.14 34.05
CA ASP A 36 -39.99 0.96 33.10
C ASP A 36 -40.74 2.21 33.53
N ILE A 37 -40.15 3.37 33.30
CA ILE A 37 -40.79 4.64 33.64
C ILE A 37 -41.87 4.97 32.61
N ASN A 38 -41.74 4.42 31.40
CA ASN A 38 -42.69 4.66 30.33
C ASN A 38 -43.82 3.63 30.36
N GLU A 39 -45.05 4.11 30.47
CA GLU A 39 -46.21 3.23 30.62
C GLU A 39 -46.46 2.36 29.40
N GLU A 40 -46.25 2.92 28.21
CA GLU A 40 -46.42 2.19 26.96
C GLU A 40 -45.48 0.99 26.91
N LYS A 41 -44.23 1.23 27.28
CA LYS A 41 -43.22 0.17 27.33
C LYS A 41 -43.64 -0.95 28.27
N VAL A 42 -44.13 -0.58 29.45
CA VAL A 42 -44.60 -1.55 30.44
C VAL A 42 -45.74 -2.37 29.89
N ASN A 43 -46.67 -1.70 29.20
CA ASN A 43 -47.80 -2.38 28.59
C ASN A 43 -47.38 -3.36 27.51
N ALA A 44 -46.40 -2.95 26.70
CA ALA A 44 -45.94 -3.75 25.57
C ALA A 44 -45.19 -5.01 26.02
N TYR A 45 -44.64 -4.97 27.24
CA TYR A 45 -43.84 -6.08 27.73
C TYR A 45 -44.59 -6.90 28.78
N ALA A 46 -45.88 -6.61 28.94
CA ALA A 46 -46.75 -7.36 29.83
C ALA A 46 -46.78 -8.86 29.50
N SER A 47 -46.81 -9.18 28.20
CA SER A 47 -46.89 -10.56 27.76
C SER A 47 -45.53 -11.26 27.80
N TYR A 48 -44.46 -10.49 27.83
CA TYR A 48 -43.12 -11.04 27.76
C TYR A 48 -42.40 -11.01 29.11
N ALA A 49 -43.18 -10.99 30.19
CA ALA A 49 -42.61 -10.98 31.53
C ALA A 49 -43.59 -11.53 32.56
N THR A 50 -43.05 -12.08 33.65
CA THR A 50 -43.87 -12.55 34.76
C THR A 50 -44.66 -11.38 35.36
N HIS A 51 -43.97 -10.28 35.62
CA HIS A 51 -44.62 -9.06 36.09
C HIS A 51 -44.00 -7.83 35.41
N ALA A 52 -44.81 -6.79 35.22
CA ALA A 52 -44.33 -5.56 34.59
C ALA A 52 -44.83 -4.33 35.35
N VAL A 53 -43.92 -3.44 35.72
CA VAL A 53 -44.26 -2.30 36.58
C VAL A 53 -43.73 -0.97 36.06
N ILE A 54 -44.58 0.06 36.17
CA ILE A 54 -44.17 1.44 35.96
C ILE A 54 -43.45 1.96 37.20
N ALA A 55 -42.22 2.42 37.02
CA ALA A 55 -41.44 2.92 38.16
C ALA A 55 -40.27 3.78 37.72
N ASN A 56 -39.94 4.77 38.53
CA ASN A 56 -38.75 5.58 38.32
C ASN A 56 -37.58 4.95 39.07
N ALA A 57 -36.64 4.39 38.31
CA ALA A 57 -35.52 3.64 38.89
C ALA A 57 -34.56 4.52 39.68
N THR A 58 -34.77 5.84 39.62
CA THR A 58 -33.93 6.78 40.35
C THR A 58 -34.57 7.19 41.67
N GLU A 59 -35.72 6.61 41.97
CA GLU A 59 -36.43 6.92 43.21
C GLU A 59 -36.39 5.71 44.15
N GLU A 60 -35.69 5.87 45.27
CA GLU A 60 -35.41 4.78 46.19
C GLU A 60 -36.66 4.09 46.73
N ASN A 61 -37.64 4.88 47.15
CA ASN A 61 -38.86 4.34 47.72
C ASN A 61 -39.64 3.51 46.70
N GLU A 62 -39.52 3.88 45.44
CA GLU A 62 -40.14 3.12 44.36
C GLU A 62 -39.45 1.77 44.20
N LEU A 63 -38.13 1.77 44.29
CA LEU A 63 -37.34 0.55 44.23
C LEU A 63 -37.72 -0.38 45.38
N LEU A 64 -37.88 0.19 46.57
CA LEU A 64 -38.34 -0.57 47.72
C LEU A 64 -39.73 -1.14 47.47
N SER A 65 -40.59 -0.33 46.85
CA SER A 65 -41.95 -0.74 46.53
C SER A 65 -41.99 -1.90 45.55
N LEU A 66 -40.99 -1.95 44.67
CA LEU A 66 -40.88 -3.05 43.70
C LEU A 66 -40.50 -4.37 44.37
N GLY A 67 -39.94 -4.29 45.57
CA GLY A 67 -39.41 -5.46 46.25
C GLY A 67 -38.13 -5.91 45.56
N ILE A 68 -37.30 -4.93 45.20
CA ILE A 68 -36.10 -5.18 44.41
C ILE A 68 -35.07 -6.04 45.12
N ARG A 69 -35.12 -6.09 46.45
CA ARG A 69 -34.16 -6.87 47.22
C ARG A 69 -34.41 -8.37 47.10
N ASN A 70 -35.64 -8.72 46.73
CA ASN A 70 -36.01 -10.12 46.53
C ASN A 70 -35.36 -10.74 45.30
N PHE A 71 -34.56 -9.96 44.57
CA PHE A 71 -33.97 -10.43 43.33
C PHE A 71 -32.47 -10.63 43.44
N GLU A 72 -31.98 -11.68 42.78
CA GLU A 72 -30.56 -12.01 42.80
C GLU A 72 -29.81 -11.30 41.68
N TYR A 73 -30.52 -11.00 40.60
CA TYR A 73 -29.95 -10.31 39.45
C TYR A 73 -30.82 -9.13 39.04
N VAL A 74 -30.24 -7.93 39.03
CA VAL A 74 -30.93 -6.76 38.53
C VAL A 74 -30.18 -6.14 37.36
N ILE A 75 -30.87 -5.99 36.23
CA ILE A 75 -30.25 -5.42 35.04
C ILE A 75 -30.64 -3.96 34.83
N VAL A 76 -29.63 -3.08 34.84
CA VAL A 76 -29.85 -1.67 34.59
C VAL A 76 -29.61 -1.37 33.12
N ALA A 77 -30.68 -1.27 32.34
CA ALA A 77 -30.55 -1.06 30.91
C ALA A 77 -31.25 0.22 30.48
N ILE A 78 -30.79 1.34 31.04
CA ILE A 78 -31.24 2.65 30.60
C ILE A 78 -30.13 3.26 29.75
N GLY A 79 -30.45 3.54 28.48
CA GLY A 79 -29.43 3.95 27.53
C GLY A 79 -28.95 5.38 27.71
N ALA A 80 -29.66 6.33 27.11
CA ALA A 80 -29.18 7.70 26.95
C ALA A 80 -28.82 8.38 28.27
N ASN A 81 -29.71 8.31 29.25
CA ASN A 81 -29.52 9.03 30.50
C ASN A 81 -28.46 8.40 31.40
N ILE A 82 -27.22 8.88 31.26
CA ILE A 82 -26.10 8.39 32.06
C ILE A 82 -26.35 8.65 33.55
N GLN A 83 -26.85 9.84 33.86
CA GLN A 83 -27.15 10.21 35.23
C GLN A 83 -28.10 9.21 35.86
N ALA A 84 -29.19 8.92 35.17
CA ALA A 84 -30.18 7.96 35.63
C ALA A 84 -29.56 6.57 35.82
N SER A 85 -28.71 6.17 34.89
CA SER A 85 -28.06 4.86 34.95
C SER A 85 -27.19 4.72 36.19
N THR A 86 -26.30 5.69 36.41
CA THR A 86 -25.37 5.62 37.54
C THR A 86 -26.08 5.79 38.87
N LEU A 87 -27.10 6.64 38.88
CA LEU A 87 -27.92 6.84 40.07
C LEU A 87 -28.64 5.54 40.45
N THR A 88 -29.21 4.89 39.44
CA THR A 88 -29.90 3.61 39.63
C THR A 88 -28.95 2.55 40.17
N THR A 89 -27.82 2.40 39.48
CA THR A 89 -26.79 1.45 39.90
C THR A 89 -26.36 1.70 41.35
N LEU A 90 -26.19 2.97 41.70
CA LEU A 90 -25.80 3.35 43.06
C LEU A 90 -26.85 2.93 44.09
N LEU A 91 -28.11 3.31 43.84
CA LEU A 91 -29.20 2.95 44.74
C LEU A 91 -29.28 1.44 44.93
N LEU A 92 -29.12 0.70 43.83
CA LEU A 92 -29.14 -0.75 43.87
C LEU A 92 -27.97 -1.31 44.69
N LYS A 93 -26.82 -0.67 44.58
CA LYS A 93 -25.65 -1.08 45.33
C LYS A 93 -25.85 -0.84 46.83
N GLU A 94 -26.59 0.21 47.15
CA GLU A 94 -26.94 0.50 48.54
C GLU A 94 -27.85 -0.56 49.11
N LEU A 95 -28.72 -1.12 48.26
CA LEU A 95 -29.70 -2.11 48.70
C LEU A 95 -29.11 -3.52 48.70
N ASP A 96 -27.79 -3.61 48.55
CA ASP A 96 -27.04 -4.86 48.69
C ASP A 96 -27.45 -5.93 47.67
N ILE A 97 -27.86 -5.51 46.49
CA ILE A 97 -28.13 -6.43 45.39
C ILE A 97 -26.88 -7.23 45.06
N PRO A 98 -26.99 -8.57 45.05
CA PRO A 98 -25.85 -9.47 44.81
C PRO A 98 -25.22 -9.28 43.44
N ASN A 99 -26.04 -9.17 42.40
CA ASN A 99 -25.54 -9.00 41.04
C ASN A 99 -26.21 -7.85 40.30
N ILE A 100 -25.42 -6.82 39.97
CA ILE A 100 -25.91 -5.67 39.23
C ILE A 100 -25.21 -5.52 37.89
N TRP A 101 -25.95 -5.69 36.80
CA TRP A 101 -25.38 -5.56 35.46
C TRP A 101 -25.89 -4.30 34.78
N VAL A 102 -24.98 -3.45 34.33
CA VAL A 102 -25.34 -2.16 33.77
C VAL A 102 -24.80 -1.96 32.37
N LYS A 103 -25.62 -1.38 31.49
CA LYS A 103 -25.19 -1.03 30.14
C LYS A 103 -24.46 0.30 30.14
N ALA A 104 -23.23 0.30 29.59
CA ALA A 104 -22.43 1.50 29.54
C ALA A 104 -22.61 2.23 28.21
N GLN A 105 -22.60 3.56 28.27
CA GLN A 105 -22.72 4.37 27.07
C GLN A 105 -21.35 4.69 26.50
N ASN A 106 -20.39 4.97 27.37
CA ASN A 106 -19.04 5.32 26.96
C ASN A 106 -17.99 4.95 28.00
N TYR A 107 -16.76 5.36 27.74
CA TYR A 107 -15.63 5.09 28.63
C TYR A 107 -15.88 5.63 30.04
N TYR A 108 -16.31 6.89 30.10
CA TYR A 108 -16.61 7.56 31.37
C TYR A 108 -17.64 6.77 32.19
N HIS A 109 -18.72 6.40 31.51
CA HIS A 109 -19.79 5.64 32.15
C HIS A 109 -19.28 4.31 32.68
N HIS A 110 -18.47 3.64 31.87
CA HIS A 110 -17.81 2.40 32.28
C HIS A 110 -16.99 2.59 33.55
N LYS A 111 -16.24 3.68 33.60
CA LYS A 111 -15.37 3.97 34.74
C LYS A 111 -16.18 4.22 36.02
N VAL A 112 -17.17 5.11 35.94
CA VAL A 112 -17.95 5.43 37.14
C VAL A 112 -18.77 4.23 37.61
N LEU A 113 -19.29 3.43 36.69
CA LEU A 113 -19.97 2.19 37.06
C LEU A 113 -19.00 1.24 37.73
N GLU A 114 -17.80 1.18 37.19
CA GLU A 114 -16.72 0.36 37.75
C GLU A 114 -16.46 0.74 39.21
N LYS A 115 -16.39 2.04 39.47
CA LYS A 115 -16.06 2.51 40.81
C LYS A 115 -17.21 2.39 41.80
N ILE A 116 -18.45 2.49 41.32
CA ILE A 116 -19.61 2.39 42.21
C ILE A 116 -20.04 0.94 42.43
N GLY A 117 -19.18 0.01 42.03
CA GLY A 117 -19.39 -1.40 42.34
C GLY A 117 -20.37 -2.11 41.44
N ALA A 118 -20.28 -1.87 40.13
CA ALA A 118 -21.06 -2.63 39.18
C ALA A 118 -20.41 -3.99 38.97
N ASP A 119 -21.20 -5.05 39.03
CA ASP A 119 -20.66 -6.40 38.97
C ASP A 119 -20.25 -6.78 37.55
N ARG A 120 -21.03 -6.35 36.56
CA ARG A 120 -20.65 -6.53 35.17
C ARG A 120 -21.11 -5.35 34.33
N ILE A 121 -20.20 -4.84 33.51
CA ILE A 121 -20.50 -3.69 32.65
C ILE A 121 -20.47 -4.10 31.19
N ILE A 122 -21.58 -3.90 30.49
CA ILE A 122 -21.71 -4.36 29.12
C ILE A 122 -21.67 -3.23 28.08
N HIS A 123 -20.82 -3.41 27.08
CA HIS A 123 -20.82 -2.53 25.91
C HIS A 123 -21.38 -3.30 24.71
N PRO A 124 -22.70 -3.25 24.51
CA PRO A 124 -23.37 -4.07 23.50
C PRO A 124 -22.87 -3.87 22.08
N GLN A 125 -22.92 -2.62 21.62
CA GLN A 125 -22.56 -2.29 20.25
C GLN A 125 -21.09 -2.57 19.94
N LYS A 126 -20.22 -2.43 20.93
CA LYS A 126 -18.81 -2.81 20.80
C LYS A 126 -18.65 -4.31 20.50
N ASP A 127 -19.27 -5.13 21.36
CA ASP A 127 -19.18 -6.58 21.25
C ASP A 127 -19.80 -7.09 19.96
N MET A 128 -20.94 -6.53 19.59
CA MET A 128 -21.55 -6.86 18.31
C MET A 128 -20.64 -6.39 17.20
N GLY A 129 -19.88 -5.33 17.48
CA GLY A 129 -18.87 -4.85 16.56
C GLY A 129 -17.86 -5.93 16.25
N VAL A 130 -17.22 -6.46 17.29
CA VAL A 130 -16.20 -7.48 17.06
C VAL A 130 -16.77 -8.75 16.45
N LYS A 131 -17.95 -9.20 16.89
CA LYS A 131 -18.47 -10.43 16.32
C LYS A 131 -18.83 -10.23 14.84
N ILE A 132 -19.43 -9.09 14.52
CA ILE A 132 -19.78 -8.78 13.13
C ILE A 132 -18.51 -8.75 12.30
N ALA A 133 -17.44 -8.20 12.87
CA ALA A 133 -16.15 -8.20 12.22
C ALA A 133 -15.70 -9.63 11.95
N GLN A 134 -15.93 -10.50 12.92
CA GLN A 134 -15.61 -11.91 12.78
C GLN A 134 -16.35 -12.57 11.61
N SER A 135 -17.66 -12.32 11.49
CA SER A 135 -18.42 -12.88 10.39
C SER A 135 -18.02 -12.25 9.05
N LEU A 136 -17.55 -11.02 9.09
CA LEU A 136 -17.08 -10.32 7.88
C LEU A 136 -15.78 -10.90 7.36
N SER A 137 -14.88 -11.25 8.27
CA SER A 137 -13.54 -11.68 7.86
C SER A 137 -13.62 -12.99 7.06
N ASP A 138 -14.59 -13.82 7.41
CA ASP A 138 -14.91 -15.04 6.68
C ASP A 138 -16.42 -15.19 6.60
N GLU A 139 -16.96 -15.19 5.38
CA GLU A 139 -18.41 -15.32 5.24
C GLU A 139 -18.80 -16.76 5.54
N ASN A 140 -17.81 -17.65 5.48
CA ASN A 140 -18.03 -19.06 5.77
C ASN A 140 -18.17 -19.33 7.27
N VAL A 141 -17.51 -18.52 8.10
CA VAL A 141 -17.70 -18.72 9.53
C VAL A 141 -19.12 -18.22 9.83
N LEU A 142 -19.95 -19.16 10.27
CA LEU A 142 -21.34 -18.86 10.59
C LEU A 142 -21.34 -18.45 12.05
N ASN A 143 -20.47 -19.10 12.80
CA ASN A 143 -20.29 -18.84 14.22
C ASN A 143 -18.93 -19.36 14.62
N TYR A 144 -18.50 -19.04 15.84
CA TYR A 144 -17.19 -19.47 16.32
C TYR A 144 -17.11 -19.22 17.81
N ILE A 145 -16.10 -19.77 18.45
CA ILE A 145 -15.84 -19.46 19.84
C ILE A 145 -14.32 -19.45 20.09
N ASP A 146 -13.82 -18.37 20.68
CA ASP A 146 -12.39 -18.25 20.95
C ASP A 146 -12.03 -18.93 22.27
N LEU A 147 -11.22 -19.98 22.18
CA LEU A 147 -10.75 -20.67 23.37
C LEU A 147 -9.66 -19.85 24.04
N SER A 148 -8.84 -19.21 23.23
CA SER A 148 -7.77 -18.35 23.72
C SER A 148 -7.31 -17.38 22.63
N ASP A 149 -6.25 -16.63 22.91
CA ASP A 149 -5.69 -15.67 21.97
C ASP A 149 -5.29 -16.30 20.63
N GLU A 150 -4.92 -17.58 20.66
CA GLU A 150 -4.41 -18.24 19.46
C GLU A 150 -5.29 -19.38 18.98
N TYR A 151 -6.02 -20.01 19.89
CA TYR A 151 -6.80 -21.20 19.57
C TYR A 151 -8.31 -20.95 19.60
N SER A 152 -9.01 -21.60 18.68
CA SER A 152 -10.43 -21.34 18.43
C SER A 152 -11.17 -22.53 17.83
N ILE A 153 -12.48 -22.55 18.06
CA ILE A 153 -13.39 -23.51 17.42
C ILE A 153 -14.25 -22.76 16.41
N VAL A 154 -14.28 -23.25 15.18
CA VAL A 154 -14.90 -22.53 14.08
C VAL A 154 -15.99 -23.33 13.35
N GLU A 155 -17.10 -22.67 13.07
CA GLU A 155 -18.17 -23.23 12.24
C GLU A 155 -18.09 -22.64 10.83
N LEU A 156 -17.97 -23.51 9.83
CA LEU A 156 -17.72 -23.10 8.45
C LEU A 156 -18.81 -23.56 7.47
N LEU A 157 -19.08 -22.73 6.46
CA LEU A 157 -20.00 -23.10 5.39
C LEU A 157 -19.21 -23.74 4.26
N ALA A 158 -19.58 -24.97 3.91
CA ALA A 158 -18.87 -25.75 2.90
C ALA A 158 -19.03 -25.19 1.50
N THR A 159 -17.92 -25.03 0.78
CA THR A 159 -17.95 -24.54 -0.60
C THR A 159 -17.97 -25.73 -1.57
N ARG A 160 -17.89 -25.42 -2.86
CA ARG A 160 -17.87 -26.46 -3.89
C ARG A 160 -16.53 -27.19 -3.93
N LYS A 161 -15.55 -26.68 -3.19
CA LYS A 161 -14.24 -27.31 -3.09
C LYS A 161 -14.28 -28.49 -2.12
N LEU A 162 -15.29 -28.53 -1.27
CA LEU A 162 -15.38 -29.54 -0.22
C LEU A 162 -16.46 -30.57 -0.51
N ASP A 163 -17.23 -30.34 -1.58
CA ASP A 163 -18.35 -31.21 -1.93
C ASP A 163 -17.91 -32.65 -2.19
N SER A 164 -18.66 -33.60 -1.61
CA SER A 164 -18.42 -35.02 -1.78
C SER A 164 -17.03 -35.46 -1.32
N LYS A 165 -16.43 -34.68 -0.42
CA LYS A 165 -15.13 -35.02 0.12
C LYS A 165 -15.25 -35.70 1.47
N SER A 166 -14.39 -36.67 1.74
CA SER A 166 -14.41 -37.39 3.00
C SER A 166 -13.52 -36.71 4.03
N ILE A 167 -13.76 -37.00 5.31
CA ILE A 167 -12.97 -36.45 6.40
C ILE A 167 -11.54 -36.98 6.28
N ILE A 168 -11.43 -38.23 5.88
CA ILE A 168 -10.13 -38.86 5.71
C ILE A 168 -9.42 -38.28 4.47
N ASP A 169 -10.19 -37.85 3.49
CA ASP A 169 -9.63 -37.18 2.31
C ASP A 169 -8.99 -35.86 2.72
N LEU A 170 -9.73 -35.07 3.50
CA LEU A 170 -9.23 -33.82 4.03
C LEU A 170 -8.57 -34.03 5.39
N ASN A 171 -7.32 -34.48 5.38
CA ASN A 171 -6.61 -34.82 6.60
C ASN A 171 -6.18 -33.57 7.36
N VAL A 172 -7.09 -32.99 8.12
CA VAL A 172 -6.83 -31.75 8.82
C VAL A 172 -5.99 -31.99 10.07
N ARG A 173 -6.10 -33.17 10.65
CA ARG A 173 -5.43 -33.50 11.91
C ARG A 173 -3.92 -33.55 11.79
N ALA A 174 -3.41 -33.84 10.58
CA ALA A 174 -1.98 -33.91 10.36
C ALA A 174 -1.49 -32.77 9.46
N LYS A 175 -2.21 -32.53 8.38
CA LYS A 175 -1.80 -31.54 7.39
C LYS A 175 -1.93 -30.11 7.92
N TYR A 176 -2.90 -29.90 8.80
CA TYR A 176 -3.15 -28.55 9.32
C TYR A 176 -3.22 -28.52 10.85
N GLY A 177 -3.12 -29.69 11.47
CA GLY A 177 -3.08 -29.77 12.93
C GLY A 177 -4.40 -29.45 13.61
N CYS A 178 -5.48 -29.39 12.83
CA CYS A 178 -6.80 -29.08 13.38
C CYS A 178 -7.70 -30.31 13.34
N THR A 179 -8.76 -30.31 14.14
CA THR A 179 -9.66 -31.47 14.20
C THR A 179 -11.13 -31.12 13.96
N ILE A 180 -11.78 -31.91 13.12
CA ILE A 180 -13.20 -31.73 12.81
C ILE A 180 -14.08 -32.31 13.92
N LEU A 181 -15.07 -31.53 14.35
CA LEU A 181 -15.90 -31.92 15.49
C LEU A 181 -17.33 -32.33 15.13
N ALA A 182 -17.91 -31.68 14.12
CA ALA A 182 -19.30 -31.94 13.77
C ALA A 182 -19.61 -31.61 12.32
N ILE A 183 -20.57 -32.34 11.75
CA ILE A 183 -21.05 -32.05 10.40
C ILE A 183 -22.56 -31.98 10.38
N LYS A 184 -23.10 -30.86 9.92
CA LYS A 184 -24.54 -30.68 9.83
C LYS A 184 -24.94 -30.67 8.37
N HIS A 185 -25.65 -31.72 7.96
CA HIS A 185 -26.08 -31.92 6.58
C HIS A 185 -27.60 -31.92 6.50
N HIS A 186 -28.15 -30.89 5.86
CA HIS A 186 -29.60 -30.71 5.76
C HIS A 186 -30.27 -30.81 7.13
N GLY A 187 -29.65 -30.20 8.13
CA GLY A 187 -30.21 -30.16 9.48
C GLY A 187 -29.87 -31.37 10.32
N ASP A 188 -29.67 -32.51 9.67
CA ASP A 188 -29.28 -33.71 10.37
C ASP A 188 -27.88 -33.48 10.91
N ILE A 189 -27.57 -34.06 12.07
CA ILE A 189 -26.34 -33.69 12.76
C ILE A 189 -25.47 -34.90 13.10
N CYS A 190 -24.19 -34.77 12.81
CA CYS A 190 -23.21 -35.82 13.08
C CYS A 190 -22.12 -35.30 14.01
N LEU A 191 -22.09 -35.85 15.23
CA LEU A 191 -21.16 -35.41 16.26
C LEU A 191 -19.92 -36.30 16.25
N SER A 192 -18.74 -35.68 16.27
CA SER A 192 -17.46 -36.39 16.25
C SER A 192 -17.45 -37.46 15.17
N PRO A 193 -17.55 -37.04 13.91
CA PRO A 193 -17.78 -37.97 12.79
C PRO A 193 -16.57 -38.84 12.44
N ALA A 194 -16.86 -40.04 11.94
CA ALA A 194 -15.83 -41.00 11.57
C ALA A 194 -15.19 -40.65 10.23
N PRO A 195 -13.94 -41.08 10.00
CA PRO A 195 -13.18 -40.71 8.79
C PRO A 195 -13.85 -41.09 7.46
N GLU A 196 -14.80 -42.03 7.49
CA GLU A 196 -15.48 -42.44 6.26
C GLU A 196 -16.56 -41.45 5.84
N ASP A 197 -16.97 -40.59 6.77
CA ASP A 197 -18.09 -39.69 6.55
C ASP A 197 -17.84 -38.69 5.42
N ILE A 198 -18.91 -38.33 4.72
CA ILE A 198 -18.83 -37.43 3.58
C ILE A 198 -19.32 -36.02 3.93
N ILE A 199 -18.62 -35.01 3.42
CA ILE A 199 -19.07 -33.63 3.53
C ILE A 199 -19.60 -33.13 2.20
N ARG A 200 -20.87 -32.73 2.19
CA ARG A 200 -21.49 -32.18 0.99
C ARG A 200 -21.44 -30.67 1.08
N GLU A 201 -21.46 -29.99 -0.06
CA GLU A 201 -21.32 -28.53 -0.06
C GLU A 201 -22.48 -27.85 0.66
N GLN A 202 -22.23 -26.63 1.13
CA GLN A 202 -23.25 -25.79 1.76
C GLN A 202 -23.70 -26.36 3.12
N ASP A 203 -22.96 -27.35 3.61
CA ASP A 203 -23.22 -27.95 4.92
C ASP A 203 -22.41 -27.26 6.01
N CYS A 204 -22.79 -27.46 7.27
CA CYS A 204 -22.04 -26.90 8.38
C CYS A 204 -20.88 -27.81 8.80
N LEU A 205 -19.70 -27.23 8.91
CA LEU A 205 -18.50 -27.98 9.29
C LEU A 205 -17.87 -27.38 10.55
N VAL A 206 -17.63 -28.21 11.56
CA VAL A 206 -17.08 -27.68 12.80
C VAL A 206 -15.63 -28.13 12.99
N ILE A 207 -14.71 -27.20 12.81
CA ILE A 207 -13.29 -27.47 12.95
C ILE A 207 -12.79 -26.87 14.26
N MET A 208 -11.68 -27.39 14.78
CA MET A 208 -11.12 -26.90 16.02
C MET A 208 -9.60 -26.88 15.95
N GLY A 209 -8.98 -25.76 16.35
CA GLY A 209 -7.53 -25.71 16.36
C GLY A 209 -6.94 -24.33 16.49
N HIS A 210 -5.78 -24.11 15.87
CA HIS A 210 -5.15 -22.81 15.88
C HIS A 210 -5.79 -21.92 14.81
N LYS A 211 -5.90 -20.62 15.09
CA LYS A 211 -6.54 -19.68 14.18
C LYS A 211 -5.88 -19.66 12.81
N LYS A 212 -4.57 -19.40 12.78
CA LYS A 212 -3.81 -19.35 11.54
C LYS A 212 -3.86 -20.67 10.77
N ASP A 213 -3.88 -21.79 11.49
CA ASP A 213 -3.95 -23.10 10.85
C ASP A 213 -5.29 -23.30 10.16
N ILE A 214 -6.37 -22.92 10.84
CA ILE A 214 -7.71 -23.00 10.27
C ILE A 214 -7.80 -22.09 9.04
N LYS A 215 -7.25 -20.88 9.15
CA LYS A 215 -7.16 -19.98 8.00
C LYS A 215 -6.42 -20.62 6.82
N ARG A 216 -5.35 -21.34 7.13
CA ARG A 216 -4.59 -22.07 6.10
C ARG A 216 -5.49 -23.09 5.42
N PHE A 217 -6.19 -23.89 6.22
CA PHE A 217 -7.12 -24.89 5.71
C PHE A 217 -8.21 -24.26 4.85
N GLU A 218 -8.68 -23.09 5.23
CA GLU A 218 -9.63 -22.34 4.43
C GLU A 218 -9.01 -21.96 3.09
N ASN A 219 -7.76 -21.51 3.14
CA ASN A 219 -7.08 -21.02 1.95
C ASN A 219 -6.87 -22.11 0.91
N GLU A 220 -6.13 -23.16 1.28
CA GLU A 220 -5.81 -24.21 0.30
C GLU A 220 -6.92 -25.24 0.14
N GLY A 221 -7.61 -25.55 1.22
CA GLY A 221 -8.63 -26.59 1.21
C GLY A 221 -9.93 -26.19 0.52
N MET A 222 -10.51 -25.08 0.95
CA MET A 222 -11.81 -24.66 0.44
C MET A 222 -11.70 -23.32 -0.30
N GLN B 8 -10.79 -3.54 0.97
CA GLN B 8 -11.65 -4.71 1.12
C GLN B 8 -12.88 -4.37 1.98
N PHE B 9 -12.69 -3.54 2.99
CA PHE B 9 -13.79 -3.14 3.87
C PHE B 9 -13.91 -1.63 4.01
N ALA B 10 -15.14 -1.13 3.94
CA ALA B 10 -15.41 0.28 4.19
C ALA B 10 -16.48 0.44 5.27
N VAL B 11 -16.18 1.26 6.28
CA VAL B 11 -17.13 1.51 7.36
C VAL B 11 -17.60 2.96 7.32
N ILE B 12 -18.90 3.14 7.13
CA ILE B 12 -19.47 4.45 6.84
C ILE B 12 -19.82 5.26 8.09
N GLY B 13 -20.22 4.60 9.16
CA GLY B 13 -20.55 5.29 10.39
C GLY B 13 -19.63 4.96 11.55
N LEU B 14 -18.82 5.92 11.98
CA LEU B 14 -17.89 5.71 13.08
C LEU B 14 -18.47 6.12 14.42
N GLY B 15 -19.44 5.35 14.91
CA GLY B 15 -20.02 5.59 16.22
C GLY B 15 -19.62 4.51 17.18
N ARG B 16 -20.42 4.32 18.22
CA ARG B 16 -20.19 3.24 19.19
C ARG B 16 -20.14 1.87 18.52
N PHE B 17 -21.02 1.67 17.54
CA PHE B 17 -21.13 0.40 16.85
C PHE B 17 -20.10 0.26 15.71
N GLY B 18 -20.19 1.14 14.73
CA GLY B 18 -19.33 1.07 13.56
C GLY B 18 -17.86 1.24 13.88
N GLY B 19 -17.56 2.14 14.81
CA GLY B 19 -16.19 2.36 15.25
C GLY B 19 -15.53 1.10 15.78
N SER B 20 -16.30 0.29 16.49
CA SER B 20 -15.80 -0.97 17.03
C SER B 20 -15.48 -1.93 15.90
N ILE B 21 -16.36 -2.00 14.90
CA ILE B 21 -16.14 -2.81 13.71
C ILE B 21 -14.86 -2.40 13.02
N CYS B 22 -14.69 -1.10 12.82
CA CYS B 22 -13.49 -0.54 12.20
C CYS B 22 -12.22 -0.93 12.96
N LYS B 23 -12.19 -0.59 14.25
CA LYS B 23 -11.05 -0.87 15.11
C LYS B 23 -10.70 -2.37 15.15
N GLU B 24 -11.72 -3.22 15.18
CA GLU B 24 -11.51 -4.66 15.26
C GLU B 24 -11.00 -5.24 13.96
N LEU B 25 -11.61 -4.85 12.84
CA LEU B 25 -11.15 -5.27 11.52
C LEU B 25 -9.71 -4.82 11.28
N HIS B 26 -9.40 -3.62 11.75
CA HIS B 26 -8.05 -3.09 11.64
C HIS B 26 -7.07 -3.88 12.49
N ARG B 27 -7.51 -4.24 13.70
CA ARG B 27 -6.70 -5.02 14.61
C ARG B 27 -6.43 -6.43 14.08
N MET B 28 -7.38 -6.96 13.32
CA MET B 28 -7.23 -8.30 12.74
C MET B 28 -6.23 -8.31 11.59
N GLY B 29 -5.97 -7.15 11.01
CA GLY B 29 -4.97 -7.05 9.94
C GLY B 29 -5.55 -6.78 8.57
N HIS B 30 -6.85 -6.59 8.49
CA HIS B 30 -7.50 -6.25 7.23
C HIS B 30 -7.34 -4.76 6.94
N GLU B 31 -7.43 -4.38 5.68
CA GLU B 31 -7.37 -2.96 5.33
C GLU B 31 -8.77 -2.37 5.29
N VAL B 32 -8.95 -1.28 6.03
CA VAL B 32 -10.29 -0.69 6.21
C VAL B 32 -10.30 0.81 5.94
N LEU B 33 -11.28 1.25 5.15
CA LEU B 33 -11.48 2.68 4.96
C LEU B 33 -12.65 3.17 5.80
N ALA B 34 -12.35 4.09 6.71
CA ALA B 34 -13.35 4.64 7.61
C ALA B 34 -13.91 5.96 7.06
N VAL B 35 -15.23 6.07 7.06
CA VAL B 35 -15.90 7.28 6.60
C VAL B 35 -16.64 7.91 7.77
N ASP B 36 -16.70 9.24 7.81
CA ASP B 36 -17.56 9.92 8.79
C ASP B 36 -17.80 11.38 8.44
N ILE B 37 -19.02 11.85 8.69
CA ILE B 37 -19.37 13.23 8.43
C ILE B 37 -18.77 14.15 9.50
N ASN B 38 -18.51 13.59 10.68
CA ASN B 38 -17.94 14.35 11.79
C ASN B 38 -16.41 14.28 11.77
N GLU B 39 -15.77 15.44 11.70
CA GLU B 39 -14.32 15.51 11.55
C GLU B 39 -13.58 14.93 12.74
N GLU B 40 -14.10 15.18 13.95
CA GLU B 40 -13.49 14.68 15.17
C GLU B 40 -13.42 13.15 15.15
N LYS B 41 -14.52 12.53 14.74
CA LYS B 41 -14.59 11.07 14.61
C LYS B 41 -13.55 10.56 13.63
N VAL B 42 -13.43 11.22 12.48
CA VAL B 42 -12.45 10.84 11.46
C VAL B 42 -11.03 10.93 12.00
N ASN B 43 -10.74 12.00 12.73
CA ASN B 43 -9.44 12.19 13.34
C ASN B 43 -9.12 11.11 14.37
N ALA B 44 -10.12 10.76 15.18
CA ALA B 44 -9.93 9.80 16.26
C ALA B 44 -9.67 8.39 15.74
N TYR B 45 -10.14 8.10 14.52
CA TYR B 45 -10.03 6.77 13.96
C TYR B 45 -8.96 6.70 12.87
N ALA B 46 -8.19 7.77 12.73
CA ALA B 46 -7.06 7.80 11.79
C ALA B 46 -6.07 6.68 12.09
N SER B 47 -5.82 6.43 13.37
CA SER B 47 -4.86 5.42 13.79
C SER B 47 -5.45 4.01 13.71
N TYR B 48 -6.77 3.92 13.71
CA TYR B 48 -7.46 2.64 13.76
C TYR B 48 -8.04 2.26 12.40
N ALA B 49 -7.46 2.80 11.33
CA ALA B 49 -7.91 2.50 9.98
C ALA B 49 -6.81 2.75 8.95
N THR B 50 -6.87 2.03 7.84
CA THR B 50 -5.94 2.25 6.74
C THR B 50 -6.06 3.66 6.19
N HIS B 51 -7.29 4.10 5.95
CA HIS B 51 -7.58 5.46 5.54
C HIS B 51 -8.81 5.98 6.25
N ALA B 52 -8.86 7.29 6.49
CA ALA B 52 -10.01 7.90 7.15
C ALA B 52 -10.44 9.18 6.42
N VAL B 53 -11.71 9.26 6.07
CA VAL B 53 -12.21 10.38 5.26
C VAL B 53 -13.48 11.01 5.83
N ILE B 54 -13.51 12.34 5.76
CA ILE B 54 -14.72 13.11 6.05
C ILE B 54 -15.64 13.07 4.83
N ALA B 55 -16.87 12.60 5.02
CA ALA B 55 -17.82 12.51 3.92
C ALA B 55 -19.25 12.36 4.39
N ASN B 56 -20.17 12.95 3.63
CA ASN B 56 -21.60 12.76 3.85
C ASN B 56 -22.08 11.57 3.02
N ALA B 57 -22.42 10.49 3.71
CA ALA B 57 -22.78 9.24 3.05
C ALA B 57 -24.09 9.30 2.27
N THR B 58 -24.79 10.42 2.40
CA THR B 58 -26.05 10.60 1.68
C THR B 58 -25.83 11.40 0.40
N GLU B 59 -24.57 11.72 0.11
CA GLU B 59 -24.22 12.48 -1.08
C GLU B 59 -23.48 11.60 -2.08
N GLU B 60 -24.12 11.36 -3.22
CA GLU B 60 -23.63 10.40 -4.22
C GLU B 60 -22.23 10.71 -4.74
N ASN B 61 -22.00 11.97 -5.10
CA ASN B 61 -20.71 12.38 -5.66
C ASN B 61 -19.58 12.22 -4.66
N GLU B 62 -19.89 12.36 -3.38
CA GLU B 62 -18.91 12.14 -2.32
C GLU B 62 -18.57 10.66 -2.23
N LEU B 63 -19.59 9.81 -2.35
CA LEU B 63 -19.39 8.36 -2.37
C LEU B 63 -18.47 7.97 -3.53
N LEU B 64 -18.72 8.57 -4.68
CA LEU B 64 -17.87 8.38 -5.84
C LEU B 64 -16.44 8.84 -5.56
N SER B 65 -16.31 9.98 -4.89
CA SER B 65 -15.00 10.53 -4.53
C SER B 65 -14.23 9.63 -3.57
N LEU B 66 -14.96 8.91 -2.72
CA LEU B 66 -14.33 7.99 -1.78
C LEU B 66 -13.73 6.77 -2.46
N GLY B 67 -14.17 6.50 -3.69
CA GLY B 67 -13.76 5.30 -4.38
C GLY B 67 -14.45 4.11 -3.72
N ILE B 68 -15.73 4.31 -3.38
CA ILE B 68 -16.51 3.33 -2.63
C ILE B 68 -16.68 2.05 -3.41
N ARG B 69 -16.47 2.15 -4.72
CA ARG B 69 -16.64 1.07 -5.67
C ARG B 69 -15.51 0.05 -5.53
N ASN B 70 -14.39 0.50 -4.95
CA ASN B 70 -13.25 -0.39 -4.69
C ASN B 70 -13.51 -1.42 -3.61
N PHE B 71 -14.68 -1.36 -2.99
CA PHE B 71 -14.92 -2.20 -1.83
C PHE B 71 -15.93 -3.32 -2.04
N GLU B 72 -15.63 -4.47 -1.44
CA GLU B 72 -16.51 -5.64 -1.53
C GLU B 72 -17.52 -5.61 -0.38
N TYR B 73 -17.13 -4.98 0.72
CA TYR B 73 -17.98 -4.87 1.89
C TYR B 73 -18.07 -3.43 2.37
N VAL B 74 -19.29 -2.90 2.41
CA VAL B 74 -19.53 -1.58 2.98
C VAL B 74 -20.50 -1.68 4.14
N ILE B 75 -20.10 -1.17 5.29
CA ILE B 75 -20.93 -1.22 6.49
C ILE B 75 -21.62 0.11 6.74
N VAL B 76 -22.95 0.10 6.74
CA VAL B 76 -23.72 1.30 7.04
C VAL B 76 -24.07 1.33 8.51
N ALA B 77 -23.30 2.08 9.28
CA ALA B 77 -23.50 2.13 10.72
C ALA B 77 -23.80 3.55 11.21
N ILE B 78 -24.87 4.13 10.68
CA ILE B 78 -25.40 5.38 11.20
C ILE B 78 -26.63 5.07 12.03
N GLY B 79 -26.57 5.40 13.32
CA GLY B 79 -27.60 5.00 14.25
C GLY B 79 -28.90 5.79 14.13
N ALA B 80 -28.96 6.92 14.79
CA ALA B 80 -30.22 7.65 14.99
C ALA B 80 -30.95 8.02 13.69
N ASN B 81 -30.23 8.61 12.75
CA ASN B 81 -30.85 9.10 11.53
C ASN B 81 -31.23 7.98 10.57
N ILE B 82 -32.47 7.49 10.68
CA ILE B 82 -32.97 6.44 9.81
C ILE B 82 -32.98 6.87 8.35
N GLN B 83 -33.40 8.11 8.10
CA GLN B 83 -33.44 8.65 6.74
C GLN B 83 -32.08 8.55 6.07
N ALA B 84 -31.06 9.05 6.76
CA ALA B 84 -29.70 9.01 6.26
C ALA B 84 -29.22 7.57 6.00
N SER B 85 -29.55 6.68 6.92
CA SER B 85 -29.16 5.28 6.80
C SER B 85 -29.75 4.62 5.56
N THR B 86 -31.07 4.74 5.39
CA THR B 86 -31.75 4.11 4.26
C THR B 86 -31.38 4.76 2.94
N LEU B 87 -31.20 6.08 2.96
CA LEU B 87 -30.78 6.81 1.76
C LEU B 87 -29.38 6.35 1.32
N THR B 88 -28.47 6.25 2.29
CA THR B 88 -27.12 5.79 2.03
C THR B 88 -27.13 4.37 1.47
N THR B 89 -27.83 3.47 2.16
CA THR B 89 -27.98 2.09 1.72
C THR B 89 -28.51 2.04 0.30
N LEU B 90 -29.47 2.91 0.00
CA LEU B 90 -30.05 2.99 -1.32
C LEU B 90 -29.00 3.36 -2.37
N LEU B 91 -28.27 4.43 -2.10
CA LEU B 91 -27.20 4.88 -2.99
C LEU B 91 -26.19 3.77 -3.23
N LEU B 92 -25.83 3.05 -2.17
CA LEU B 92 -24.89 1.93 -2.27
C LEU B 92 -25.45 0.81 -3.13
N LYS B 93 -26.74 0.55 -3.01
CA LYS B 93 -27.38 -0.49 -3.82
C LYS B 93 -27.41 -0.07 -5.28
N GLU B 94 -27.54 1.23 -5.53
CA GLU B 94 -27.50 1.76 -6.88
C GLU B 94 -26.11 1.56 -7.48
N LEU B 95 -25.08 1.65 -6.63
CA LEU B 95 -23.71 1.51 -7.10
C LEU B 95 -23.28 0.04 -7.13
N ASP B 96 -24.25 -0.87 -6.93
CA ASP B 96 -24.03 -2.30 -7.09
C ASP B 96 -22.97 -2.88 -6.15
N ILE B 97 -22.85 -2.30 -4.97
CA ILE B 97 -21.97 -2.85 -3.95
C ILE B 97 -22.37 -4.29 -3.61
N PRO B 98 -21.41 -5.22 -3.68
CA PRO B 98 -21.65 -6.66 -3.49
C PRO B 98 -22.24 -7.01 -2.13
N ASN B 99 -21.70 -6.43 -1.07
CA ASN B 99 -22.20 -6.69 0.28
C ASN B 99 -22.46 -5.40 1.06
N ILE B 100 -23.73 -5.18 1.40
CA ILE B 100 -24.11 -4.00 2.18
C ILE B 100 -24.70 -4.40 3.52
N TRP B 101 -23.99 -4.10 4.61
CA TRP B 101 -24.47 -4.43 5.94
C TRP B 101 -24.87 -3.16 6.69
N VAL B 102 -26.12 -3.13 7.17
CA VAL B 102 -26.67 -1.93 7.79
C VAL B 102 -27.19 -2.21 9.20
N LYS B 103 -26.95 -1.29 10.13
CA LYS B 103 -27.50 -1.39 11.47
C LYS B 103 -28.93 -0.88 11.51
N ALA B 104 -29.85 -1.71 12.00
CA ALA B 104 -31.25 -1.33 12.07
C ALA B 104 -31.59 -0.74 13.44
N GLN B 105 -32.45 0.28 13.44
CA GLN B 105 -32.87 0.90 14.68
C GLN B 105 -34.13 0.23 15.24
N ASN B 106 -35.05 -0.10 14.34
CA ASN B 106 -36.30 -0.72 14.74
C ASN B 106 -36.90 -1.59 13.64
N TYR B 107 -38.12 -2.06 13.88
CA TYR B 107 -38.82 -2.92 12.93
C TYR B 107 -38.98 -2.31 11.54
N TYR B 108 -39.47 -1.07 11.51
CA TYR B 108 -39.68 -0.34 10.27
C TYR B 108 -38.38 -0.23 9.46
N HIS B 109 -37.31 0.17 10.14
CA HIS B 109 -36.00 0.33 9.51
C HIS B 109 -35.55 -0.99 8.91
N HIS B 110 -35.73 -2.07 9.67
CA HIS B 110 -35.42 -3.41 9.18
C HIS B 110 -36.21 -3.72 7.91
N LYS B 111 -37.48 -3.35 7.89
CA LYS B 111 -38.32 -3.62 6.72
C LYS B 111 -37.86 -2.88 5.47
N VAL B 112 -37.68 -1.57 5.59
CA VAL B 112 -37.27 -0.78 4.44
C VAL B 112 -35.87 -1.16 3.96
N LEU B 113 -34.97 -1.48 4.89
CA LEU B 113 -33.65 -1.96 4.51
C LEU B 113 -33.78 -3.30 3.78
N GLU B 114 -34.67 -4.15 4.28
CA GLU B 114 -34.96 -5.44 3.67
C GLU B 114 -35.35 -5.29 2.21
N LYS B 115 -36.25 -4.36 1.93
CA LYS B 115 -36.76 -4.19 0.57
C LYS B 115 -35.82 -3.44 -0.38
N ILE B 116 -34.99 -2.54 0.13
CA ILE B 116 -34.08 -1.79 -0.74
C ILE B 116 -32.79 -2.57 -0.99
N GLY B 117 -32.82 -3.86 -0.67
CA GLY B 117 -31.74 -4.76 -1.02
C GLY B 117 -30.53 -4.72 -0.11
N ALA B 118 -30.77 -4.68 1.20
CA ALA B 118 -29.68 -4.84 2.16
C ALA B 118 -29.33 -6.31 2.28
N ASP B 119 -28.04 -6.62 2.19
CA ASP B 119 -27.60 -8.01 2.19
C ASP B 119 -27.66 -8.65 3.57
N ARG B 120 -27.33 -7.87 4.60
CA ARG B 120 -27.49 -8.33 5.98
C ARG B 120 -27.88 -7.18 6.91
N ILE B 121 -28.88 -7.43 7.75
CA ILE B 121 -29.37 -6.42 8.68
C ILE B 121 -29.09 -6.83 10.12
N ILE B 122 -28.38 -5.97 10.85
CA ILE B 122 -27.95 -6.29 12.21
C ILE B 122 -28.74 -5.54 13.28
N HIS B 123 -29.24 -6.28 14.27
CA HIS B 123 -29.81 -5.68 15.48
C HIS B 123 -28.87 -5.93 16.65
N PRO B 124 -27.91 -5.01 16.86
CA PRO B 124 -26.85 -5.20 17.86
C PRO B 124 -27.37 -5.44 19.27
N GLN B 125 -28.17 -4.49 19.75
CA GLN B 125 -28.67 -4.54 21.12
C GLN B 125 -29.57 -5.75 21.38
N LYS B 126 -30.33 -6.15 20.37
CA LYS B 126 -31.14 -7.36 20.44
C LYS B 126 -30.30 -8.62 20.67
N ASP B 127 -29.30 -8.80 19.80
CA ASP B 127 -28.42 -9.97 19.85
C ASP B 127 -27.62 -9.99 21.15
N MET B 128 -27.12 -8.83 21.55
CA MET B 128 -26.44 -8.75 22.84
C MET B 128 -27.42 -9.04 23.96
N GLY B 129 -28.69 -8.72 23.72
CA GLY B 129 -29.75 -9.05 24.64
C GLY B 129 -29.82 -10.54 24.88
N VAL B 130 -29.98 -11.31 23.80
CA VAL B 130 -30.07 -12.76 23.94
C VAL B 130 -28.78 -13.36 24.52
N LYS B 131 -27.64 -12.81 24.11
CA LYS B 131 -26.34 -13.30 24.58
C LYS B 131 -26.17 -13.13 26.09
N ILE B 132 -26.55 -11.94 26.55
CA ILE B 132 -26.50 -11.59 27.96
C ILE B 132 -27.47 -12.46 28.72
N ALA B 133 -28.63 -12.72 28.13
CA ALA B 133 -29.60 -13.62 28.75
C ALA B 133 -29.01 -15.02 28.90
N GLN B 134 -28.28 -15.46 27.89
CA GLN B 134 -27.60 -16.74 27.95
C GLN B 134 -26.62 -16.79 29.11
N SER B 135 -25.79 -15.75 29.25
CA SER B 135 -24.82 -15.75 30.34
C SER B 135 -25.49 -15.58 31.72
N LEU B 136 -26.65 -14.92 31.75
CA LEU B 136 -27.39 -14.75 33.00
C LEU B 136 -28.02 -16.07 33.46
N SER B 137 -28.56 -16.81 32.50
CA SER B 137 -29.30 -18.03 32.81
C SER B 137 -28.36 -19.06 33.44
N ASP B 138 -27.11 -19.04 33.00
CA ASP B 138 -26.07 -19.87 33.58
C ASP B 138 -24.81 -19.03 33.72
N GLU B 139 -24.37 -18.76 34.94
CA GLU B 139 -23.24 -17.88 35.15
C GLU B 139 -21.93 -18.55 34.75
N ASN B 140 -21.91 -19.88 34.72
CA ASN B 140 -20.71 -20.61 34.34
C ASN B 140 -20.48 -20.60 32.82
N VAL B 141 -21.56 -20.56 32.03
CA VAL B 141 -21.37 -20.51 30.58
C VAL B 141 -20.81 -19.14 30.18
N LEU B 142 -19.60 -19.16 29.64
CA LEU B 142 -18.92 -17.96 29.19
C LEU B 142 -19.30 -17.72 27.73
N ASN B 143 -19.41 -18.81 26.98
CA ASN B 143 -19.79 -18.76 25.58
C ASN B 143 -20.28 -20.13 25.12
N TYR B 144 -20.82 -20.19 23.91
CA TYR B 144 -21.37 -21.44 23.37
C TYR B 144 -21.71 -21.31 21.90
N ILE B 145 -21.93 -22.46 21.25
CA ILE B 145 -22.41 -22.50 19.89
C ILE B 145 -23.37 -23.68 19.71
N ASP B 146 -24.55 -23.39 19.19
CA ASP B 146 -25.57 -24.43 18.98
C ASP B 146 -25.40 -25.16 17.67
N LEU B 147 -25.13 -26.46 17.74
CA LEU B 147 -25.00 -27.28 16.55
C LEU B 147 -26.37 -27.56 15.96
N SER B 148 -27.37 -27.70 16.83
CA SER B 148 -28.75 -27.92 16.41
C SER B 148 -29.71 -27.55 17.52
N ASP B 149 -31.00 -27.84 17.31
CA ASP B 149 -32.03 -27.57 18.30
C ASP B 149 -31.76 -28.28 19.63
N GLU B 150 -31.07 -29.42 19.57
CA GLU B 150 -30.86 -30.25 20.75
C GLU B 150 -29.39 -30.37 21.16
N TYR B 151 -28.49 -30.27 20.20
CA TYR B 151 -27.08 -30.50 20.47
C TYR B 151 -26.26 -29.23 20.41
N SER B 152 -25.27 -29.12 21.30
CA SER B 152 -24.52 -27.89 21.49
C SER B 152 -23.11 -28.11 22.08
N ILE B 153 -22.24 -27.15 21.79
CA ILE B 153 -20.91 -27.07 22.38
C ILE B 153 -20.87 -25.88 23.33
N VAL B 154 -20.45 -26.11 24.57
CA VAL B 154 -20.55 -25.11 25.62
C VAL B 154 -19.22 -24.79 26.28
N GLU B 155 -18.96 -23.51 26.52
CA GLU B 155 -17.80 -23.06 27.28
C GLU B 155 -18.21 -22.73 28.71
N LEU B 156 -17.55 -23.37 29.67
CA LEU B 156 -17.92 -23.27 31.08
C LEU B 156 -16.76 -22.75 31.94
N LEU B 157 -17.09 -21.98 32.97
CA LEU B 157 -16.09 -21.55 33.94
C LEU B 157 -16.07 -22.55 35.09
N ALA B 158 -14.91 -23.13 35.35
CA ALA B 158 -14.80 -24.17 36.38
C ALA B 158 -15.05 -23.61 37.77
N THR B 159 -15.93 -24.26 38.52
CA THR B 159 -16.22 -23.84 39.88
C THR B 159 -15.37 -24.62 40.86
N ARG B 160 -15.60 -24.40 42.14
CA ARG B 160 -14.86 -25.10 43.18
C ARG B 160 -15.28 -26.57 43.30
N LYS B 161 -16.24 -27.01 42.49
CA LYS B 161 -16.55 -28.44 42.41
C LYS B 161 -15.56 -29.19 41.51
N LEU B 162 -14.85 -28.47 40.63
CA LEU B 162 -14.02 -29.12 39.61
C LEU B 162 -12.51 -29.01 39.78
N ASP B 163 -12.07 -28.23 40.76
CA ASP B 163 -10.64 -28.00 40.97
C ASP B 163 -9.89 -29.30 41.28
N SER B 164 -8.72 -29.46 40.66
CA SER B 164 -7.85 -30.61 40.87
C SER B 164 -8.50 -31.95 40.52
N LYS B 165 -9.51 -31.90 39.66
CA LYS B 165 -10.17 -33.12 39.20
C LYS B 165 -9.63 -33.56 37.86
N SER B 166 -9.52 -34.87 37.67
CA SER B 166 -9.04 -35.41 36.41
C SER B 166 -10.23 -35.65 35.48
N ILE B 167 -9.96 -35.72 34.18
CA ILE B 167 -11.02 -35.95 33.19
C ILE B 167 -11.64 -37.33 33.39
N ILE B 168 -10.83 -38.31 33.77
CA ILE B 168 -11.34 -39.66 33.97
C ILE B 168 -12.22 -39.73 35.22
N ASP B 169 -11.96 -38.87 36.20
CA ASP B 169 -12.82 -38.78 37.38
C ASP B 169 -14.21 -38.31 36.97
N LEU B 170 -14.24 -37.26 36.16
CA LEU B 170 -15.49 -36.75 35.64
C LEU B 170 -15.80 -37.48 34.35
N ASN B 171 -16.32 -38.70 34.48
CA ASN B 171 -16.57 -39.55 33.33
C ASN B 171 -17.81 -39.06 32.59
N VAL B 172 -17.63 -38.02 31.79
CA VAL B 172 -18.76 -37.40 31.11
C VAL B 172 -19.23 -38.20 29.90
N ARG B 173 -18.30 -38.93 29.29
CA ARG B 173 -18.58 -39.65 28.05
C ARG B 173 -19.58 -40.80 28.26
N ALA B 174 -19.64 -41.31 29.50
CA ALA B 174 -20.56 -42.39 29.82
C ALA B 174 -21.69 -41.91 30.73
N LYS B 175 -21.34 -41.16 31.75
CA LYS B 175 -22.29 -40.71 32.76
C LYS B 175 -23.29 -39.68 32.24
N TYR B 176 -22.85 -38.86 31.30
CA TYR B 176 -23.70 -37.80 30.77
C TYR B 176 -23.75 -37.80 29.24
N GLY B 177 -22.97 -38.68 28.63
CA GLY B 177 -22.98 -38.80 27.18
C GLY B 177 -22.33 -37.64 26.45
N CYS B 178 -21.60 -36.80 27.20
CA CYS B 178 -20.94 -35.64 26.63
C CYS B 178 -19.43 -35.83 26.59
N THR B 179 -18.75 -35.05 25.75
CA THR B 179 -17.30 -35.16 25.63
C THR B 179 -16.60 -33.81 25.81
N ILE B 180 -15.55 -33.81 26.62
CA ILE B 180 -14.76 -32.60 26.85
C ILE B 180 -13.78 -32.36 25.70
N LEU B 181 -13.73 -31.11 25.23
CA LEU B 181 -12.92 -30.80 24.04
C LEU B 181 -11.66 -29.99 24.35
N ALA B 182 -11.73 -29.11 25.35
CA ALA B 182 -10.60 -28.23 25.62
C ALA B 182 -10.54 -27.73 27.06
N ILE B 183 -9.33 -27.47 27.53
CA ILE B 183 -9.11 -26.89 28.86
C ILE B 183 -8.14 -25.72 28.79
N LYS B 184 -8.57 -24.56 29.25
CA LYS B 184 -7.71 -23.37 29.26
C LYS B 184 -7.31 -22.98 30.68
N HIS B 185 -6.04 -23.14 30.99
CA HIS B 185 -5.49 -22.85 32.31
C HIS B 185 -4.46 -21.72 32.26
N HIS B 186 -4.78 -20.59 32.88
CA HIS B 186 -3.92 -19.40 32.89
C HIS B 186 -3.49 -18.98 31.49
N GLY B 187 -4.41 -19.04 30.53
CA GLY B 187 -4.12 -18.64 29.17
C GLY B 187 -3.56 -19.77 28.34
N ASP B 188 -2.85 -20.70 28.99
CA ASP B 188 -2.34 -21.88 28.30
C ASP B 188 -3.51 -22.76 27.89
N ILE B 189 -3.36 -23.46 26.76
CA ILE B 189 -4.50 -24.17 26.20
C ILE B 189 -4.20 -25.64 25.89
N CYS B 190 -5.14 -26.51 26.26
CA CYS B 190 -5.04 -27.94 26.03
C CYS B 190 -6.20 -28.42 25.17
N LEU B 191 -5.88 -28.86 23.95
CA LEU B 191 -6.89 -29.28 22.99
C LEU B 191 -7.09 -30.79 23.01
N SER B 192 -8.35 -31.22 23.07
CA SER B 192 -8.72 -32.63 23.12
C SER B 192 -7.86 -33.40 24.12
N PRO B 193 -7.97 -33.03 25.40
CA PRO B 193 -7.05 -33.51 26.43
C PRO B 193 -7.25 -34.98 26.82
N ALA B 194 -6.16 -35.63 27.22
CA ALA B 194 -6.19 -37.03 27.62
C ALA B 194 -6.76 -37.15 29.04
N PRO B 195 -7.33 -38.33 29.37
CA PRO B 195 -8.01 -38.54 30.66
C PRO B 195 -7.16 -38.26 31.90
N GLU B 196 -5.83 -38.23 31.76
CA GLU B 196 -4.97 -37.96 32.92
C GLU B 196 -4.90 -36.47 33.25
N ASP B 197 -5.30 -35.62 32.31
CA ASP B 197 -5.18 -34.17 32.48
C ASP B 197 -6.02 -33.63 33.63
N ILE B 198 -5.53 -32.59 34.27
CA ILE B 198 -6.19 -31.99 35.42
C ILE B 198 -6.90 -30.70 35.05
N ILE B 199 -8.10 -30.50 35.61
CA ILE B 199 -8.81 -29.23 35.47
C ILE B 199 -8.74 -28.47 36.79
N ARG B 200 -8.17 -27.28 36.76
CA ARG B 200 -8.08 -26.45 37.95
C ARG B 200 -9.20 -25.42 37.92
N GLU B 201 -9.60 -24.93 39.08
CA GLU B 201 -10.72 -24.00 39.16
C GLU B 201 -10.42 -22.71 38.40
N GLN B 202 -11.49 -22.02 38.00
CA GLN B 202 -11.41 -20.73 37.32
C GLN B 202 -10.83 -20.89 35.90
N ASP B 203 -10.71 -22.15 35.46
CA ASP B 203 -10.23 -22.44 34.11
C ASP B 203 -11.39 -22.54 33.13
N CYS B 204 -11.08 -22.42 31.85
CA CYS B 204 -12.10 -22.59 30.82
C CYS B 204 -12.24 -24.06 30.44
N LEU B 205 -13.48 -24.55 30.44
CA LEU B 205 -13.74 -25.94 30.10
C LEU B 205 -14.71 -26.03 28.93
N VAL B 206 -14.35 -26.74 27.87
CA VAL B 206 -15.22 -26.80 26.70
C VAL B 206 -15.81 -28.19 26.54
N ILE B 207 -17.12 -28.29 26.81
CA ILE B 207 -17.83 -29.56 26.71
C ILE B 207 -18.67 -29.60 25.45
N MET B 208 -19.02 -30.80 25.00
CA MET B 208 -19.83 -30.97 23.79
C MET B 208 -20.84 -32.10 23.95
N GLY B 209 -22.09 -31.86 23.60
CA GLY B 209 -23.08 -32.92 23.67
C GLY B 209 -24.52 -32.44 23.57
N HIS B 210 -25.41 -33.14 24.26
CA HIS B 210 -26.81 -32.73 24.30
C HIS B 210 -27.01 -31.63 25.35
N LYS B 211 -27.88 -30.68 25.05
CA LYS B 211 -28.11 -29.54 25.93
C LYS B 211 -28.54 -29.99 27.34
N LYS B 212 -29.60 -30.79 27.40
CA LYS B 212 -30.11 -31.29 28.67
C LYS B 212 -29.05 -32.08 29.44
N ASP B 213 -28.23 -32.83 28.71
CA ASP B 213 -27.16 -33.60 29.33
C ASP B 213 -26.11 -32.68 29.94
N ILE B 214 -25.76 -31.63 29.21
CA ILE B 214 -24.79 -30.65 29.69
C ILE B 214 -25.32 -29.97 30.94
N LYS B 215 -26.59 -29.56 30.91
CA LYS B 215 -27.25 -29.02 32.09
C LYS B 215 -27.20 -29.98 33.28
N ARG B 216 -27.41 -31.27 33.01
CA ARG B 216 -27.32 -32.28 34.05
C ARG B 216 -25.94 -32.29 34.68
N PHE B 217 -24.91 -32.36 33.84
CA PHE B 217 -23.53 -32.35 34.30
C PHE B 217 -23.20 -31.09 35.09
N GLU B 218 -23.73 -29.96 34.67
CA GLU B 218 -23.56 -28.72 35.42
C GLU B 218 -24.20 -28.84 36.80
N ASN B 219 -25.39 -29.41 36.83
CA ASN B 219 -26.15 -29.53 38.06
C ASN B 219 -25.45 -30.42 39.10
N GLU B 220 -25.20 -31.68 38.75
CA GLU B 220 -24.63 -32.59 39.73
C GLU B 220 -23.11 -32.48 39.84
N GLY B 221 -22.46 -32.21 38.72
CA GLY B 221 -21.01 -32.16 38.68
C GLY B 221 -20.41 -30.89 39.26
N MET B 222 -20.82 -29.74 38.74
CA MET B 222 -20.24 -28.47 39.18
C MET B 222 -21.30 -27.58 39.83
N GLN C 8 8.70 -34.31 -21.71
CA GLN C 8 8.30 -33.37 -22.75
C GLN C 8 9.06 -32.05 -22.62
N PHE C 9 9.30 -31.62 -21.39
CA PHE C 9 10.00 -30.37 -21.13
C PHE C 9 11.15 -30.57 -20.16
N ALA C 10 12.28 -29.97 -20.48
CA ALA C 10 13.43 -29.98 -19.59
C ALA C 10 13.93 -28.57 -19.32
N VAL C 11 14.09 -28.23 -18.05
CA VAL C 11 14.60 -26.93 -17.67
C VAL C 11 15.97 -27.10 -17.03
N ILE C 12 16.99 -26.53 -17.67
CA ILE C 12 18.37 -26.82 -17.32
C ILE C 12 18.88 -25.88 -16.22
N GLY C 13 18.37 -24.66 -16.18
CA GLY C 13 18.79 -23.73 -15.15
C GLY C 13 17.65 -23.37 -14.20
N LEU C 14 17.76 -23.83 -12.95
CA LEU C 14 16.74 -23.55 -11.94
C LEU C 14 17.10 -22.33 -11.11
N GLY C 15 17.01 -21.16 -11.73
CA GLY C 15 17.25 -19.91 -11.03
C GLY C 15 15.96 -19.14 -10.87
N ARG C 16 16.07 -17.83 -10.71
CA ARG C 16 14.91 -16.96 -10.61
C ARG C 16 14.01 -17.11 -11.84
N PHE C 17 14.62 -17.20 -13.01
CA PHE C 17 13.90 -17.30 -14.26
C PHE C 17 13.46 -18.74 -14.56
N GLY C 18 14.43 -19.63 -14.70
CA GLY C 18 14.16 -21.01 -15.06
C GLY C 18 13.35 -21.75 -14.03
N GLY C 19 13.62 -21.50 -12.76
CA GLY C 19 12.85 -22.10 -11.68
C GLY C 19 11.38 -21.77 -11.78
N SER C 20 11.08 -20.55 -12.20
CA SER C 20 9.71 -20.11 -12.39
C SER C 20 9.07 -20.87 -13.54
N ILE C 21 9.82 -21.06 -14.62
CA ILE C 21 9.37 -21.85 -15.76
C ILE C 21 9.01 -23.26 -15.33
N CYS C 22 9.91 -23.88 -14.56
CA CYS C 22 9.70 -25.21 -14.03
C CYS C 22 8.45 -25.30 -13.18
N LYS C 23 8.37 -24.47 -12.14
CA LYS C 23 7.23 -24.44 -11.23
C LYS C 23 5.91 -24.23 -11.97
N GLU C 24 5.91 -23.33 -12.95
CA GLU C 24 4.68 -23.02 -13.68
C GLU C 24 4.27 -24.15 -14.62
N LEU C 25 5.23 -24.69 -15.36
CA LEU C 25 4.96 -25.84 -16.22
C LEU C 25 4.43 -27.03 -15.43
N HIS C 26 4.98 -27.23 -14.24
CA HIS C 26 4.56 -28.29 -13.34
C HIS C 26 3.14 -28.03 -12.82
N ARG C 27 2.87 -26.76 -12.50
CA ARG C 27 1.56 -26.36 -12.00
C ARG C 27 0.48 -26.50 -13.06
N MET C 28 0.86 -26.32 -14.33
CA MET C 28 -0.08 -26.43 -15.44
C MET C 28 -0.46 -27.87 -15.71
N GLY C 29 0.36 -28.80 -15.26
CA GLY C 29 0.06 -30.22 -15.38
C GLY C 29 0.95 -30.97 -16.36
N HIS C 30 1.92 -30.28 -16.93
CA HIS C 30 2.88 -30.94 -17.81
C HIS C 30 3.96 -31.64 -16.97
N GLU C 31 4.61 -32.63 -17.56
CA GLU C 31 5.70 -33.31 -16.87
C GLU C 31 7.02 -32.65 -17.22
N VAL C 32 7.78 -32.28 -16.19
CA VAL C 32 8.99 -31.48 -16.37
C VAL C 32 10.19 -32.08 -15.68
N LEU C 33 11.31 -32.16 -16.41
CA LEU C 33 12.56 -32.57 -15.80
C LEU C 33 13.43 -31.36 -15.50
N ALA C 34 13.71 -31.16 -14.22
CA ALA C 34 14.52 -30.04 -13.76
C ALA C 34 15.98 -30.46 -13.59
N VAL C 35 16.89 -29.66 -14.14
CA VAL C 35 18.32 -29.93 -14.00
C VAL C 35 18.97 -28.80 -13.23
N ASP C 36 19.99 -29.10 -12.42
CA ASP C 36 20.79 -28.04 -11.81
C ASP C 36 22.11 -28.57 -11.26
N ILE C 37 23.17 -27.77 -11.41
CA ILE C 37 24.48 -28.15 -10.89
C ILE C 37 24.54 -28.00 -9.38
N ASN C 38 23.69 -27.12 -8.83
CA ASN C 38 23.64 -26.88 -7.40
C ASN C 38 22.63 -27.81 -6.72
N GLU C 39 23.12 -28.59 -5.76
CA GLU C 39 22.29 -29.62 -5.12
C GLU C 39 21.10 -29.04 -4.34
N GLU C 40 21.32 -27.93 -3.67
CA GLU C 40 20.26 -27.27 -2.91
C GLU C 40 19.10 -26.88 -3.81
N LYS C 41 19.43 -26.32 -4.98
CA LYS C 41 18.41 -25.96 -5.97
C LYS C 41 17.61 -27.17 -6.41
N VAL C 42 18.31 -28.27 -6.67
CA VAL C 42 17.67 -29.51 -7.08
C VAL C 42 16.71 -30.04 -6.00
N ASN C 43 17.16 -29.97 -4.76
CA ASN C 43 16.34 -30.39 -3.62
C ASN C 43 15.10 -29.52 -3.46
N ALA C 44 15.26 -28.22 -3.63
CA ALA C 44 14.17 -27.27 -3.44
C ALA C 44 13.08 -27.40 -4.50
N TYR C 45 13.45 -27.93 -5.67
CA TYR C 45 12.50 -28.04 -6.78
C TYR C 45 12.01 -29.47 -6.99
N ALA C 46 12.36 -30.35 -6.05
CA ALA C 46 11.88 -31.73 -6.07
C ALA C 46 10.36 -31.81 -6.09
N SER C 47 9.72 -30.95 -5.32
CA SER C 47 8.25 -30.95 -5.21
C SER C 47 7.60 -30.26 -6.41
N TYR C 48 8.37 -29.43 -7.11
CA TYR C 48 7.83 -28.64 -8.21
C TYR C 48 8.25 -29.18 -9.57
N ALA C 49 8.56 -30.47 -9.63
CA ALA C 49 8.95 -31.11 -10.89
C ALA C 49 8.72 -32.61 -10.85
N THR C 50 8.48 -33.20 -12.01
CA THR C 50 8.34 -34.64 -12.13
C THR C 50 9.62 -35.34 -11.68
N HIS C 51 10.75 -34.86 -12.19
CA HIS C 51 12.05 -35.34 -11.76
C HIS C 51 13.03 -34.18 -11.62
N ALA C 52 13.98 -34.31 -10.70
CA ALA C 52 14.99 -33.29 -10.48
C ALA C 52 16.37 -33.92 -10.36
N VAL C 53 17.32 -33.43 -11.15
CA VAL C 53 18.63 -34.05 -11.21
C VAL C 53 19.76 -33.03 -11.05
N ILE C 54 20.77 -33.43 -10.29
CA ILE C 54 22.02 -32.68 -10.22
C ILE C 54 22.88 -32.99 -11.44
N ALA C 55 23.24 -31.96 -12.19
CA ALA C 55 24.06 -32.16 -13.38
C ALA C 55 24.72 -30.87 -13.85
N ASN C 56 25.92 -31.01 -14.41
CA ASN C 56 26.61 -29.91 -15.06
C ASN C 56 26.24 -29.90 -16.53
N ALA C 57 25.50 -28.89 -16.95
CA ALA C 57 24.97 -28.82 -18.31
C ALA C 57 26.06 -28.64 -19.36
N THR C 58 27.31 -28.43 -18.90
CA THR C 58 28.42 -28.26 -19.81
C THR C 58 29.17 -29.56 -20.05
N GLU C 59 28.68 -30.64 -19.45
CA GLU C 59 29.31 -31.94 -19.59
C GLU C 59 28.42 -32.86 -20.42
N GLU C 60 28.89 -33.22 -21.61
CA GLU C 60 28.07 -33.95 -22.57
C GLU C 60 27.56 -35.29 -22.05
N ASN C 61 28.44 -36.06 -21.41
CA ASN C 61 28.07 -37.38 -20.91
C ASN C 61 27.00 -37.31 -19.83
N GLU C 62 27.00 -36.23 -19.06
CA GLU C 62 25.96 -36.01 -18.05
C GLU C 62 24.63 -35.74 -18.73
N LEU C 63 24.65 -34.95 -19.80
CA LEU C 63 23.45 -34.67 -20.58
C LEU C 63 22.88 -35.97 -21.15
N LEU C 64 23.77 -36.81 -21.67
CA LEU C 64 23.39 -38.13 -22.17
C LEU C 64 22.79 -38.96 -21.04
N SER C 65 23.38 -38.87 -19.86
CA SER C 65 22.91 -39.62 -18.69
C SER C 65 21.52 -39.16 -18.28
N LEU C 66 21.21 -37.89 -18.53
CA LEU C 66 19.89 -37.35 -18.24
C LEU C 66 18.84 -37.89 -19.21
N GLY C 67 19.31 -38.41 -20.34
CA GLY C 67 18.41 -38.83 -21.39
C GLY C 67 17.82 -37.60 -22.04
N ILE C 68 18.66 -36.60 -22.25
CA ILE C 68 18.23 -35.29 -22.72
C ILE C 68 17.59 -35.36 -24.10
N ARG C 69 17.92 -36.39 -24.86
CA ARG C 69 17.39 -36.57 -26.22
C ARG C 69 15.91 -36.95 -26.17
N ASN C 70 15.48 -37.47 -25.04
CA ASN C 70 14.09 -37.87 -24.83
C ASN C 70 13.13 -36.68 -24.77
N PHE C 71 13.65 -35.47 -24.88
CA PHE C 71 12.84 -34.26 -24.71
C PHE C 71 12.65 -33.46 -25.99
N GLU C 72 11.45 -32.91 -26.14
CA GLU C 72 11.10 -32.12 -27.32
C GLU C 72 11.43 -30.65 -27.07
N TYR C 73 11.41 -30.25 -25.80
CA TYR C 73 11.72 -28.88 -25.41
C TYR C 73 12.74 -28.84 -24.27
N VAL C 74 13.86 -28.17 -24.51
CA VAL C 74 14.86 -27.97 -23.47
C VAL C 74 15.11 -26.48 -23.22
N ILE C 75 14.97 -26.06 -21.97
CA ILE C 75 15.18 -24.66 -21.61
C ILE C 75 16.55 -24.44 -20.99
N VAL C 76 17.34 -23.60 -21.64
CA VAL C 76 18.66 -23.24 -21.11
C VAL C 76 18.53 -21.94 -20.32
N ALA C 77 18.46 -22.07 -19.00
CA ALA C 77 18.27 -20.89 -18.16
C ALA C 77 19.40 -20.73 -17.14
N ILE C 78 20.61 -20.59 -17.65
CA ILE C 78 21.74 -20.23 -16.81
C ILE C 78 22.06 -18.76 -17.05
N GLY C 79 21.95 -17.96 -16.00
CA GLY C 79 22.05 -16.52 -16.14
C GLY C 79 23.46 -16.03 -16.35
N ALA C 80 24.19 -15.83 -15.25
CA ALA C 80 25.46 -15.11 -15.28
C ALA C 80 26.50 -15.69 -16.23
N ASN C 81 26.71 -17.00 -16.15
CA ASN C 81 27.76 -17.65 -16.93
C ASN C 81 27.40 -17.77 -18.40
N ILE C 82 27.80 -16.78 -19.19
CA ILE C 82 27.55 -16.76 -20.63
C ILE C 82 28.22 -17.96 -21.30
N GLN C 83 29.46 -18.23 -20.92
CA GLN C 83 30.23 -19.34 -21.48
C GLN C 83 29.49 -20.66 -21.32
N ALA C 84 29.06 -20.93 -20.08
CA ALA C 84 28.29 -22.13 -19.77
C ALA C 84 27.00 -22.20 -20.58
N SER C 85 26.33 -21.06 -20.71
CA SER C 85 25.07 -20.98 -21.45
C SER C 85 25.26 -21.38 -22.90
N THR C 86 26.23 -20.75 -23.56
CA THR C 86 26.47 -21.00 -24.98
C THR C 86 27.00 -22.42 -25.21
N LEU C 87 27.82 -22.90 -24.29
CA LEU C 87 28.32 -24.27 -24.35
C LEU C 87 27.19 -25.29 -24.24
N THR C 88 26.29 -25.06 -23.29
CA THR C 88 25.13 -25.91 -23.10
C THR C 88 24.28 -25.92 -24.36
N THR C 89 23.94 -24.73 -24.84
CA THR C 89 23.17 -24.58 -26.06
C THR C 89 23.82 -25.32 -27.22
N LEU C 90 25.14 -25.24 -27.31
CA LEU C 90 25.90 -25.92 -28.35
C LEU C 90 25.75 -27.44 -28.27
N LEU C 91 26.02 -27.99 -27.08
CA LEU C 91 25.90 -29.42 -26.85
C LEU C 91 24.50 -29.90 -27.21
N LEU C 92 23.49 -29.12 -26.80
CA LEU C 92 22.10 -29.45 -27.08
C LEU C 92 21.79 -29.40 -28.58
N LYS C 93 22.39 -28.46 -29.29
CA LYS C 93 22.18 -28.36 -30.74
C LYS C 93 22.82 -29.55 -31.44
N GLU C 94 23.93 -30.03 -30.89
CA GLU C 94 24.60 -31.22 -31.43
C GLU C 94 23.75 -32.47 -31.25
N LEU C 95 23.01 -32.52 -30.14
CA LEU C 95 22.20 -33.69 -29.82
C LEU C 95 20.84 -33.64 -30.50
N ASP C 96 20.69 -32.72 -31.44
CA ASP C 96 19.52 -32.63 -32.31
C ASP C 96 18.20 -32.38 -31.58
N ILE C 97 18.28 -31.66 -30.46
CA ILE C 97 17.09 -31.23 -29.75
C ILE C 97 16.23 -30.36 -30.65
N PRO C 98 14.94 -30.71 -30.79
CA PRO C 98 14.01 -30.01 -31.68
C PRO C 98 13.83 -28.54 -31.30
N ASN C 99 13.66 -28.26 -30.02
CA ASN C 99 13.45 -26.89 -29.55
C ASN C 99 14.37 -26.53 -28.39
N ILE C 100 15.25 -25.56 -28.63
CA ILE C 100 16.17 -25.08 -27.60
C ILE C 100 15.92 -23.62 -27.29
N TRP C 101 15.43 -23.33 -26.09
CA TRP C 101 15.15 -21.95 -25.70
C TRP C 101 16.16 -21.48 -24.65
N VAL C 102 16.83 -20.37 -24.93
CA VAL C 102 17.91 -19.89 -24.08
C VAL C 102 17.71 -18.45 -23.59
N LYS C 103 18.03 -18.22 -22.33
CA LYS C 103 18.00 -16.87 -21.76
C LYS C 103 19.28 -16.11 -22.09
N ALA C 104 19.14 -14.95 -22.71
CA ALA C 104 20.27 -14.12 -23.10
C ALA C 104 20.60 -13.08 -22.04
N GLN C 105 21.89 -12.80 -21.85
CA GLN C 105 22.31 -11.78 -20.91
C GLN C 105 22.45 -10.42 -21.59
N ASN C 106 22.97 -10.42 -22.82
CA ASN C 106 23.18 -9.19 -23.56
C ASN C 106 23.12 -9.41 -25.07
N TYR C 107 23.44 -8.36 -25.82
CA TYR C 107 23.42 -8.39 -27.28
C TYR C 107 24.36 -9.47 -27.83
N TYR C 108 25.60 -9.49 -27.35
CA TYR C 108 26.59 -10.46 -27.78
C TYR C 108 26.09 -11.90 -27.58
N HIS C 109 25.58 -12.16 -26.38
CA HIS C 109 25.07 -13.48 -26.04
C HIS C 109 23.93 -13.86 -26.98
N HIS C 110 23.04 -12.90 -27.24
CA HIS C 110 21.96 -13.09 -28.18
C HIS C 110 22.48 -13.48 -29.57
N LYS C 111 23.54 -12.81 -30.00
CA LYS C 111 24.12 -13.06 -31.31
C LYS C 111 24.72 -14.46 -31.41
N VAL C 112 25.55 -14.83 -30.44
CA VAL C 112 26.18 -16.14 -30.49
C VAL C 112 25.15 -17.26 -30.35
N LEU C 113 24.12 -17.05 -29.54
CA LEU C 113 23.03 -18.02 -29.46
C LEU C 113 22.29 -18.12 -30.78
N GLU C 114 22.08 -16.97 -31.41
CA GLU C 114 21.45 -16.89 -32.72
C GLU C 114 22.20 -17.73 -33.75
N LYS C 115 23.51 -17.59 -33.77
CA LYS C 115 24.32 -18.27 -34.78
C LYS C 115 24.50 -19.77 -34.53
N ILE C 116 24.49 -20.19 -33.26
CA ILE C 116 24.66 -21.61 -32.95
C ILE C 116 23.33 -22.36 -32.99
N GLY C 117 22.31 -21.73 -33.56
CA GLY C 117 21.05 -22.39 -33.83
C GLY C 117 20.10 -22.52 -32.65
N ALA C 118 19.95 -21.44 -31.88
CA ALA C 118 18.93 -21.41 -30.83
C ALA C 118 17.58 -21.11 -31.45
N ASP C 119 16.56 -21.88 -31.08
CA ASP C 119 15.25 -21.74 -31.70
C ASP C 119 14.52 -20.49 -31.23
N ARG C 120 14.67 -20.17 -29.94
CA ARG C 120 14.14 -18.92 -29.42
C ARG C 120 15.04 -18.34 -28.33
N ILE C 121 15.31 -17.04 -28.42
CA ILE C 121 16.16 -16.37 -27.45
C ILE C 121 15.36 -15.35 -26.64
N ILE C 122 15.37 -15.50 -25.32
CA ILE C 122 14.54 -14.66 -24.45
C ILE C 122 15.33 -13.61 -23.69
N HIS C 123 14.87 -12.36 -23.76
CA HIS C 123 15.38 -11.29 -22.92
C HIS C 123 14.31 -10.92 -21.91
N PRO C 124 14.32 -11.59 -20.75
CA PRO C 124 13.25 -11.47 -19.73
C PRO C 124 13.03 -10.04 -19.25
N GLN C 125 14.09 -9.45 -18.73
CA GLN C 125 14.04 -8.12 -18.12
C GLN C 125 13.67 -7.03 -19.11
N LYS C 126 14.09 -7.18 -20.36
CA LYS C 126 13.70 -6.27 -21.44
C LYS C 126 12.19 -6.28 -21.68
N ASP C 127 11.65 -7.47 -21.89
CA ASP C 127 10.23 -7.64 -22.18
C ASP C 127 9.37 -7.20 -21.01
N MET C 128 9.79 -7.55 -19.80
CA MET C 128 9.10 -7.06 -18.62
C MET C 128 9.26 -5.56 -18.52
N GLY C 129 10.35 -5.04 -19.08
CA GLY C 129 10.55 -3.61 -19.18
C GLY C 129 9.44 -2.96 -19.97
N VAL C 130 9.23 -3.45 -21.20
CA VAL C 130 8.19 -2.85 -22.03
C VAL C 130 6.81 -3.06 -21.39
N LYS C 131 6.54 -4.22 -20.80
CA LYS C 131 5.23 -4.36 -20.15
C LYS C 131 5.01 -3.46 -18.96
N ILE C 132 6.03 -3.29 -18.13
CA ILE C 132 5.91 -2.41 -16.98
C ILE C 132 5.71 -0.98 -17.45
N ALA C 133 6.40 -0.59 -18.51
CA ALA C 133 6.20 0.75 -19.07
C ALA C 133 4.75 0.92 -19.56
N GLN C 134 4.23 -0.13 -20.19
CA GLN C 134 2.84 -0.15 -20.62
C GLN C 134 1.86 0.03 -19.46
N SER C 135 2.09 -0.69 -18.36
CA SER C 135 1.21 -0.60 -17.20
C SER C 135 1.34 0.78 -16.55
N LEU C 136 2.52 1.38 -16.69
CA LEU C 136 2.82 2.72 -16.18
C LEU C 136 2.14 3.85 -16.95
N SER C 137 2.02 3.69 -18.26
CA SER C 137 1.62 4.79 -19.13
C SER C 137 0.25 5.41 -18.88
N ASP C 138 -0.74 4.62 -18.43
CA ASP C 138 -2.03 5.21 -18.07
C ASP C 138 -2.62 4.61 -16.79
N GLU C 139 -3.48 5.39 -16.14
CA GLU C 139 -4.14 4.94 -14.93
C GLU C 139 -5.18 3.87 -15.22
N ASN C 140 -5.82 3.97 -16.38
CA ASN C 140 -6.82 2.99 -16.75
C ASN C 140 -6.31 1.74 -17.48
N VAL C 141 -5.21 1.84 -18.22
CA VAL C 141 -4.71 0.65 -18.90
C VAL C 141 -4.15 -0.40 -17.94
N LEU C 142 -4.80 -1.56 -17.88
CA LEU C 142 -4.31 -2.66 -17.06
C LEU C 142 -3.42 -3.58 -17.89
N ASN C 143 -3.84 -3.81 -19.12
CA ASN C 143 -3.11 -4.68 -20.04
C ASN C 143 -3.55 -4.41 -21.48
N TYR C 144 -2.88 -5.04 -22.43
CA TYR C 144 -3.15 -4.79 -23.84
C TYR C 144 -2.43 -5.82 -24.70
N ILE C 145 -2.78 -5.88 -25.98
CA ILE C 145 -2.02 -6.70 -26.92
C ILE C 145 -1.91 -6.00 -28.28
N ASP C 146 -0.68 -5.90 -28.79
CA ASP C 146 -0.46 -5.25 -30.08
C ASP C 146 -0.68 -6.22 -31.23
N LEU C 147 -1.66 -5.91 -32.06
CA LEU C 147 -1.94 -6.73 -33.23
C LEU C 147 -0.89 -6.45 -34.30
N SER C 148 -0.47 -5.19 -34.36
CA SER C 148 0.56 -4.76 -35.29
C SER C 148 1.17 -3.45 -34.82
N ASP C 149 2.04 -2.86 -35.65
CA ASP C 149 2.68 -1.59 -35.35
C ASP C 149 1.67 -0.48 -35.08
N GLU C 150 0.49 -0.58 -35.68
CA GLU C 150 -0.50 0.50 -35.60
C GLU C 150 -1.78 0.10 -34.88
N TYR C 151 -2.12 -1.19 -34.93
CA TYR C 151 -3.38 -1.64 -34.37
C TYR C 151 -3.21 -2.45 -33.09
N SER C 152 -4.13 -2.26 -32.15
CA SER C 152 -4.02 -2.82 -30.82
C SER C 152 -5.37 -2.98 -30.11
N ILE C 153 -5.40 -3.92 -29.17
CA ILE C 153 -6.53 -4.12 -28.27
C ILE C 153 -6.13 -3.69 -26.85
N VAL C 154 -6.92 -2.81 -26.23
CA VAL C 154 -6.53 -2.21 -24.96
C VAL C 154 -7.58 -2.40 -23.85
N GLU C 155 -7.12 -2.71 -22.63
CA GLU C 155 -7.97 -2.79 -21.45
C GLU C 155 -7.86 -1.54 -20.56
N LEU C 156 -8.98 -0.84 -20.36
CA LEU C 156 -9.00 0.44 -19.67
C LEU C 156 -9.95 0.40 -18.46
N LEU C 157 -9.62 1.03 -17.33
CA LEU C 157 -10.58 1.14 -16.22
C LEU C 157 -11.34 2.47 -16.31
N ALA C 158 -12.67 2.40 -16.28
CA ALA C 158 -13.51 3.58 -16.46
C ALA C 158 -13.36 4.60 -15.33
N THR C 159 -13.20 5.86 -15.72
CA THR C 159 -13.08 6.96 -14.77
C THR C 159 -14.45 7.58 -14.51
N ARG C 160 -14.49 8.69 -13.77
CA ARG C 160 -15.76 9.33 -13.46
C ARG C 160 -16.41 9.99 -14.67
N LYS C 161 -15.66 10.06 -15.78
CA LYS C 161 -16.18 10.62 -17.02
C LYS C 161 -17.05 9.60 -17.76
N LEU C 162 -16.88 8.33 -17.42
CA LEU C 162 -17.55 7.25 -18.14
C LEU C 162 -18.66 6.60 -17.32
N ASP C 163 -18.80 7.02 -16.06
CA ASP C 163 -19.78 6.42 -15.16
C ASP C 163 -21.20 6.58 -15.69
N SER C 164 -21.97 5.49 -15.60
CA SER C 164 -23.38 5.46 -16.00
C SER C 164 -23.58 5.82 -17.47
N LYS C 165 -22.55 5.64 -18.29
CA LYS C 165 -22.65 5.90 -19.71
C LYS C 165 -22.93 4.63 -20.50
N SER C 166 -23.75 4.75 -21.54
CA SER C 166 -24.10 3.61 -22.38
C SER C 166 -23.13 3.46 -23.56
N ILE C 167 -23.07 2.27 -24.13
CA ILE C 167 -22.22 2.01 -25.28
C ILE C 167 -22.66 2.83 -26.49
N ILE C 168 -23.98 2.97 -26.65
CA ILE C 168 -24.53 3.76 -27.74
C ILE C 168 -24.28 5.25 -27.48
N ASP C 169 -24.19 5.62 -26.20
CA ASP C 169 -23.84 6.99 -25.82
C ASP C 169 -22.42 7.31 -26.26
N LEU C 170 -21.50 6.40 -25.95
CA LEU C 170 -20.11 6.55 -26.38
C LEU C 170 -19.91 5.85 -27.72
N ASN C 171 -20.28 6.54 -28.79
CA ASN C 171 -20.22 5.94 -30.13
C ASN C 171 -18.80 5.88 -30.64
N VAL C 172 -18.06 4.86 -30.21
CA VAL C 172 -16.65 4.73 -30.56
C VAL C 172 -16.47 4.18 -31.97
N ARG C 173 -17.46 3.41 -32.41
CA ARG C 173 -17.39 2.73 -33.71
C ARG C 173 -17.41 3.71 -34.88
N ALA C 174 -18.00 4.87 -34.68
CA ALA C 174 -18.07 5.88 -35.72
C ALA C 174 -17.20 7.10 -35.42
N LYS C 175 -17.30 7.59 -34.19
CA LYS C 175 -16.59 8.80 -33.79
C LYS C 175 -15.08 8.60 -33.70
N TYR C 176 -14.66 7.39 -33.33
CA TYR C 176 -13.24 7.13 -33.15
C TYR C 176 -12.75 5.90 -33.91
N GLY C 177 -13.68 5.21 -34.57
CA GLY C 177 -13.33 4.06 -35.39
C GLY C 177 -12.87 2.84 -34.61
N CYS C 178 -13.10 2.86 -33.30
CA CYS C 178 -12.70 1.74 -32.45
C CYS C 178 -13.93 0.98 -31.96
N THR C 179 -13.72 -0.26 -31.52
CA THR C 179 -14.85 -1.08 -31.07
C THR C 179 -14.62 -1.65 -29.66
N ILE C 180 -15.65 -1.54 -28.83
CA ILE C 180 -15.61 -2.07 -27.47
C ILE C 180 -15.90 -3.56 -27.46
N LEU C 181 -15.09 -4.33 -26.73
CA LEU C 181 -15.19 -5.79 -26.78
C LEU C 181 -15.77 -6.43 -25.51
N ALA C 182 -15.47 -5.87 -24.34
CA ALA C 182 -15.90 -6.49 -23.09
C ALA C 182 -16.00 -5.50 -21.94
N ILE C 183 -16.91 -5.79 -21.01
CA ILE C 183 -17.03 -5.00 -19.78
C ILE C 183 -17.04 -5.88 -18.55
N LYS C 184 -16.10 -5.64 -17.64
CA LYS C 184 -16.01 -6.39 -16.40
C LYS C 184 -16.42 -5.51 -15.23
N HIS C 185 -17.55 -5.85 -14.62
CA HIS C 185 -18.12 -5.08 -13.53
C HIS C 185 -18.16 -5.89 -12.24
N HIS C 186 -17.38 -5.48 -11.25
CA HIS C 186 -17.27 -6.17 -9.98
C HIS C 186 -17.00 -7.68 -10.16
N GLY C 187 -16.11 -7.99 -11.09
CA GLY C 187 -15.75 -9.37 -11.36
C GLY C 187 -16.64 -10.05 -12.39
N ASP C 188 -17.90 -9.63 -12.46
CA ASP C 188 -18.82 -10.14 -13.47
C ASP C 188 -18.36 -9.68 -14.84
N ILE C 189 -18.56 -10.51 -15.86
CA ILE C 189 -17.98 -10.25 -17.17
C ILE C 189 -19.02 -10.29 -18.31
N CYS C 190 -18.96 -9.28 -19.17
CA CYS C 190 -19.87 -9.17 -20.31
C CYS C 190 -19.09 -9.13 -21.62
N LEU C 191 -19.25 -10.18 -22.43
CA LEU C 191 -18.52 -10.31 -23.68
C LEU C 191 -19.34 -9.79 -24.86
N SER C 192 -18.71 -8.97 -25.69
CA SER C 192 -19.34 -8.37 -26.87
C SER C 192 -20.70 -7.76 -26.53
N PRO C 193 -20.71 -6.73 -25.68
CA PRO C 193 -21.95 -6.19 -25.09
C PRO C 193 -22.78 -5.38 -26.08
N ALA C 194 -24.10 -5.40 -25.87
CA ALA C 194 -25.04 -4.68 -26.74
C ALA C 194 -25.07 -3.19 -26.41
N PRO C 195 -25.46 -2.35 -27.39
CA PRO C 195 -25.42 -0.89 -27.23
C PRO C 195 -26.21 -0.35 -26.04
N GLU C 196 -27.15 -1.13 -25.50
CA GLU C 196 -27.94 -0.67 -24.37
C GLU C 196 -27.18 -0.80 -23.05
N ASP C 197 -26.11 -1.59 -23.06
CA ASP C 197 -25.36 -1.88 -21.84
C ASP C 197 -24.71 -0.63 -21.25
N ILE C 198 -24.60 -0.61 -19.94
CA ILE C 198 -24.06 0.54 -19.24
C ILE C 198 -22.62 0.27 -18.81
N ILE C 199 -21.77 1.28 -18.92
CA ILE C 199 -20.43 1.20 -18.37
C ILE C 199 -20.41 2.03 -17.11
N ARG C 200 -20.13 1.37 -15.99
CA ARG C 200 -20.06 2.05 -14.72
C ARG C 200 -18.59 2.30 -14.45
N GLU C 201 -18.28 3.32 -13.65
CA GLU C 201 -16.89 3.69 -13.42
C GLU C 201 -16.15 2.55 -12.73
N GLN C 202 -14.82 2.56 -12.89
CA GLN C 202 -13.94 1.60 -12.24
C GLN C 202 -14.08 0.18 -12.81
N ASP C 203 -14.82 0.05 -13.91
CA ASP C 203 -14.99 -1.24 -14.55
C ASP C 203 -13.94 -1.48 -15.61
N CYS C 204 -13.76 -2.74 -15.99
CA CYS C 204 -12.82 -3.07 -17.07
C CYS C 204 -13.51 -2.90 -18.41
N LEU C 205 -12.86 -2.16 -19.29
CA LEU C 205 -13.38 -1.87 -20.61
C LEU C 205 -12.41 -2.34 -21.67
N VAL C 206 -12.87 -3.12 -22.63
CA VAL C 206 -11.96 -3.62 -23.66
C VAL C 206 -12.24 -3.01 -25.02
N ILE C 207 -11.39 -2.08 -25.42
CA ILE C 207 -11.58 -1.41 -26.70
C ILE C 207 -10.59 -2.01 -27.69
N MET C 208 -10.89 -1.88 -28.98
CA MET C 208 -10.05 -2.41 -30.03
C MET C 208 -9.98 -1.47 -31.23
N GLY C 209 -8.77 -1.19 -31.71
CA GLY C 209 -8.64 -0.36 -32.89
C GLY C 209 -7.25 0.18 -33.15
N HIS C 210 -7.17 1.39 -33.69
CA HIS C 210 -5.89 2.03 -33.94
C HIS C 210 -5.39 2.68 -32.66
N LYS C 211 -4.07 2.65 -32.47
CA LYS C 211 -3.44 3.18 -31.27
C LYS C 211 -3.78 4.65 -31.04
N LYS C 212 -3.51 5.48 -32.05
CA LYS C 212 -3.78 6.91 -31.98
C LYS C 212 -5.25 7.21 -31.75
N ASP C 213 -6.13 6.38 -32.32
CA ASP C 213 -7.58 6.55 -32.15
C ASP C 213 -7.99 6.26 -30.71
N ILE C 214 -7.42 5.20 -30.15
CA ILE C 214 -7.69 4.83 -28.77
C ILE C 214 -7.20 5.95 -27.85
N LYS C 215 -6.01 6.47 -28.12
CA LYS C 215 -5.48 7.62 -27.40
C LYS C 215 -6.42 8.83 -27.47
N ARG C 216 -7.00 9.05 -28.65
CA ARG C 216 -7.97 10.12 -28.84
C ARG C 216 -9.18 9.94 -27.92
N PHE C 217 -9.74 8.73 -27.96
CA PHE C 217 -10.89 8.40 -27.12
C PHE C 217 -10.56 8.57 -25.65
N GLU C 218 -9.33 8.21 -25.26
CA GLU C 218 -8.86 8.42 -23.90
C GLU C 218 -8.86 9.91 -23.56
N ASN C 219 -8.38 10.71 -24.50
CA ASN C 219 -8.25 12.14 -24.29
C ASN C 219 -9.60 12.84 -24.12
N GLU C 220 -10.46 12.76 -25.13
CA GLU C 220 -11.72 13.51 -25.09
C GLU C 220 -12.82 12.79 -24.32
N GLY C 221 -12.83 11.47 -24.41
CA GLY C 221 -13.88 10.66 -23.80
C GLY C 221 -13.80 10.46 -22.29
N MET C 222 -12.65 9.97 -21.83
CA MET C 222 -12.51 9.63 -20.42
C MET C 222 -11.46 10.48 -19.71
N GLN D 8 7.23 13.24 -14.94
CA GLN D 8 6.14 12.31 -14.63
C GLN D 8 6.68 10.95 -14.22
N PHE D 9 7.77 10.52 -14.85
CA PHE D 9 8.38 9.23 -14.55
C PHE D 9 9.87 9.36 -14.25
N ALA D 10 10.31 8.67 -13.20
CA ALA D 10 11.73 8.61 -12.86
C ALA D 10 12.18 7.16 -12.71
N VAL D 11 13.28 6.82 -13.39
CA VAL D 11 13.85 5.48 -13.30
C VAL D 11 15.20 5.52 -12.61
N ILE D 12 15.30 4.84 -11.47
CA ILE D 12 16.45 4.98 -10.59
C ILE D 12 17.60 4.03 -10.94
N GLY D 13 17.27 2.86 -11.45
CA GLY D 13 18.29 1.91 -11.83
C GLY D 13 18.34 1.64 -13.32
N LEU D 14 19.40 2.08 -13.99
CA LEU D 14 19.54 1.88 -15.42
C LEU D 14 20.34 0.62 -15.73
N GLY D 15 19.72 -0.53 -15.48
CA GLY D 15 20.32 -1.80 -15.79
C GLY D 15 19.58 -2.48 -16.93
N ARG D 16 19.70 -3.80 -17.00
CA ARG D 16 18.98 -4.59 -17.99
C ARG D 16 17.48 -4.37 -17.90
N PHE D 17 16.97 -4.29 -16.67
CA PHE D 17 15.54 -4.14 -16.44
C PHE D 17 15.08 -2.69 -16.51
N GLY D 18 15.62 -1.85 -15.64
CA GLY D 18 15.21 -0.46 -15.55
C GLY D 18 15.50 0.34 -16.80
N GLY D 19 16.66 0.09 -17.40
CA GLY D 19 17.04 0.74 -18.64
C GLY D 19 16.02 0.51 -19.74
N SER D 20 15.47 -0.69 -19.77
CA SER D 20 14.45 -1.05 -20.76
C SER D 20 13.18 -0.24 -20.51
N ILE D 21 12.79 -0.12 -19.25
CA ILE D 21 11.64 0.68 -18.84
C ILE D 21 11.82 2.12 -19.30
N CYS D 22 12.99 2.67 -19.01
CA CYS D 22 13.34 4.03 -19.40
C CYS D 22 13.23 4.23 -20.91
N LYS D 23 13.97 3.40 -21.66
CA LYS D 23 13.99 3.46 -23.11
C LYS D 23 12.59 3.34 -23.72
N GLU D 24 11.77 2.46 -23.17
CA GLU D 24 10.43 2.24 -23.70
C GLU D 24 9.49 3.39 -23.39
N LEU D 25 9.54 3.87 -22.15
CA LEU D 25 8.76 5.04 -21.75
C LEU D 25 9.12 6.25 -22.61
N HIS D 26 10.41 6.37 -22.91
CA HIS D 26 10.90 7.45 -23.77
C HIS D 26 10.40 7.28 -25.20
N ARG D 27 10.41 6.04 -25.69
CA ARG D 27 9.95 5.74 -27.04
C ARG D 27 8.46 5.99 -27.20
N MET D 28 7.70 5.78 -26.12
CA MET D 28 6.26 5.98 -26.15
C MET D 28 5.88 7.46 -26.18
N GLY D 29 6.80 8.32 -25.75
CA GLY D 29 6.58 9.75 -25.79
C GLY D 29 6.42 10.43 -24.45
N HIS D 30 6.58 9.67 -23.36
CA HIS D 30 6.54 10.25 -22.03
C HIS D 30 7.89 10.88 -21.71
N GLU D 31 7.90 11.83 -20.78
CA GLU D 31 9.16 12.44 -20.34
C GLU D 31 9.69 11.68 -19.13
N VAL D 32 10.95 11.26 -19.22
CA VAL D 32 11.54 10.38 -18.22
C VAL D 32 12.88 10.90 -17.69
N LEU D 33 13.03 10.89 -16.37
CA LEU D 33 14.31 11.22 -15.75
C LEU D 33 15.03 9.94 -15.35
N ALA D 34 16.18 9.70 -15.96
CA ALA D 34 16.97 8.51 -15.68
C ALA D 34 18.05 8.79 -14.63
N VAL D 35 18.13 7.92 -13.64
CA VAL D 35 19.14 8.04 -12.58
C VAL D 35 20.08 6.86 -12.60
N ASP D 36 21.36 7.08 -12.30
CA ASP D 36 22.27 5.95 -12.10
C ASP D 36 23.56 6.38 -11.41
N ILE D 37 24.07 5.52 -10.52
CA ILE D 37 25.32 5.82 -9.81
C ILE D 37 26.52 5.66 -10.74
N ASN D 38 26.35 4.85 -11.78
CA ASN D 38 27.42 4.60 -12.75
C ASN D 38 27.35 5.61 -13.90
N GLU D 39 28.44 6.35 -14.10
CA GLU D 39 28.47 7.43 -15.09
C GLU D 39 28.30 6.93 -16.52
N GLU D 40 28.90 5.78 -16.83
CA GLU D 40 28.79 5.20 -18.16
C GLU D 40 27.34 4.91 -18.53
N LYS D 41 26.60 4.36 -17.58
CA LYS D 41 25.18 4.08 -17.75
C LYS D 41 24.40 5.35 -18.05
N VAL D 42 24.68 6.40 -17.28
CA VAL D 42 24.03 7.69 -17.45
C VAL D 42 24.31 8.27 -18.83
N ASN D 43 25.56 8.16 -19.27
CA ASN D 43 25.97 8.63 -20.59
C ASN D 43 25.24 7.86 -21.69
N ALA D 44 25.13 6.54 -21.52
CA ALA D 44 24.53 5.68 -22.53
C ALA D 44 23.02 5.91 -22.67
N TYR D 45 22.40 6.41 -21.61
CA TYR D 45 20.95 6.60 -21.61
C TYR D 45 20.57 8.08 -21.75
N ALA D 46 21.56 8.92 -22.02
CA ALA D 46 21.32 10.34 -22.27
C ALA D 46 20.36 10.54 -23.45
N SER D 47 20.51 9.74 -24.49
CA SER D 47 19.70 9.86 -25.69
C SER D 47 18.32 9.21 -25.53
N TYR D 48 18.19 8.31 -24.57
CA TYR D 48 16.96 7.56 -24.38
C TYR D 48 16.17 8.07 -23.18
N ALA D 49 16.39 9.34 -22.83
CA ALA D 49 15.68 9.96 -21.72
C ALA D 49 15.66 11.48 -21.87
N THR D 50 14.65 12.11 -21.29
CA THR D 50 14.55 13.57 -21.26
C THR D 50 15.76 14.15 -20.54
N HIS D 51 16.06 13.59 -19.37
CA HIS D 51 17.25 13.98 -18.61
C HIS D 51 17.92 12.74 -18.01
N ALA D 52 19.23 12.80 -17.85
CA ALA D 52 19.98 11.69 -17.27
C ALA D 52 20.98 12.20 -16.24
N VAL D 53 20.93 11.63 -15.03
CA VAL D 53 21.73 12.12 -13.91
C VAL D 53 22.49 11.02 -13.18
N ILE D 54 23.75 11.33 -12.84
CA ILE D 54 24.54 10.51 -11.94
C ILE D 54 24.15 10.78 -10.51
N ALA D 55 23.73 9.75 -9.77
CA ALA D 55 23.31 9.93 -8.38
C ALA D 55 23.28 8.62 -7.60
N ASN D 56 23.61 8.72 -6.31
CA ASN D 56 23.46 7.60 -5.40
C ASN D 56 22.07 7.66 -4.75
N ALA D 57 21.22 6.72 -5.13
CA ALA D 57 19.83 6.72 -4.68
C ALA D 57 19.66 6.43 -3.19
N THR D 58 20.75 6.09 -2.52
CA THR D 58 20.70 5.82 -1.09
C THR D 58 21.08 7.07 -0.30
N GLU D 59 21.31 8.16 -1.02
CA GLU D 59 21.69 9.42 -0.40
C GLU D 59 20.55 10.43 -0.51
N GLU D 60 19.98 10.79 0.65
CA GLU D 60 18.77 11.60 0.70
C GLU D 60 18.91 12.97 0.03
N ASN D 61 20.01 13.67 0.33
CA ASN D 61 20.23 15.00 -0.20
C ASN D 61 20.37 14.99 -1.72
N GLU D 62 20.89 13.88 -2.24
CA GLU D 62 21.00 13.70 -3.69
C GLU D 62 19.61 13.51 -4.30
N LEU D 63 18.76 12.75 -3.61
CA LEU D 63 17.37 12.56 -4.04
C LEU D 63 16.65 13.91 -4.10
N LEU D 64 16.85 14.71 -3.06
CA LEU D 64 16.30 16.05 -3.01
C LEU D 64 16.84 16.90 -4.17
N SER D 65 18.13 16.75 -4.45
CA SER D 65 18.78 17.48 -5.53
C SER D 65 18.22 17.11 -6.90
N LEU D 66 17.78 15.86 -7.04
CA LEU D 66 17.17 15.40 -8.28
C LEU D 66 15.80 16.03 -8.49
N GLY D 67 15.21 16.53 -7.41
CA GLY D 67 13.85 17.04 -7.47
C GLY D 67 12.90 15.86 -7.58
N ILE D 68 13.20 14.81 -6.82
CA ILE D 68 12.49 13.54 -6.91
C ILE D 68 11.01 13.68 -6.51
N ARG D 69 10.69 14.72 -5.75
CA ARG D 69 9.32 14.93 -5.30
C ARG D 69 8.42 15.40 -6.44
N ASN D 70 9.03 15.99 -7.46
CA ASN D 70 8.29 16.47 -8.63
C ASN D 70 7.73 15.34 -9.50
N PHE D 71 7.98 14.10 -9.11
CA PHE D 71 7.57 12.95 -9.91
C PHE D 71 6.44 12.17 -9.27
N GLU D 72 5.52 11.70 -10.10
CA GLU D 72 4.36 10.93 -9.64
C GLU D 72 4.71 9.45 -9.58
N TYR D 73 5.63 9.03 -10.43
CA TYR D 73 6.08 7.65 -10.48
C TYR D 73 7.59 7.55 -10.43
N VAL D 74 8.10 6.84 -9.43
CA VAL D 74 9.52 6.55 -9.35
C VAL D 74 9.74 5.04 -9.35
N ILE D 75 10.55 4.57 -10.29
CA ILE D 75 10.83 3.15 -10.41
C ILE D 75 12.16 2.79 -9.79
N VAL D 76 12.13 1.91 -8.79
CA VAL D 76 13.35 1.44 -8.16
C VAL D 76 13.80 0.15 -8.82
N ALA D 77 14.77 0.26 -9.73
CA ALA D 77 15.24 -0.90 -10.47
C ALA D 77 16.73 -1.13 -10.24
N ILE D 78 17.09 -1.35 -8.98
CA ILE D 78 18.44 -1.78 -8.65
C ILE D 78 18.38 -3.26 -8.32
N GLY D 79 19.07 -4.06 -9.10
CA GLY D 79 18.97 -5.51 -9.00
C GLY D 79 19.70 -6.09 -7.81
N ALA D 80 20.99 -6.36 -8.00
CA ALA D 80 21.76 -7.17 -7.04
C ALA D 80 21.74 -6.61 -5.63
N ASN D 81 21.99 -5.31 -5.50
CA ASN D 81 22.09 -4.69 -4.19
C ASN D 81 20.72 -4.52 -3.54
N ILE D 82 20.31 -5.53 -2.77
CA ILE D 82 19.04 -5.50 -2.07
C ILE D 82 19.00 -4.36 -1.06
N GLN D 83 20.09 -4.21 -0.32
CA GLN D 83 20.21 -3.17 0.70
C GLN D 83 19.97 -1.78 0.11
N ALA D 84 20.68 -1.47 -0.97
CA ALA D 84 20.52 -0.19 -1.65
C ALA D 84 19.09 0.01 -2.16
N SER D 85 18.51 -1.04 -2.73
CA SER D 85 17.17 -0.99 -3.29
C SER D 85 16.13 -0.64 -2.21
N THR D 86 16.17 -1.39 -1.12
CA THR D 86 15.21 -1.20 -0.03
C THR D 86 15.43 0.12 0.71
N LEU D 87 16.69 0.52 0.85
CA LEU D 87 17.03 1.80 1.46
C LEU D 87 16.44 2.93 0.62
N THR D 88 16.62 2.81 -0.68
CA THR D 88 16.09 3.77 -1.63
C THR D 88 14.57 3.85 -1.54
N THR D 89 13.92 2.69 -1.58
CA THR D 89 12.47 2.59 -1.44
C THR D 89 12.01 3.28 -0.16
N LEU D 90 12.77 3.07 0.92
CA LEU D 90 12.48 3.68 2.20
C LEU D 90 12.52 5.21 2.13
N LEU D 91 13.63 5.73 1.62
CA LEU D 91 13.79 7.18 1.48
C LEU D 91 12.68 7.79 0.63
N LEU D 92 12.34 7.11 -0.46
CA LEU D 92 11.27 7.54 -1.35
C LEU D 92 9.92 7.53 -0.65
N LYS D 93 9.70 6.54 0.20
CA LYS D 93 8.45 6.45 0.95
C LYS D 93 8.39 7.59 1.95
N GLU D 94 9.55 7.99 2.47
CA GLU D 94 9.65 9.13 3.38
C GLU D 94 9.31 10.45 2.70
N LEU D 95 9.67 10.57 1.42
CA LEU D 95 9.44 11.80 0.66
C LEU D 95 8.05 11.85 0.03
N ASP D 96 7.18 10.95 0.48
CA ASP D 96 5.76 10.95 0.10
C ASP D 96 5.49 10.76 -1.40
N ILE D 97 6.38 10.05 -2.07
CA ILE D 97 6.15 9.69 -3.47
C ILE D 97 4.87 8.84 -3.60
N PRO D 98 3.94 9.26 -4.46
CA PRO D 98 2.64 8.60 -4.63
C PRO D 98 2.74 7.15 -5.09
N ASN D 99 3.60 6.89 -6.07
CA ASN D 99 3.76 5.54 -6.59
C ASN D 99 5.22 5.12 -6.67
N ILE D 100 5.58 4.10 -5.88
CA ILE D 100 6.92 3.55 -5.87
C ILE D 100 6.90 2.10 -6.33
N TRP D 101 7.48 1.83 -7.50
CA TRP D 101 7.51 0.49 -8.06
C TRP D 101 8.92 -0.08 -8.00
N VAL D 102 9.07 -1.24 -7.38
CA VAL D 102 10.40 -1.82 -7.14
C VAL D 102 10.54 -3.24 -7.71
N LYS D 103 11.71 -3.51 -8.29
CA LYS D 103 12.05 -4.86 -8.74
C LYS D 103 12.55 -5.71 -7.58
N ALA D 104 11.92 -6.85 -7.37
CA ALA D 104 12.30 -7.75 -6.30
C ALA D 104 13.28 -8.83 -6.75
N GLN D 105 14.23 -9.17 -5.89
CA GLN D 105 15.21 -10.20 -6.17
C GLN D 105 14.76 -11.58 -5.69
N ASN D 106 14.12 -11.62 -4.52
CA ASN D 106 13.68 -12.87 -3.94
C ASN D 106 12.46 -12.70 -3.05
N TYR D 107 12.08 -13.79 -2.37
CA TYR D 107 10.95 -13.78 -1.45
C TYR D 107 11.16 -12.74 -0.36
N TYR D 108 12.35 -12.78 0.23
CA TYR D 108 12.75 -11.84 1.28
C TYR D 108 12.63 -10.39 0.83
N HIS D 109 13.19 -10.10 -0.34
CA HIS D 109 13.15 -8.74 -0.88
C HIS D 109 11.71 -8.29 -1.08
N HIS D 110 10.89 -9.19 -1.65
CA HIS D 110 9.47 -8.94 -1.82
C HIS D 110 8.78 -8.60 -0.52
N LYS D 111 9.08 -9.35 0.53
CA LYS D 111 8.47 -9.13 1.83
C LYS D 111 8.86 -7.79 2.45
N VAL D 112 10.17 -7.51 2.50
CA VAL D 112 10.61 -6.26 3.12
C VAL D 112 10.13 -5.04 2.32
N LEU D 113 10.09 -5.17 0.99
CA LEU D 113 9.51 -4.12 0.16
C LEU D 113 8.03 -3.95 0.46
N GLU D 114 7.35 -5.07 0.64
CA GLU D 114 5.94 -5.10 1.01
C GLU D 114 5.67 -4.31 2.29
N LYS D 115 6.50 -4.53 3.29
CA LYS D 115 6.29 -3.90 4.59
C LYS D 115 6.68 -2.42 4.64
N ILE D 116 7.67 -2.03 3.85
CA ILE D 116 8.11 -0.62 3.84
C ILE D 116 7.29 0.25 2.90
N GLY D 117 6.15 -0.27 2.46
CA GLY D 117 5.18 0.51 1.70
C GLY D 117 5.47 0.71 0.23
N ALA D 118 5.88 -0.35 -0.45
CA ALA D 118 6.02 -0.32 -1.90
C ALA D 118 4.67 -0.47 -2.57
N ASP D 119 4.38 0.38 -3.55
CA ASP D 119 3.06 0.40 -4.18
C ASP D 119 2.87 -0.78 -5.14
N ARG D 120 3.92 -1.13 -5.86
CA ARG D 120 3.91 -2.32 -6.69
C ARG D 120 5.28 -2.99 -6.71
N ILE D 121 5.28 -4.30 -6.52
CA ILE D 121 6.53 -5.07 -6.50
C ILE D 121 6.57 -6.02 -7.68
N ILE D 122 7.60 -5.90 -8.51
CA ILE D 122 7.68 -6.67 -9.74
C ILE D 122 8.72 -7.78 -9.68
N HIS D 123 8.30 -8.99 -10.07
CA HIS D 123 9.21 -10.10 -10.29
C HIS D 123 9.31 -10.37 -11.78
N PRO D 124 10.25 -9.69 -12.46
CA PRO D 124 10.35 -9.75 -13.92
C PRO D 124 10.55 -11.16 -14.46
N GLN D 125 11.62 -11.80 -14.00
CA GLN D 125 11.99 -13.12 -14.49
C GLN D 125 10.93 -14.18 -14.18
N LYS D 126 10.23 -14.02 -13.05
CA LYS D 126 9.10 -14.88 -12.71
C LYS D 126 7.98 -14.79 -13.76
N ASP D 127 7.56 -13.55 -14.04
CA ASP D 127 6.47 -13.29 -14.98
C ASP D 127 6.84 -13.74 -16.38
N MET D 128 8.08 -13.47 -16.77
CA MET D 128 8.57 -13.95 -18.05
C MET D 128 8.62 -15.47 -18.04
N GLY D 129 8.83 -16.03 -16.85
CA GLY D 129 8.76 -17.47 -16.66
C GLY D 129 7.41 -18.01 -17.06
N VAL D 130 6.36 -17.48 -16.44
CA VAL D 130 5.02 -17.98 -16.74
C VAL D 130 4.61 -17.70 -18.20
N LYS D 131 4.92 -16.54 -18.75
CA LYS D 131 4.56 -16.32 -20.16
C LYS D 131 5.33 -17.23 -21.11
N ILE D 132 6.62 -17.44 -20.84
CA ILE D 132 7.42 -18.33 -21.67
C ILE D 132 6.82 -19.73 -21.59
N ALA D 133 6.36 -20.11 -20.41
CA ALA D 133 5.67 -21.37 -20.24
C ALA D 133 4.40 -21.44 -21.08
N GLN D 134 3.68 -20.32 -21.13
CA GLN D 134 2.49 -20.21 -21.96
C GLN D 134 2.85 -20.46 -23.42
N SER D 135 3.92 -19.84 -23.89
CA SER D 135 4.33 -20.00 -25.27
C SER D 135 4.82 -21.43 -25.53
N LEU D 136 5.36 -22.08 -24.50
CA LEU D 136 5.83 -23.46 -24.60
C LEU D 136 4.66 -24.42 -24.75
N SER D 137 3.60 -24.16 -23.99
CA SER D 137 2.47 -25.07 -23.95
C SER D 137 1.77 -25.11 -25.30
N ASP D 138 1.76 -23.97 -25.99
CA ASP D 138 1.27 -23.89 -27.36
C ASP D 138 2.19 -22.97 -28.16
N GLU D 139 2.82 -23.51 -29.19
CA GLU D 139 3.72 -22.71 -30.01
C GLU D 139 2.88 -21.76 -30.87
N ASN D 140 1.59 -22.10 -31.00
CA ASN D 140 0.65 -21.29 -31.77
C ASN D 140 0.21 -20.03 -31.03
N VAL D 141 0.12 -20.07 -29.71
CA VAL D 141 -0.22 -18.85 -28.98
C VAL D 141 1.02 -17.94 -29.01
N LEU D 142 0.87 -16.82 -29.69
CA LEU D 142 1.95 -15.86 -29.84
C LEU D 142 1.89 -14.88 -28.70
N ASN D 143 0.66 -14.55 -28.32
CA ASN D 143 0.40 -13.62 -27.24
C ASN D 143 -1.02 -13.79 -26.74
N TYR D 144 -1.34 -13.13 -25.64
CA TYR D 144 -2.67 -13.24 -25.03
C TYR D 144 -2.86 -12.22 -23.94
N ILE D 145 -4.12 -12.04 -23.54
CA ILE D 145 -4.46 -11.19 -22.41
C ILE D 145 -5.62 -11.81 -21.63
N ASP D 146 -5.44 -11.98 -20.33
CA ASP D 146 -6.48 -12.55 -19.50
C ASP D 146 -7.44 -11.47 -19.01
N LEU D 147 -8.70 -11.57 -19.44
CA LEU D 147 -9.73 -10.65 -18.99
C LEU D 147 -10.13 -10.98 -17.57
N SER D 148 -10.14 -12.27 -17.26
CA SER D 148 -10.45 -12.76 -15.92
C SER D 148 -9.90 -14.17 -15.74
N ASP D 149 -10.21 -14.78 -14.60
CA ASP D 149 -9.78 -16.14 -14.29
C ASP D 149 -10.23 -17.16 -15.33
N GLU D 150 -11.34 -16.88 -16.00
CA GLU D 150 -11.92 -17.83 -16.94
C GLU D 150 -11.92 -17.33 -18.37
N TYR D 151 -11.99 -16.01 -18.55
CA TYR D 151 -12.10 -15.45 -19.89
C TYR D 151 -10.84 -14.73 -20.35
N SER D 152 -10.53 -14.89 -21.64
CA SER D 152 -9.28 -14.41 -22.20
C SER D 152 -9.37 -14.16 -23.71
N ILE D 153 -8.50 -13.28 -24.19
CA ILE D 153 -8.31 -13.04 -25.62
C ILE D 153 -6.96 -13.59 -26.06
N VAL D 154 -6.97 -14.41 -27.11
CA VAL D 154 -5.78 -15.15 -27.50
C VAL D 154 -5.36 -14.90 -28.95
N GLU D 155 -4.05 -14.72 -29.14
CA GLU D 155 -3.44 -14.64 -30.47
C GLU D 155 -2.80 -15.98 -30.81
N LEU D 156 -3.21 -16.54 -31.94
CA LEU D 156 -2.82 -17.89 -32.36
C LEU D 156 -2.10 -17.87 -33.70
N LEU D 157 -1.16 -18.79 -33.89
CA LEU D 157 -0.52 -18.94 -35.18
C LEU D 157 -1.33 -19.96 -35.97
N ALA D 158 -1.83 -19.55 -37.13
CA ALA D 158 -2.69 -20.40 -37.92
C ALA D 158 -1.90 -21.57 -38.46
N THR D 159 -2.43 -22.78 -38.26
CA THR D 159 -1.76 -23.98 -38.74
C THR D 159 -2.28 -24.40 -40.11
N ARG D 160 -1.81 -25.57 -40.55
CA ARG D 160 -2.22 -26.14 -41.82
C ARG D 160 -3.65 -26.66 -41.83
N LYS D 161 -4.27 -26.72 -40.66
CA LYS D 161 -5.67 -27.13 -40.53
C LYS D 161 -6.63 -26.01 -40.85
N LEU D 162 -6.12 -24.78 -40.82
CA LEU D 162 -6.98 -23.61 -40.94
C LEU D 162 -6.78 -22.94 -42.29
N ASP D 163 -5.83 -23.45 -43.07
CA ASP D 163 -5.50 -22.87 -44.35
C ASP D 163 -6.70 -22.88 -45.30
N SER D 164 -6.92 -21.74 -45.96
CA SER D 164 -8.01 -21.57 -46.93
C SER D 164 -9.38 -21.84 -46.34
N LYS D 165 -9.50 -21.69 -45.03
CA LYS D 165 -10.79 -21.86 -44.36
C LYS D 165 -11.45 -20.52 -44.12
N SER D 166 -12.77 -20.49 -44.24
CA SER D 166 -13.54 -19.26 -44.02
C SER D 166 -13.98 -19.16 -42.57
N ILE D 167 -14.29 -17.95 -42.13
CA ILE D 167 -14.77 -17.74 -40.77
C ILE D 167 -16.11 -18.43 -40.56
N ILE D 168 -16.94 -18.42 -41.59
CA ILE D 168 -18.24 -19.07 -41.51
C ILE D 168 -18.07 -20.59 -41.52
N ASP D 169 -16.99 -21.07 -42.13
CA ASP D 169 -16.65 -22.49 -42.11
C ASP D 169 -16.30 -22.91 -40.68
N LEU D 170 -15.44 -22.12 -40.04
CA LEU D 170 -15.10 -22.34 -38.65
C LEU D 170 -16.02 -21.53 -37.75
N ASN D 171 -17.22 -22.05 -37.51
CA ASN D 171 -18.23 -21.32 -36.76
C ASN D 171 -17.92 -21.30 -35.28
N VAL D 172 -17.03 -20.41 -34.85
CA VAL D 172 -16.55 -20.41 -33.47
C VAL D 172 -17.58 -19.83 -32.51
N ARG D 173 -18.44 -18.95 -33.00
CA ARG D 173 -19.40 -18.26 -32.15
C ARG D 173 -20.45 -19.21 -31.59
N ALA D 174 -20.68 -20.31 -32.29
CA ALA D 174 -21.64 -21.32 -31.87
C ALA D 174 -20.96 -22.61 -31.43
N LYS D 175 -19.99 -23.05 -32.23
CA LYS D 175 -19.32 -24.33 -32.02
C LYS D 175 -18.47 -24.33 -30.76
N TYR D 176 -17.89 -23.18 -30.43
CA TYR D 176 -17.01 -23.11 -29.27
C TYR D 176 -17.36 -21.93 -28.34
N GLY D 177 -18.33 -21.12 -28.75
CA GLY D 177 -18.77 -20.01 -27.93
C GLY D 177 -17.75 -18.88 -27.88
N CYS D 178 -16.78 -18.93 -28.79
CA CYS D 178 -15.73 -17.92 -28.85
C CYS D 178 -15.92 -17.05 -30.08
N THR D 179 -15.29 -15.87 -30.08
CA THR D 179 -15.44 -14.96 -31.20
C THR D 179 -14.09 -14.54 -31.77
N ILE D 180 -13.97 -14.60 -33.09
CA ILE D 180 -12.75 -14.20 -33.77
C ILE D 180 -12.69 -12.68 -33.89
N LEU D 181 -11.55 -12.10 -33.53
CA LEU D 181 -11.44 -10.65 -33.49
C LEU D 181 -10.55 -10.11 -34.60
N ALA D 182 -9.50 -10.86 -34.97
CA ALA D 182 -8.57 -10.29 -35.96
C ALA D 182 -7.81 -11.30 -36.79
N ILE D 183 -7.43 -10.91 -38.01
CA ILE D 183 -6.58 -11.75 -38.84
C ILE D 183 -5.42 -10.96 -39.44
N LYS D 184 -4.20 -11.40 -39.18
CA LYS D 184 -3.02 -10.75 -39.73
C LYS D 184 -2.37 -11.64 -40.78
N HIS D 185 -2.43 -11.17 -42.02
CA HIS D 185 -1.93 -11.91 -43.18
C HIS D 185 -0.81 -11.15 -43.87
N HIS D 186 0.40 -11.72 -43.82
CA HIS D 186 1.59 -11.11 -44.39
C HIS D 186 1.79 -9.66 -43.94
N GLY D 187 1.53 -9.40 -42.66
CA GLY D 187 1.69 -8.06 -42.10
C GLY D 187 0.44 -7.21 -42.25
N ASP D 188 -0.35 -7.48 -43.29
CA ASP D 188 -1.62 -6.80 -43.49
C ASP D 188 -2.59 -7.21 -42.39
N ILE D 189 -3.47 -6.30 -41.97
CA ILE D 189 -4.29 -6.55 -40.80
C ILE D 189 -5.79 -6.34 -41.05
N CYS D 190 -6.58 -7.30 -40.61
CA CYS D 190 -8.03 -7.26 -40.75
C CYS D 190 -8.72 -7.31 -39.38
N LEU D 191 -9.38 -6.20 -39.02
CA LEU D 191 -10.02 -6.07 -37.72
C LEU D 191 -11.51 -6.41 -37.81
N SER D 192 -11.98 -7.24 -36.87
CA SER D 192 -13.37 -7.68 -36.80
C SER D 192 -13.90 -8.13 -38.16
N PRO D 193 -13.32 -9.20 -38.71
CA PRO D 193 -13.57 -9.61 -40.10
C PRO D 193 -14.95 -10.24 -40.30
N ALA D 194 -15.49 -10.07 -41.51
CA ALA D 194 -16.80 -10.60 -41.87
C ALA D 194 -16.71 -12.10 -42.15
N PRO D 195 -17.84 -12.83 -42.00
CA PRO D 195 -17.84 -14.30 -42.12
C PRO D 195 -17.31 -14.84 -43.47
N GLU D 196 -17.25 -14.00 -44.50
CA GLU D 196 -16.75 -14.45 -45.79
C GLU D 196 -15.22 -14.49 -45.81
N ASP D 197 -14.61 -13.84 -44.82
CA ASP D 197 -13.16 -13.68 -44.79
C ASP D 197 -12.39 -14.99 -44.66
N ILE D 198 -11.20 -14.99 -45.23
CA ILE D 198 -10.36 -16.17 -45.36
C ILE D 198 -9.19 -16.21 -44.37
N ILE D 199 -8.93 -17.38 -43.80
CA ILE D 199 -7.73 -17.57 -42.99
C ILE D 199 -6.69 -18.47 -43.65
N ARG D 200 -5.50 -17.93 -43.88
CA ARG D 200 -4.39 -18.73 -44.40
C ARG D 200 -3.48 -19.15 -43.26
N GLU D 201 -2.76 -20.25 -43.46
CA GLU D 201 -1.84 -20.77 -42.46
C GLU D 201 -0.74 -19.76 -42.21
N GLN D 202 -0.11 -19.84 -41.04
CA GLN D 202 1.01 -18.99 -40.64
C GLN D 202 0.53 -17.54 -40.43
N ASP D 203 -0.79 -17.34 -40.42
CA ASP D 203 -1.34 -16.02 -40.14
C ASP D 203 -1.62 -15.85 -38.67
N CYS D 204 -1.74 -14.61 -38.21
CA CYS D 204 -2.12 -14.35 -36.83
C CYS D 204 -3.64 -14.36 -36.71
N LEU D 205 -4.16 -15.12 -35.76
CA LEU D 205 -5.59 -15.18 -35.58
C LEU D 205 -5.93 -14.77 -34.15
N VAL D 206 -6.79 -13.77 -34.00
CA VAL D 206 -7.11 -13.26 -32.68
C VAL D 206 -8.54 -13.63 -32.34
N ILE D 207 -8.66 -14.59 -31.43
CA ILE D 207 -9.91 -15.12 -30.94
C ILE D 207 -10.17 -14.61 -29.51
N MET D 208 -11.44 -14.65 -29.08
CA MET D 208 -11.82 -14.18 -27.76
C MET D 208 -12.89 -15.07 -27.12
N GLY D 209 -12.70 -15.46 -25.86
CA GLY D 209 -13.72 -16.23 -25.18
C GLY D 209 -13.28 -16.90 -23.89
N HIS D 210 -13.85 -18.06 -23.60
CA HIS D 210 -13.45 -18.82 -22.42
C HIS D 210 -12.18 -19.61 -22.70
N LYS D 211 -11.33 -19.73 -21.69
CA LYS D 211 -10.04 -20.41 -21.84
C LYS D 211 -10.21 -21.85 -22.31
N LYS D 212 -10.99 -22.64 -21.57
CA LYS D 212 -11.23 -24.04 -21.90
C LYS D 212 -11.85 -24.20 -23.28
N ASP D 213 -12.72 -23.27 -23.65
CA ASP D 213 -13.37 -23.30 -24.97
C ASP D 213 -12.37 -23.06 -26.08
N ILE D 214 -11.49 -22.08 -25.86
CA ILE D 214 -10.44 -21.78 -26.83
C ILE D 214 -9.55 -22.99 -26.99
N LYS D 215 -9.17 -23.60 -25.87
CA LYS D 215 -8.41 -24.85 -25.90
C LYS D 215 -9.12 -25.95 -26.70
N ARG D 216 -10.44 -26.04 -26.54
CA ARG D 216 -11.23 -27.00 -27.31
C ARG D 216 -11.09 -26.77 -28.81
N PHE D 217 -11.30 -25.52 -29.20
CA PHE D 217 -11.15 -25.11 -30.60
C PHE D 217 -9.75 -25.41 -31.13
N GLU D 218 -8.76 -25.20 -30.27
CA GLU D 218 -7.38 -25.55 -30.59
C GLU D 218 -7.24 -27.04 -30.86
N ASN D 219 -7.87 -27.84 -30.00
CA ASN D 219 -7.76 -29.28 -30.09
C ASN D 219 -8.37 -29.84 -31.36
N GLU D 220 -9.67 -29.64 -31.55
CA GLU D 220 -10.33 -30.25 -32.71
C GLU D 220 -10.18 -29.45 -34.00
N GLY D 221 -10.14 -28.13 -33.89
CA GLY D 221 -10.10 -27.27 -35.07
C GLY D 221 -8.75 -27.26 -35.74
N MET D 222 -7.70 -26.95 -34.99
CA MET D 222 -6.37 -26.82 -35.54
C MET D 222 -5.44 -27.88 -34.95
N GLN E 8 12.67 -22.22 27.80
CA GLN E 8 12.33 -20.82 28.07
C GLN E 8 13.06 -19.89 27.11
N PHE E 9 14.29 -20.23 26.77
CA PHE E 9 15.09 -19.40 25.88
C PHE E 9 15.67 -20.19 24.71
N ALA E 10 15.56 -19.60 23.52
CA ALA E 10 16.17 -20.17 22.32
C ALA E 10 17.04 -19.13 21.64
N VAL E 11 18.28 -19.50 21.36
CA VAL E 11 19.20 -18.60 20.67
C VAL E 11 19.51 -19.15 19.28
N ILE E 12 19.14 -18.40 18.26
CA ILE E 12 19.15 -18.91 16.89
C ILE E 12 20.50 -18.73 16.19
N GLY E 13 21.23 -17.67 16.52
CA GLY E 13 22.53 -17.47 15.91
C GLY E 13 23.65 -17.59 16.93
N LEU E 14 24.44 -18.65 16.82
CA LEU E 14 25.55 -18.88 17.74
C LEU E 14 26.86 -18.33 17.19
N GLY E 15 26.98 -17.01 17.16
CA GLY E 15 28.21 -16.40 16.72
C GLY E 15 28.90 -15.76 17.91
N ARG E 16 29.75 -14.77 17.65
CA ARG E 16 30.43 -14.04 18.71
C ARG E 16 29.42 -13.43 19.68
N PHE E 17 28.31 -12.93 19.13
CA PHE E 17 27.27 -12.29 19.93
C PHE E 17 26.33 -13.31 20.55
N GLY E 18 25.64 -14.08 19.72
CA GLY E 18 24.63 -15.02 20.18
C GLY E 18 25.20 -16.12 21.05
N GLY E 19 26.37 -16.62 20.69
CA GLY E 19 27.05 -17.64 21.49
C GLY E 19 27.27 -17.17 22.91
N SER E 20 27.60 -15.90 23.06
CA SER E 20 27.81 -15.30 24.36
C SER E 20 26.50 -15.25 25.15
N ILE E 21 25.42 -14.88 24.48
CA ILE E 21 24.09 -14.84 25.09
C ILE E 21 23.73 -16.22 25.61
N CYS E 22 23.92 -17.23 24.77
CA CYS E 22 23.66 -18.62 25.12
C CYS E 22 24.47 -19.05 26.34
N LYS E 23 25.79 -18.89 26.24
CA LYS E 23 26.71 -19.27 27.31
C LYS E 23 26.37 -18.61 28.64
N GLU E 24 26.01 -17.33 28.60
CA GLU E 24 25.72 -16.58 29.82
C GLU E 24 24.37 -16.98 30.41
N LEU E 25 23.36 -17.12 29.55
CA LEU E 25 22.04 -17.58 29.99
C LEU E 25 22.15 -18.94 30.66
N HIS E 26 22.98 -19.81 30.09
CA HIS E 26 23.19 -21.13 30.66
C HIS E 26 23.95 -21.04 31.99
N ARG E 27 24.94 -20.16 32.04
CA ARG E 27 25.76 -19.99 33.24
C ARG E 27 24.94 -19.44 34.40
N MET E 28 23.94 -18.62 34.09
CA MET E 28 23.07 -18.05 35.10
C MET E 28 22.14 -19.11 35.67
N GLY E 29 21.97 -20.20 34.92
CA GLY E 29 21.17 -21.33 35.38
C GLY E 29 19.86 -21.53 34.63
N HIS E 30 19.63 -20.74 33.60
CA HIS E 30 18.44 -20.91 32.77
C HIS E 30 18.65 -22.04 31.76
N GLU E 31 17.55 -22.61 31.28
CA GLU E 31 17.63 -23.65 30.26
C GLU E 31 17.58 -23.02 28.88
N VAL E 32 18.55 -23.36 28.04
CA VAL E 32 18.71 -22.70 26.75
C VAL E 32 18.80 -23.67 25.60
N LEU E 33 18.03 -23.44 24.56
CA LEU E 33 18.15 -24.21 23.32
C LEU E 33 18.92 -23.41 22.29
N ALA E 34 20.09 -23.92 21.91
CA ALA E 34 20.93 -23.25 20.94
C ALA E 34 20.70 -23.83 19.55
N VAL E 35 20.49 -22.95 18.57
CA VAL E 35 20.29 -23.40 17.19
C VAL E 35 21.43 -22.88 16.34
N ASP E 36 21.86 -23.66 15.34
CA ASP E 36 22.82 -23.16 14.36
C ASP E 36 22.89 -24.02 13.12
N ILE E 37 23.07 -23.38 11.97
CA ILE E 37 23.20 -24.10 10.71
C ILE E 37 24.57 -24.76 10.59
N ASN E 38 25.54 -24.23 11.33
CA ASN E 38 26.90 -24.76 11.30
C ASN E 38 27.13 -25.84 12.35
N GLU E 39 27.57 -27.02 11.90
CA GLU E 39 27.73 -28.17 12.78
C GLU E 39 28.78 -27.94 13.86
N GLU E 40 29.89 -27.31 13.47
CA GLU E 40 30.96 -27.01 14.41
C GLU E 40 30.46 -26.11 15.53
N LYS E 41 29.68 -25.11 15.16
CA LYS E 41 29.09 -24.19 16.14
C LYS E 41 28.18 -24.91 17.14
N VAL E 42 27.31 -25.78 16.62
CA VAL E 42 26.40 -26.54 17.46
C VAL E 42 27.16 -27.46 18.42
N ASN E 43 28.18 -28.13 17.89
CA ASN E 43 29.02 -29.01 18.69
C ASN E 43 29.79 -28.26 19.78
N ALA E 44 30.30 -27.09 19.42
CA ALA E 44 31.11 -26.30 20.34
C ALA E 44 30.25 -25.74 21.47
N TYR E 45 28.96 -25.59 21.22
CA TYR E 45 28.05 -25.02 22.20
C TYR E 45 27.13 -26.07 22.83
N ALA E 46 27.40 -27.34 22.53
CA ALA E 46 26.69 -28.45 23.13
C ALA E 46 26.79 -28.37 24.66
N SER E 47 27.97 -27.99 25.13
CA SER E 47 28.20 -27.91 26.57
C SER E 47 27.61 -26.64 27.19
N TYR E 48 27.38 -25.62 26.38
CA TYR E 48 26.92 -24.35 26.93
C TYR E 48 25.42 -24.15 26.73
N ALA E 49 24.70 -25.25 26.60
CA ALA E 49 23.25 -25.18 26.41
C ALA E 49 22.57 -26.47 26.87
N THR E 50 21.33 -26.35 27.28
CA THR E 50 20.50 -27.51 27.64
C THR E 50 20.35 -28.43 26.44
N HIS E 51 20.05 -27.85 25.29
CA HIS E 51 19.96 -28.62 24.06
C HIS E 51 20.62 -27.81 22.94
N ALA E 52 21.22 -28.50 21.98
CA ALA E 52 21.86 -27.83 20.84
C ALA E 52 21.51 -28.54 19.55
N VAL E 53 21.02 -27.79 18.57
CA VAL E 53 20.52 -28.39 17.34
C VAL E 53 21.06 -27.73 16.07
N ILE E 54 21.39 -28.57 15.09
CA ILE E 54 21.72 -28.10 13.75
C ILE E 54 20.42 -27.80 13.01
N ALA E 55 20.27 -26.57 12.54
CA ALA E 55 19.04 -26.19 11.83
C ALA E 55 19.21 -24.90 11.02
N ASN E 56 18.51 -24.85 9.88
CA ASN E 56 18.41 -23.63 9.09
C ASN E 56 17.21 -22.82 9.53
N ALA E 57 17.47 -21.68 10.17
CA ALA E 57 16.41 -20.87 10.75
C ALA E 57 15.48 -20.23 9.73
N THR E 58 15.81 -20.37 8.44
CA THR E 58 14.97 -19.82 7.38
C THR E 58 14.04 -20.88 6.82
N GLU E 59 14.08 -22.07 7.42
CA GLU E 59 13.24 -23.17 6.98
C GLU E 59 12.16 -23.43 8.03
N GLU E 60 10.91 -23.15 7.65
CA GLU E 60 9.79 -23.18 8.59
C GLU E 60 9.60 -24.53 9.27
N ASN E 61 9.63 -25.60 8.48
CA ASN E 61 9.41 -26.95 9.01
C ASN E 61 10.50 -27.37 10.00
N GLU E 62 11.71 -26.86 9.80
CA GLU E 62 12.80 -27.13 10.73
C GLU E 62 12.54 -26.41 12.06
N LEU E 63 12.04 -25.17 11.97
CA LEU E 63 11.67 -24.40 13.16
C LEU E 63 10.59 -25.14 13.93
N LEU E 64 9.61 -25.67 13.20
CA LEU E 64 8.56 -26.49 13.82
C LEU E 64 9.16 -27.73 14.46
N SER E 65 10.15 -28.33 13.80
CA SER E 65 10.81 -29.52 14.31
C SER E 65 11.56 -29.24 15.61
N LEU E 66 12.05 -28.01 15.75
CA LEU E 66 12.74 -27.60 16.97
C LEU E 66 11.76 -27.47 18.13
N GLY E 67 10.46 -27.35 17.82
CA GLY E 67 9.46 -27.07 18.82
C GLY E 67 9.61 -25.64 19.26
N ILE E 68 9.84 -24.76 18.28
CA ILE E 68 10.18 -23.37 18.53
C ILE E 68 9.05 -22.60 19.23
N ARG E 69 7.82 -23.08 19.12
CA ARG E 69 6.69 -22.39 19.75
C ARG E 69 6.68 -22.56 21.27
N ASN E 70 7.36 -23.61 21.75
CA ASN E 70 7.45 -23.87 23.18
C ASN E 70 8.29 -22.84 23.94
N PHE E 71 8.82 -21.86 23.22
CA PHE E 71 9.72 -20.88 23.82
C PHE E 71 9.07 -19.51 23.94
N GLU E 72 9.35 -18.82 25.03
CA GLU E 72 8.80 -17.50 25.28
C GLU E 72 9.71 -16.43 24.72
N TYR E 73 10.99 -16.75 24.62
CA TYR E 73 11.99 -15.83 24.09
C TYR E 73 12.84 -16.49 23.03
N VAL E 74 12.86 -15.92 21.83
CA VAL E 74 13.75 -16.38 20.78
C VAL E 74 14.67 -15.26 20.35
N ILE E 75 15.97 -15.52 20.41
CA ILE E 75 16.96 -14.51 20.04
C ILE E 75 17.47 -14.78 18.63
N VAL E 76 17.25 -13.83 17.73
CA VAL E 76 17.76 -13.96 16.37
C VAL E 76 19.09 -13.23 16.27
N ALA E 77 20.18 -13.98 16.33
CA ALA E 77 21.50 -13.39 16.31
C ALA E 77 22.30 -13.92 15.13
N ILE E 78 21.79 -13.69 13.94
CA ILE E 78 22.54 -13.96 12.74
C ILE E 78 23.06 -12.65 12.21
N GLY E 79 24.38 -12.51 12.18
CA GLY E 79 25.00 -11.24 11.86
C GLY E 79 24.96 -10.90 10.39
N ALA E 80 25.94 -11.40 9.65
CA ALA E 80 26.18 -10.95 8.29
C ALA E 80 24.97 -11.14 7.39
N ASN E 81 24.37 -12.32 7.43
CA ASN E 81 23.26 -12.61 6.53
C ASN E 81 21.98 -11.90 6.97
N ILE E 82 21.78 -10.70 6.43
CA ILE E 82 20.59 -9.90 6.72
C ILE E 82 19.33 -10.61 6.26
N GLN E 83 19.40 -11.18 5.05
CA GLN E 83 18.28 -11.89 4.46
C GLN E 83 17.80 -13.02 5.37
N ALA E 84 18.75 -13.87 5.77
CA ALA E 84 18.44 -14.96 6.68
C ALA E 84 17.87 -14.47 8.00
N SER E 85 18.46 -13.39 8.52
CA SER E 85 18.03 -12.83 9.80
C SER E 85 16.58 -12.35 9.78
N THR E 86 16.25 -11.51 8.81
CA THR E 86 14.90 -10.96 8.71
C THR E 86 13.88 -12.02 8.30
N LEU E 87 14.29 -12.95 7.44
CA LEU E 87 13.41 -14.04 7.05
C LEU E 87 13.08 -14.88 8.27
N THR E 88 14.09 -15.17 9.07
CA THR E 88 13.91 -15.91 10.32
C THR E 88 12.98 -15.19 11.27
N THR E 89 13.25 -13.91 11.50
CA THR E 89 12.43 -13.05 12.35
C THR E 89 10.97 -13.09 11.89
N LEU E 90 10.79 -13.05 10.57
CA LEU E 90 9.49 -13.09 9.95
C LEU E 90 8.76 -14.40 10.26
N LEU E 91 9.44 -15.51 10.00
CA LEU E 91 8.87 -16.83 10.27
C LEU E 91 8.48 -16.97 11.74
N LEU E 92 9.33 -16.46 12.63
CA LEU E 92 9.07 -16.47 14.05
C LEU E 92 7.84 -15.63 14.42
N LYS E 93 7.68 -14.50 13.72
CA LYS E 93 6.54 -13.64 13.96
C LYS E 93 5.26 -14.33 13.50
N GLU E 94 5.37 -15.14 12.45
CA GLU E 94 4.24 -15.91 11.96
C GLU E 94 3.82 -16.97 12.97
N LEU E 95 4.80 -17.52 13.69
CA LEU E 95 4.54 -18.58 14.65
C LEU E 95 4.15 -18.06 16.03
N ASP E 96 3.83 -16.76 16.09
CA ASP E 96 3.29 -16.13 17.29
C ASP E 96 4.23 -16.17 18.49
N ILE E 97 5.54 -16.17 18.23
CA ILE E 97 6.52 -16.08 19.30
C ILE E 97 6.32 -14.79 20.08
N PRO E 98 6.17 -14.89 21.41
CA PRO E 98 5.88 -13.74 22.27
C PRO E 98 6.98 -12.67 22.23
N ASN E 99 8.23 -13.10 22.30
CA ASN E 99 9.36 -12.16 22.28
C ASN E 99 10.42 -12.56 21.27
N ILE E 100 10.61 -11.71 20.26
CA ILE E 100 11.63 -11.94 19.24
C ILE E 100 12.66 -10.82 19.27
N TRP E 101 13.88 -11.17 19.66
CA TRP E 101 14.97 -10.19 19.75
C TRP E 101 15.97 -10.42 18.65
N VAL E 102 16.26 -9.37 17.86
CA VAL E 102 17.11 -9.53 16.70
C VAL E 102 18.31 -8.59 16.71
N LYS E 103 19.47 -9.10 16.29
CA LYS E 103 20.66 -8.28 16.11
C LYS E 103 20.64 -7.60 14.75
N ALA E 104 20.77 -6.27 14.76
CA ALA E 104 20.76 -5.49 13.53
C ALA E 104 22.17 -5.20 13.02
N GLN E 105 22.32 -5.19 11.69
CA GLN E 105 23.60 -4.88 11.08
C GLN E 105 23.75 -3.39 10.79
N ASN E 106 22.68 -2.76 10.34
CA ASN E 106 22.70 -1.36 9.99
C ASN E 106 21.34 -0.70 10.16
N TYR E 107 21.23 0.56 9.71
CA TYR E 107 19.99 1.31 9.80
C TYR E 107 18.85 0.58 9.09
N TYR E 108 19.12 0.15 7.86
CA TYR E 108 18.14 -0.58 7.05
C TYR E 108 17.63 -1.82 7.77
N HIS E 109 18.55 -2.63 8.29
CA HIS E 109 18.20 -3.86 8.97
C HIS E 109 17.30 -3.52 10.16
N HIS E 110 17.66 -2.47 10.89
CA HIS E 110 16.85 -1.98 12.00
C HIS E 110 15.44 -1.64 11.55
N LYS E 111 15.32 -0.97 10.40
CA LYS E 111 14.02 -0.56 9.89
C LYS E 111 13.14 -1.74 9.49
N VAL E 112 13.68 -2.66 8.69
CA VAL E 112 12.88 -3.80 8.25
C VAL E 112 12.51 -4.71 9.41
N LEU E 113 13.43 -4.88 10.36
CA LEU E 113 13.10 -5.63 11.58
C LEU E 113 12.01 -4.92 12.36
N GLU E 114 12.10 -3.61 12.41
CA GLU E 114 11.11 -2.76 13.06
C GLU E 114 9.72 -3.01 12.48
N LYS E 115 9.62 -3.04 11.16
CA LYS E 115 8.33 -3.19 10.50
C LYS E 115 7.76 -4.61 10.52
N ILE E 116 8.63 -5.62 10.51
CA ILE E 116 8.15 -6.99 10.52
C ILE E 116 7.90 -7.51 11.93
N GLY E 117 7.85 -6.58 12.89
CA GLY E 117 7.44 -6.89 14.24
C GLY E 117 8.47 -7.53 15.15
N ALA E 118 9.68 -7.00 15.14
CA ALA E 118 10.70 -7.42 16.11
C ALA E 118 10.44 -6.72 17.44
N ASP E 119 10.46 -7.48 18.52
CA ASP E 119 10.10 -6.94 19.83
C ASP E 119 11.23 -6.07 20.40
N ARG E 120 12.47 -6.48 20.18
CA ARG E 120 13.61 -5.65 20.55
C ARG E 120 14.74 -5.79 19.55
N ILE E 121 15.28 -4.65 19.13
CA ILE E 121 16.36 -4.64 18.16
C ILE E 121 17.64 -4.11 18.81
N ILE E 122 18.69 -4.93 18.78
CA ILE E 122 19.95 -4.61 19.44
C ILE E 122 21.05 -4.25 18.44
N HIS E 123 21.72 -3.12 18.69
CA HIS E 123 22.94 -2.79 17.95
C HIS E 123 24.13 -2.98 18.89
N PRO E 124 24.69 -4.20 18.92
CA PRO E 124 25.72 -4.58 19.90
C PRO E 124 26.96 -3.71 19.87
N GLN E 125 27.63 -3.69 18.72
CA GLN E 125 28.88 -2.97 18.57
C GLN E 125 28.66 -1.48 18.79
N LYS E 126 27.50 -1.01 18.32
CA LYS E 126 27.09 0.38 18.51
C LYS E 126 26.91 0.77 19.97
N ASP E 127 26.09 0.01 20.70
CA ASP E 127 25.79 0.32 22.09
C ASP E 127 27.02 0.20 23.00
N MET E 128 27.78 -0.88 22.84
CA MET E 128 29.00 -1.03 23.63
C MET E 128 29.97 0.07 23.23
N GLY E 129 29.87 0.48 21.97
CA GLY E 129 30.61 1.61 21.47
C GLY E 129 30.33 2.89 22.25
N VAL E 130 29.07 3.26 22.35
CA VAL E 130 28.72 4.49 23.03
C VAL E 130 29.10 4.40 24.51
N LYS E 131 28.92 3.23 25.14
CA LYS E 131 29.30 3.13 26.56
C LYS E 131 30.81 3.34 26.74
N ILE E 132 31.58 2.71 25.87
CA ILE E 132 33.04 2.83 25.92
C ILE E 132 33.49 4.27 25.63
N ALA E 133 32.84 4.93 24.68
CA ALA E 133 33.13 6.33 24.39
C ALA E 133 32.85 7.21 25.62
N GLN E 134 31.74 6.92 26.31
CA GLN E 134 31.41 7.62 27.55
C GLN E 134 32.55 7.49 28.54
N SER E 135 33.04 6.27 28.72
CA SER E 135 34.13 6.05 29.68
C SER E 135 35.49 6.62 29.29
N LEU E 136 35.78 6.65 27.99
CA LEU E 136 37.03 7.21 27.51
C LEU E 136 37.10 8.73 27.52
N SER E 137 36.02 9.39 27.11
CA SER E 137 36.05 10.84 26.91
C SER E 137 36.26 11.54 28.24
N ASP E 138 35.78 10.91 29.31
CA ASP E 138 36.02 11.37 30.65
C ASP E 138 36.40 10.15 31.47
N GLU E 139 37.65 10.12 31.92
CA GLU E 139 38.17 8.98 32.68
C GLU E 139 37.58 8.92 34.08
N ASN E 140 37.01 10.04 34.52
CA ASN E 140 36.43 10.08 35.85
C ASN E 140 35.12 9.32 35.90
N VAL E 141 34.33 9.37 34.83
CA VAL E 141 33.11 8.56 34.77
C VAL E 141 33.49 7.10 34.47
N LEU E 142 33.19 6.22 35.43
CA LEU E 142 33.48 4.79 35.28
C LEU E 142 32.29 4.03 34.70
N ASN E 143 31.10 4.40 35.14
CA ASN E 143 29.87 3.77 34.70
C ASN E 143 28.69 4.68 35.02
N TYR E 144 27.50 4.34 34.52
CA TYR E 144 26.32 5.17 34.75
C TYR E 144 25.03 4.50 34.32
N ILE E 145 23.91 5.08 34.76
CA ILE E 145 22.59 4.67 34.30
C ILE E 145 21.69 5.89 34.17
N ASP E 146 21.08 6.04 32.99
CA ASP E 146 20.19 7.16 32.73
C ASP E 146 18.76 6.85 33.18
N LEU E 147 18.27 7.60 34.16
CA LEU E 147 16.91 7.43 34.65
C LEU E 147 15.93 8.03 33.64
N SER E 148 16.37 9.10 32.99
CA SER E 148 15.61 9.77 31.94
C SER E 148 16.54 10.58 31.08
N ASP E 149 15.98 11.34 30.14
CA ASP E 149 16.77 12.21 29.26
C ASP E 149 17.63 13.21 30.02
N GLU E 150 17.20 13.59 31.21
CA GLU E 150 17.88 14.64 31.96
C GLU E 150 18.50 14.14 33.26
N TYR E 151 17.92 13.09 33.84
CA TYR E 151 18.38 12.62 35.14
C TYR E 151 19.11 11.30 35.06
N SER E 152 20.16 11.16 35.87
CA SER E 152 21.07 10.05 35.79
C SER E 152 21.81 9.76 37.10
N ILE E 153 22.24 8.52 37.25
CA ILE E 153 23.12 8.11 38.35
C ILE E 153 24.49 7.80 37.76
N VAL E 154 25.52 8.43 38.31
CA VAL E 154 26.86 8.36 37.74
C VAL E 154 27.90 7.86 38.74
N GLU E 155 28.80 7.00 38.26
CA GLU E 155 29.93 6.55 39.06
C GLU E 155 31.18 7.33 38.64
N LEU E 156 31.80 8.00 39.59
CA LEU E 156 32.92 8.90 39.35
C LEU E 156 34.17 8.48 40.12
N LEU E 157 35.34 8.71 39.53
CA LEU E 157 36.60 8.45 40.20
C LEU E 157 37.11 9.71 40.91
N ALA E 158 37.30 9.61 42.22
CA ALA E 158 37.74 10.75 43.02
C ALA E 158 39.18 11.13 42.70
N THR E 159 39.41 12.41 42.43
CA THR E 159 40.75 12.91 42.13
C THR E 159 41.43 13.45 43.37
N ARG E 160 42.61 14.06 43.19
CA ARG E 160 43.36 14.64 44.29
C ARG E 160 42.67 15.90 44.81
N LYS E 161 41.64 16.36 44.08
CA LYS E 161 40.85 17.50 44.50
C LYS E 161 39.84 17.09 45.57
N LEU E 162 39.55 15.80 45.62
CA LEU E 162 38.53 15.28 46.53
C LEU E 162 39.12 14.47 47.67
N ASP E 163 40.44 14.27 47.63
CA ASP E 163 41.13 13.46 48.62
C ASP E 163 40.93 14.03 50.02
N SER E 164 40.64 13.16 50.98
CA SER E 164 40.46 13.54 52.39
C SER E 164 39.34 14.56 52.59
N LYS E 165 38.39 14.61 51.67
CA LYS E 165 37.25 15.51 51.80
C LYS E 165 36.04 14.79 52.35
N SER E 166 35.27 15.49 53.18
CA SER E 166 34.07 14.92 53.79
C SER E 166 32.84 15.20 52.94
N ILE E 167 31.79 14.41 53.14
CA ILE E 167 30.54 14.58 52.42
C ILE E 167 29.89 15.92 52.76
N ILE E 168 29.98 16.33 54.02
CA ILE E 168 29.43 17.60 54.44
C ILE E 168 30.28 18.75 53.89
N ASP E 169 31.57 18.49 53.68
CA ASP E 169 32.47 19.46 53.06
C ASP E 169 32.05 19.71 51.62
N LEU E 170 31.81 18.63 50.89
CA LEU E 170 31.32 18.72 49.52
C LEU E 170 29.80 18.67 49.53
N ASN E 171 29.18 19.82 49.81
CA ASN E 171 27.73 19.87 49.95
C ASN E 171 27.04 19.81 48.60
N VAL E 172 26.90 18.60 48.07
CA VAL E 172 26.33 18.42 46.73
C VAL E 172 24.81 18.53 46.75
N ARG E 173 24.20 18.20 47.87
CA ARG E 173 22.74 18.15 47.98
C ARG E 173 22.13 19.54 47.84
N ALA E 174 22.89 20.57 48.18
CA ALA E 174 22.41 21.93 48.08
C ALA E 174 23.10 22.71 46.97
N LYS E 175 24.43 22.62 46.94
CA LYS E 175 25.22 23.43 45.99
C LYS E 175 25.05 22.99 44.54
N TYR E 176 24.80 21.70 44.32
CA TYR E 176 24.69 21.19 42.96
C TYR E 176 23.40 20.40 42.75
N GLY E 177 22.63 20.24 43.82
CA GLY E 177 21.34 19.57 43.74
C GLY E 177 21.44 18.07 43.50
N CYS E 178 22.63 17.51 43.65
CA CYS E 178 22.85 16.09 43.44
C CYS E 178 23.11 15.40 44.79
N THR E 179 22.93 14.09 44.83
CA THR E 179 23.12 13.36 46.09
C THR E 179 24.07 12.16 45.93
N ILE E 180 25.01 12.05 46.88
CA ILE E 180 25.96 10.95 46.90
C ILE E 180 25.32 9.70 47.48
N LEU E 181 25.52 8.56 46.81
CA LEU E 181 24.85 7.33 47.20
C LEU E 181 25.80 6.29 47.79
N ALA E 182 27.03 6.24 47.30
CA ALA E 182 27.95 5.19 47.75
C ALA E 182 29.42 5.57 47.60
N ILE E 183 30.26 5.00 48.46
CA ILE E 183 31.71 5.18 48.38
C ILE E 183 32.43 3.84 48.48
N LYS E 184 33.24 3.52 47.48
CA LYS E 184 34.01 2.27 47.48
C LYS E 184 35.50 2.55 47.68
N HIS E 185 36.01 2.14 48.84
CA HIS E 185 37.40 2.38 49.22
C HIS E 185 38.16 1.06 49.40
N HIS E 186 39.15 0.82 48.54
CA HIS E 186 39.95 -0.40 48.56
C HIS E 186 39.08 -1.66 48.55
N GLY E 187 38.02 -1.67 47.75
CA GLY E 187 37.14 -2.81 47.66
C GLY E 187 36.04 -2.80 48.71
N ASP E 188 36.33 -2.17 49.85
CA ASP E 188 35.32 -2.01 50.90
C ASP E 188 34.24 -1.06 50.42
N ILE E 189 33.00 -1.28 50.85
CA ILE E 189 31.87 -0.55 50.29
C ILE E 189 31.00 0.11 51.36
N CYS E 190 30.68 1.38 51.11
CA CYS E 190 29.84 2.16 52.02
C CYS E 190 28.59 2.66 51.31
N LEU E 191 27.44 2.14 51.72
CA LEU E 191 26.15 2.48 51.09
C LEU E 191 25.43 3.58 51.84
N SER E 192 24.95 4.58 51.10
CA SER E 192 24.23 5.72 51.66
C SER E 192 24.96 6.29 52.87
N PRO E 193 26.18 6.81 52.64
CA PRO E 193 27.07 7.19 53.73
C PRO E 193 26.64 8.46 54.45
N ALA E 194 26.97 8.54 55.74
CA ALA E 194 26.63 9.68 56.58
C ALA E 194 27.59 10.84 56.30
N PRO E 195 27.15 12.09 56.56
CA PRO E 195 27.95 13.27 56.23
C PRO E 195 29.35 13.32 56.85
N GLU E 196 29.61 12.52 57.88
CA GLU E 196 30.93 12.52 58.51
C GLU E 196 31.94 11.72 57.69
N ASP E 197 31.44 10.89 56.79
CA ASP E 197 32.29 9.97 56.03
C ASP E 197 33.26 10.71 55.12
N ILE E 198 34.43 10.09 54.91
CA ILE E 198 35.48 10.70 54.11
C ILE E 198 35.53 10.10 52.72
N ILE E 199 35.74 10.93 51.71
CA ILE E 199 35.99 10.44 50.37
C ILE E 199 37.47 10.58 50.10
N ARG E 200 38.13 9.45 49.91
CA ARG E 200 39.55 9.45 49.66
C ARG E 200 39.82 9.23 48.18
N GLU E 201 40.96 9.67 47.68
CA GLU E 201 41.25 9.58 46.25
C GLU E 201 41.32 8.14 45.74
N GLN E 202 41.08 8.00 44.43
CA GLN E 202 41.16 6.73 43.70
C GLN E 202 40.02 5.80 44.14
N ASP E 203 39.08 6.34 44.92
CA ASP E 203 37.91 5.58 45.36
C ASP E 203 36.74 5.77 44.41
N CYS E 204 35.78 4.86 44.49
CA CYS E 204 34.55 4.98 43.69
C CYS E 204 33.52 5.86 44.39
N LEU E 205 32.97 6.83 43.66
CA LEU E 205 31.97 7.72 44.21
C LEU E 205 30.69 7.65 43.40
N VAL E 206 29.55 7.41 44.04
CA VAL E 206 28.31 7.26 43.29
C VAL E 206 27.38 8.44 43.55
N ILE E 207 27.25 9.31 42.55
CA ILE E 207 26.40 10.48 42.66
C ILE E 207 25.10 10.28 41.87
N MET E 208 24.06 11.04 42.21
CA MET E 208 22.77 10.94 41.54
C MET E 208 22.15 12.32 41.36
N GLY E 209 21.67 12.61 40.16
CA GLY E 209 20.99 13.87 39.93
C GLY E 209 20.80 14.25 38.48
N HIS E 210 20.85 15.56 38.20
CA HIS E 210 20.75 16.05 36.84
C HIS E 210 22.10 15.97 36.14
N LYS E 211 22.09 15.66 34.86
CA LYS E 211 23.32 15.51 34.08
C LYS E 211 24.20 16.76 34.11
N LYS E 212 23.62 17.89 33.73
CA LYS E 212 24.34 19.16 33.73
C LYS E 212 24.88 19.53 35.11
N ASP E 213 24.12 19.19 36.15
CA ASP E 213 24.52 19.47 37.53
C ASP E 213 25.72 18.61 37.92
N ILE E 214 25.69 17.34 37.54
CA ILE E 214 26.78 16.43 37.81
C ILE E 214 28.04 16.90 37.09
N LYS E 215 27.88 17.30 35.83
CA LYS E 215 28.98 17.90 35.07
C LYS E 215 29.55 19.14 35.75
N ARG E 216 28.67 19.97 36.32
CA ARG E 216 29.09 21.15 37.07
C ARG E 216 29.97 20.76 38.25
N PHE E 217 29.48 19.81 39.04
CA PHE E 217 30.22 19.28 40.19
C PHE E 217 31.57 18.71 39.78
N GLU E 218 31.60 18.05 38.62
CA GLU E 218 32.86 17.55 38.07
C GLU E 218 33.80 18.70 37.79
N ASN E 219 33.26 19.77 37.20
CA ASN E 219 34.07 20.92 36.81
C ASN E 219 34.69 21.64 37.99
N GLU E 220 33.87 22.16 38.90
CA GLU E 220 34.41 22.96 39.99
C GLU E 220 34.91 22.12 41.16
N GLY E 221 34.25 20.99 41.41
CA GLY E 221 34.58 20.15 42.56
C GLY E 221 35.86 19.34 42.36
N MET E 222 35.93 18.58 41.28
CA MET E 222 37.06 17.69 41.05
C MET E 222 37.83 18.10 39.80
N GLN F 8 43.21 14.25 21.55
CA GLN F 8 43.11 13.44 22.76
C GLN F 8 42.72 12.01 22.43
N PHE F 9 41.85 11.85 21.42
CA PHE F 9 41.39 10.52 21.03
C PHE F 9 41.54 10.27 19.53
N ALA F 10 42.03 9.09 19.19
CA ALA F 10 42.10 8.68 17.79
C ALA F 10 41.42 7.34 17.57
N VAL F 11 40.51 7.29 16.61
CA VAL F 11 39.82 6.06 16.26
C VAL F 11 40.22 5.64 14.86
N ILE F 12 40.85 4.48 14.76
CA ILE F 12 41.51 4.07 13.52
C ILE F 12 40.60 3.31 12.54
N GLY F 13 39.63 2.57 13.07
CA GLY F 13 38.70 1.86 12.21
C GLY F 13 37.28 2.36 12.33
N LEU F 14 36.78 2.99 11.27
CA LEU F 14 35.42 3.52 11.27
C LEU F 14 34.43 2.53 10.70
N GLY F 15 34.17 1.47 11.46
CA GLY F 15 33.19 0.47 11.07
C GLY F 15 31.98 0.55 11.98
N ARG F 16 31.24 -0.54 12.07
CA ARG F 16 30.08 -0.62 12.95
C ARG F 16 30.45 -0.31 14.40
N PHE F 17 31.59 -0.83 14.84
CA PHE F 17 32.04 -0.66 16.21
C PHE F 17 32.74 0.68 16.42
N GLY F 18 33.85 0.89 15.70
CA GLY F 18 34.66 2.07 15.86
C GLY F 18 33.94 3.35 15.51
N GLY F 19 33.13 3.31 14.46
CA GLY F 19 32.33 4.45 14.04
C GLY F 19 31.42 4.95 15.15
N SER F 20 30.86 4.01 15.91
CA SER F 20 30.00 4.36 17.03
C SER F 20 30.80 5.06 18.13
N ILE F 21 31.99 4.55 18.40
CA ILE F 21 32.89 5.16 19.37
C ILE F 21 33.21 6.60 18.97
N CYS F 22 33.57 6.78 17.70
CA CYS F 22 33.86 8.10 17.16
C CYS F 22 32.70 9.05 17.31
N LYS F 23 31.55 8.66 16.76
CA LYS F 23 30.33 9.46 16.82
C LYS F 23 29.93 9.85 18.24
N GLU F 24 30.05 8.91 19.18
CA GLU F 24 29.64 9.17 20.55
C GLU F 24 30.62 10.08 21.28
N LEU F 25 31.91 9.82 21.10
CA LEU F 25 32.97 10.66 21.66
C LEU F 25 32.80 12.09 21.17
N HIS F 26 32.45 12.23 19.90
CA HIS F 26 32.18 13.53 19.30
C HIS F 26 30.93 14.15 19.89
N ARG F 27 29.92 13.33 20.13
CA ARG F 27 28.65 13.79 20.67
C ARG F 27 28.81 14.35 22.08
N MET F 28 29.77 13.81 22.83
CA MET F 28 30.00 14.32 24.18
C MET F 28 30.68 15.68 24.17
N GLY F 29 31.34 16.01 23.05
CA GLY F 29 31.96 17.32 22.89
C GLY F 29 33.47 17.30 22.91
N HIS F 30 34.03 16.09 23.01
CA HIS F 30 35.48 15.91 22.96
C HIS F 30 35.97 15.88 21.52
N GLU F 31 37.26 16.18 21.33
CA GLU F 31 37.85 16.17 20.00
C GLU F 31 38.44 14.82 19.63
N VAL F 32 38.01 14.32 18.47
CA VAL F 32 38.35 12.97 18.03
C VAL F 32 38.87 13.00 16.60
N LEU F 33 39.98 12.32 16.37
CA LEU F 33 40.48 12.16 15.01
C LEU F 33 40.10 10.79 14.46
N ALA F 34 39.29 10.80 13.41
CA ALA F 34 38.82 9.57 12.79
C ALA F 34 39.69 9.18 11.61
N VAL F 35 40.12 7.92 11.59
CA VAL F 35 40.96 7.41 10.50
C VAL F 35 40.22 6.31 9.75
N ASP F 36 40.42 6.22 8.44
CA ASP F 36 39.91 5.07 7.69
C ASP F 36 40.55 4.95 6.32
N ILE F 37 40.84 3.73 5.89
CA ILE F 37 41.45 3.50 4.59
C ILE F 37 40.40 3.70 3.49
N ASN F 38 39.13 3.52 3.84
CA ASN F 38 38.04 3.68 2.89
C ASN F 38 37.56 5.13 2.89
N GLU F 39 37.62 5.76 1.72
CA GLU F 39 37.33 7.19 1.58
C GLU F 39 35.88 7.53 1.93
N GLU F 40 34.96 6.65 1.54
CA GLU F 40 33.54 6.84 1.81
C GLU F 40 33.28 6.93 3.31
N LYS F 41 33.92 6.04 4.07
CA LYS F 41 33.82 6.04 5.52
C LYS F 41 34.30 7.37 6.11
N VAL F 42 35.44 7.85 5.60
CA VAL F 42 36.00 9.12 6.03
C VAL F 42 35.05 10.28 5.76
N ASN F 43 34.44 10.27 4.57
CA ASN F 43 33.47 11.29 4.20
C ASN F 43 32.23 11.27 5.09
N ALA F 44 31.75 10.08 5.40
CA ALA F 44 30.53 9.93 6.18
C ALA F 44 30.70 10.37 7.64
N TYR F 45 31.94 10.33 8.12
CA TYR F 45 32.22 10.64 9.52
C TYR F 45 32.87 12.01 9.67
N ALA F 46 32.94 12.75 8.57
CA ALA F 46 33.44 14.11 8.59
C ALA F 46 32.66 14.98 9.57
N SER F 47 31.34 14.78 9.60
CA SER F 47 30.46 15.55 10.47
C SER F 47 30.50 15.04 11.91
N TYR F 48 30.92 13.81 12.09
CA TYR F 48 30.90 13.17 13.40
C TYR F 48 32.29 13.09 14.03
N ALA F 49 33.18 13.98 13.60
CA ALA F 49 34.54 14.02 14.15
C ALA F 49 35.16 15.40 13.93
N THR F 50 36.08 15.77 14.81
CA THR F 50 36.83 17.00 14.67
C THR F 50 37.62 17.01 13.36
N HIS F 51 38.31 15.90 13.11
CA HIS F 51 39.02 15.71 11.83
C HIS F 51 38.85 14.26 11.36
N ALA F 52 38.83 14.08 10.04
CA ALA F 52 38.70 12.75 9.45
C ALA F 52 39.69 12.58 8.31
N VAL F 53 40.47 11.50 8.36
CA VAL F 53 41.55 11.30 7.39
C VAL F 53 41.55 9.90 6.76
N ILE F 54 41.82 9.87 5.45
CA ILE F 54 42.08 8.64 4.73
C ILE F 54 43.50 8.18 5.00
N ALA F 55 43.64 6.96 5.51
CA ALA F 55 44.96 6.43 5.83
C ALA F 55 44.96 4.92 5.99
N ASN F 56 46.07 4.30 5.60
CA ASN F 56 46.28 2.88 5.83
C ASN F 56 46.96 2.69 7.18
N ALA F 57 46.22 2.15 8.14
CA ALA F 57 46.72 2.01 9.51
C ALA F 57 47.88 1.02 9.59
N THR F 58 48.17 0.36 8.47
CA THR F 58 49.26 -0.59 8.43
C THR F 58 50.54 0.04 7.86
N GLU F 59 50.48 1.33 7.57
CA GLU F 59 51.65 2.04 7.03
C GLU F 59 52.20 3.05 8.03
N GLU F 60 53.41 2.80 8.52
CA GLU F 60 53.99 3.58 9.61
C GLU F 60 54.10 5.08 9.32
N ASN F 61 54.61 5.40 8.13
CA ASN F 61 54.79 6.80 7.75
C ASN F 61 53.46 7.53 7.67
N GLU F 62 52.41 6.79 7.32
CA GLU F 62 51.06 7.36 7.29
C GLU F 62 50.53 7.63 8.70
N LEU F 63 50.77 6.71 9.63
CA LEU F 63 50.38 6.90 11.03
C LEU F 63 51.06 8.13 11.59
N LEU F 64 52.36 8.22 11.31
CA LEU F 64 53.17 9.36 11.71
C LEU F 64 52.68 10.66 11.08
N SER F 65 52.28 10.60 9.81
CA SER F 65 51.77 11.77 9.09
C SER F 65 50.49 12.29 9.74
N LEU F 66 49.74 11.38 10.35
CA LEU F 66 48.51 11.74 11.05
C LEU F 66 48.82 12.53 12.33
N GLY F 67 50.06 12.44 12.79
CA GLY F 67 50.44 13.02 14.07
C GLY F 67 49.88 12.18 15.20
N ILE F 68 49.97 10.87 15.03
CA ILE F 68 49.36 9.92 15.96
C ILE F 68 49.97 9.98 17.36
N ARG F 69 51.20 10.47 17.46
CA ARG F 69 51.87 10.55 18.76
C ARG F 69 51.29 11.66 19.63
N ASN F 70 50.63 12.62 18.99
CA ASN F 70 49.99 13.72 19.71
C ASN F 70 48.75 13.28 20.49
N PHE F 71 48.42 11.99 20.41
CA PHE F 71 47.22 11.45 21.03
C PHE F 71 47.54 10.56 22.22
N GLU F 72 46.72 10.68 23.26
CA GLU F 72 46.89 9.91 24.48
C GLU F 72 46.16 8.57 24.39
N TYR F 73 45.10 8.55 23.58
CA TYR F 73 44.31 7.35 23.38
C TYR F 73 44.12 7.03 21.90
N VAL F 74 44.55 5.85 21.48
CA VAL F 74 44.31 5.40 20.12
C VAL F 74 43.50 4.10 20.14
N ILE F 75 42.37 4.11 19.46
CA ILE F 75 41.49 2.95 19.39
C ILE F 75 41.67 2.19 18.09
N VAL F 76 42.06 0.92 18.20
CA VAL F 76 42.22 0.07 17.03
C VAL F 76 40.94 -0.72 16.78
N ALA F 77 40.13 -0.25 15.84
CA ALA F 77 38.86 -0.90 15.56
C ALA F 77 38.75 -1.36 14.12
N ILE F 78 39.66 -2.23 13.71
CA ILE F 78 39.53 -2.92 12.43
C ILE F 78 39.09 -4.34 12.70
N GLY F 79 37.92 -4.71 12.17
CA GLY F 79 37.31 -5.97 12.52
C GLY F 79 37.95 -7.18 11.85
N ALA F 80 37.52 -7.47 10.63
CA ALA F 80 37.84 -8.75 9.98
C ALA F 80 39.34 -9.01 9.85
N ASN F 81 40.08 -8.01 9.37
CA ASN F 81 41.51 -8.18 9.11
C ASN F 81 42.36 -8.21 10.39
N ILE F 82 42.60 -9.40 10.91
CA ILE F 82 43.40 -9.59 12.11
C ILE F 82 44.84 -9.08 11.92
N GLN F 83 45.42 -9.41 10.77
CA GLN F 83 46.79 -9.00 10.42
C GLN F 83 46.96 -7.50 10.50
N ALA F 84 46.07 -6.77 9.84
CA ALA F 84 46.09 -5.32 9.85
C ALA F 84 45.96 -4.79 11.26
N SER F 85 45.09 -5.43 12.04
CA SER F 85 44.85 -5.03 13.42
C SER F 85 46.11 -5.14 14.28
N THR F 86 46.75 -6.30 14.24
CA THR F 86 47.94 -6.54 15.06
C THR F 86 49.10 -5.69 14.58
N LEU F 87 49.18 -5.52 13.27
CA LEU F 87 50.23 -4.71 12.70
C LEU F 87 50.06 -3.26 13.20
N THR F 88 48.84 -2.77 13.15
CA THR F 88 48.49 -1.41 13.59
C THR F 88 48.79 -1.19 15.08
N THR F 89 48.27 -2.10 15.90
CA THR F 89 48.50 -2.10 17.34
C THR F 89 50.00 -2.05 17.63
N LEU F 90 50.74 -2.84 16.86
CA LEU F 90 52.21 -2.90 16.98
C LEU F 90 52.90 -1.59 16.68
N LEU F 91 52.60 -1.01 15.53
CA LEU F 91 53.19 0.28 15.16
C LEU F 91 52.89 1.33 16.22
N LEU F 92 51.66 1.29 16.73
CA LEU F 92 51.24 2.20 17.78
C LEU F 92 52.05 1.98 19.05
N LYS F 93 52.36 0.72 19.35
CA LYS F 93 53.16 0.39 20.52
C LYS F 93 54.59 0.89 20.36
N GLU F 94 55.07 0.87 19.11
CA GLU F 94 56.39 1.38 18.78
C GLU F 94 56.48 2.88 18.98
N LEU F 95 55.39 3.57 18.69
CA LEU F 95 55.34 5.03 18.75
C LEU F 95 55.03 5.54 20.17
N ASP F 96 55.11 4.63 21.13
CA ASP F 96 55.00 4.96 22.55
C ASP F 96 53.65 5.58 22.92
N ILE F 97 52.60 5.19 22.19
CA ILE F 97 51.25 5.60 22.53
C ILE F 97 50.88 5.12 23.94
N PRO F 98 50.43 6.05 24.80
CA PRO F 98 50.12 5.75 26.20
C PRO F 98 49.01 4.72 26.38
N ASN F 99 47.92 4.85 25.63
CA ASN F 99 46.79 3.95 25.75
C ASN F 99 46.32 3.39 24.41
N ILE F 100 46.44 2.08 24.24
CA ILE F 100 46.00 1.41 23.01
C ILE F 100 44.87 0.42 23.28
N TRP F 101 43.68 0.72 22.80
CA TRP F 101 42.53 -0.16 22.96
C TRP F 101 42.13 -0.79 21.63
N VAL F 102 42.07 -2.12 21.61
CA VAL F 102 41.85 -2.86 20.36
C VAL F 102 40.66 -3.82 20.45
N LYS F 103 39.88 -3.89 19.36
CA LYS F 103 38.80 -4.87 19.27
C LYS F 103 39.33 -6.23 18.84
N ALA F 104 39.03 -7.25 19.63
CA ALA F 104 39.49 -8.61 19.33
C ALA F 104 38.44 -9.40 18.54
N GLN F 105 38.91 -10.23 17.62
CA GLN F 105 38.02 -11.07 16.82
C GLN F 105 37.78 -12.42 17.48
N ASN F 106 38.85 -12.98 18.05
CA ASN F 106 38.78 -14.28 18.68
C ASN F 106 39.83 -14.43 19.80
N TYR F 107 39.93 -15.65 20.33
CA TYR F 107 40.88 -15.95 21.39
C TYR F 107 42.31 -15.63 20.99
N TYR F 108 42.69 -16.12 19.82
CA TYR F 108 44.03 -15.87 19.29
C TYR F 108 44.35 -14.39 19.17
N HIS F 109 43.45 -13.62 18.58
CA HIS F 109 43.66 -12.19 18.41
C HIS F 109 43.83 -11.50 19.77
N HIS F 110 43.01 -11.93 20.72
CA HIS F 110 43.15 -11.46 22.10
C HIS F 110 44.57 -11.74 22.59
N LYS F 111 45.09 -12.92 22.28
CA LYS F 111 46.43 -13.29 22.70
C LYS F 111 47.52 -12.42 22.02
N VAL F 112 47.46 -12.22 20.70
CA VAL F 112 48.51 -11.40 20.08
C VAL F 112 48.47 -9.98 20.57
N LEU F 113 47.28 -9.45 20.75
CA LEU F 113 47.13 -8.11 21.29
C LEU F 113 47.68 -8.04 22.72
N GLU F 114 47.39 -9.07 23.50
CA GLU F 114 47.89 -9.16 24.87
C GLU F 114 49.41 -9.09 24.92
N LYS F 115 50.08 -9.85 24.06
CA LYS F 115 51.53 -9.91 24.09
C LYS F 115 52.22 -8.67 23.48
N ILE F 116 51.59 -8.04 22.50
CA ILE F 116 52.18 -6.87 21.86
C ILE F 116 51.89 -5.58 22.62
N GLY F 117 51.41 -5.71 23.84
CA GLY F 117 51.26 -4.58 24.74
C GLY F 117 50.02 -3.74 24.49
N ALA F 118 48.89 -4.39 24.29
CA ALA F 118 47.62 -3.67 24.22
C ALA F 118 47.14 -3.35 25.63
N ASP F 119 46.74 -2.10 25.84
CA ASP F 119 46.36 -1.64 27.17
C ASP F 119 45.00 -2.19 27.59
N ARG F 120 44.07 -2.24 26.62
CA ARG F 120 42.79 -2.89 26.86
C ARG F 120 42.29 -3.58 25.60
N ILE F 121 41.81 -4.81 25.76
CA ILE F 121 41.30 -5.60 24.65
C ILE F 121 39.80 -5.82 24.81
N ILE F 122 39.03 -5.39 23.81
CA ILE F 122 37.58 -5.44 23.90
C ILE F 122 36.93 -6.51 23.03
N HIS F 123 36.06 -7.30 23.64
CA HIS F 123 35.18 -8.21 22.92
C HIS F 123 33.75 -7.67 22.99
N PRO F 124 33.38 -6.82 22.02
CA PRO F 124 32.10 -6.10 22.03
C PRO F 124 30.89 -7.02 22.12
N GLN F 125 30.77 -7.94 21.16
CA GLN F 125 29.64 -8.83 21.06
C GLN F 125 29.52 -9.79 22.26
N LYS F 126 30.66 -10.19 22.84
CA LYS F 126 30.66 -10.99 24.06
C LYS F 126 29.98 -10.25 25.21
N ASP F 127 30.45 -9.02 25.45
CA ASP F 127 29.94 -8.18 26.54
C ASP F 127 28.47 -7.85 26.33
N MET F 128 28.11 -7.54 25.09
CA MET F 128 26.72 -7.31 24.76
C MET F 128 25.92 -8.59 24.97
N GLY F 129 26.58 -9.72 24.78
CA GLY F 129 25.99 -11.01 25.05
C GLY F 129 25.58 -11.13 26.50
N VAL F 130 26.52 -10.91 27.41
CA VAL F 130 26.22 -11.04 28.83
C VAL F 130 25.16 -10.02 29.25
N LYS F 131 25.22 -8.79 28.72
CA LYS F 131 24.22 -7.80 29.10
C LYS F 131 22.81 -8.15 28.61
N ILE F 132 22.72 -8.64 27.38
CA ILE F 132 21.44 -9.04 26.82
C ILE F 132 20.90 -10.18 27.66
N ALA F 133 21.78 -11.07 28.08
CA ALA F 133 21.41 -12.17 28.97
C ALA F 133 20.86 -11.65 30.30
N GLN F 134 21.49 -10.60 30.82
CA GLN F 134 21.02 -9.95 32.04
C GLN F 134 19.60 -9.43 31.85
N SER F 135 19.35 -8.70 30.77
CA SER F 135 17.99 -8.20 30.59
C SER F 135 17.01 -9.34 30.29
N LEU F 136 17.48 -10.44 29.69
CA LEU F 136 16.60 -11.58 29.39
C LEU F 136 16.18 -12.28 30.66
N SER F 137 17.11 -12.37 31.62
CA SER F 137 16.89 -13.12 32.85
C SER F 137 15.78 -12.48 33.67
N ASP F 138 15.70 -11.15 33.59
CA ASP F 138 14.61 -10.40 34.21
C ASP F 138 14.21 -9.27 33.26
N GLU F 139 13.01 -9.33 32.71
CA GLU F 139 12.55 -8.30 31.76
C GLU F 139 12.25 -7.03 32.52
N ASN F 140 12.05 -7.21 33.82
CA ASN F 140 11.71 -6.09 34.68
C ASN F 140 12.91 -5.22 34.95
N VAL F 141 14.09 -5.84 35.04
CA VAL F 141 15.29 -5.05 35.17
C VAL F 141 15.46 -4.45 33.78
N LEU F 142 15.32 -3.13 33.72
CA LEU F 142 15.40 -2.40 32.46
C LEU F 142 16.85 -2.04 32.25
N ASN F 143 17.48 -1.72 33.37
CA ASN F 143 18.88 -1.35 33.38
C ASN F 143 19.41 -1.53 34.80
N TYR F 144 20.72 -1.40 34.95
CA TYR F 144 21.36 -1.58 36.24
C TYR F 144 22.81 -1.14 36.18
N ILE F 145 23.42 -0.96 37.35
CA ILE F 145 24.84 -0.69 37.44
C ILE F 145 25.44 -1.38 38.66
N ASP F 146 26.49 -2.15 38.43
CA ASP F 146 27.15 -2.86 39.51
C ASP F 146 28.18 -1.97 40.19
N LEU F 147 27.96 -1.68 41.48
CA LEU F 147 28.89 -0.88 42.26
C LEU F 147 30.11 -1.71 42.60
N SER F 148 29.88 -3.01 42.80
CA SER F 148 30.93 -3.97 43.06
C SER F 148 30.44 -5.37 42.72
N ASP F 149 31.25 -6.37 43.02
CA ASP F 149 30.88 -7.76 42.78
C ASP F 149 29.58 -8.15 43.46
N GLU F 150 29.26 -7.48 44.56
CA GLU F 150 28.13 -7.84 45.39
C GLU F 150 27.03 -6.78 45.46
N TYR F 151 27.40 -5.52 45.32
CA TYR F 151 26.44 -4.43 45.49
C TYR F 151 26.11 -3.75 44.17
N SER F 152 24.84 -3.38 44.01
CA SER F 152 24.33 -2.89 42.75
C SER F 152 23.08 -2.02 42.90
N ILE F 153 22.88 -1.15 41.91
CA ILE F 153 21.66 -0.36 41.78
C ILE F 153 20.84 -0.84 40.58
N VAL F 154 19.57 -1.15 40.80
CA VAL F 154 18.74 -1.80 39.79
C VAL F 154 17.47 -1.01 39.45
N GLU F 155 17.16 -0.93 38.16
CA GLU F 155 15.91 -0.35 37.68
C GLU F 155 14.91 -1.45 37.33
N LEU F 156 13.73 -1.40 37.95
CA LEU F 156 12.73 -2.45 37.85
C LEU F 156 11.41 -1.95 37.28
N LEU F 157 10.73 -2.82 36.52
CA LEU F 157 9.40 -2.52 36.02
C LEU F 157 8.38 -3.09 37.01
N ALA F 158 7.51 -2.22 37.53
CA ALA F 158 6.54 -2.60 38.56
C ALA F 158 5.46 -3.55 38.03
N THR F 159 5.22 -4.63 38.77
CA THR F 159 4.19 -5.60 38.40
C THR F 159 2.88 -5.27 39.12
N ARG F 160 1.88 -6.13 38.95
CA ARG F 160 0.58 -5.93 39.61
C ARG F 160 0.67 -6.20 41.11
N LYS F 161 1.79 -6.73 41.56
CA LYS F 161 2.03 -6.98 42.98
C LYS F 161 2.42 -5.71 43.71
N LEU F 162 2.85 -4.70 42.97
CA LEU F 162 3.38 -3.47 43.55
C LEU F 162 2.42 -2.30 43.37
N ASP F 163 1.34 -2.54 42.63
CA ASP F 163 0.37 -1.49 42.33
C ASP F 163 -0.25 -0.89 43.58
N SER F 164 -0.33 0.44 43.62
CA SER F 164 -0.96 1.18 44.72
C SER F 164 -0.31 0.90 46.07
N LYS F 165 0.95 0.48 46.07
CA LYS F 165 1.67 0.23 47.31
C LYS F 165 2.55 1.42 47.68
N SER F 166 2.64 1.69 48.98
CA SER F 166 3.44 2.80 49.48
C SER F 166 4.87 2.35 49.81
N ILE F 167 5.78 3.31 49.88
CA ILE F 167 7.17 3.02 50.22
C ILE F 167 7.27 2.50 51.64
N ILE F 168 6.46 3.05 52.54
CA ILE F 168 6.44 2.60 53.93
C ILE F 168 5.80 1.21 54.02
N ASP F 169 4.89 0.92 53.09
CA ASP F 169 4.28 -0.40 53.00
C ASP F 169 5.33 -1.43 52.61
N LEU F 170 6.11 -1.11 51.59
CA LEU F 170 7.21 -1.96 51.17
C LEU F 170 8.49 -1.55 51.88
N ASN F 171 8.64 -2.01 53.12
CA ASN F 171 9.76 -1.61 53.96
C ASN F 171 11.04 -2.31 53.52
N VAL F 172 11.68 -1.78 52.48
CA VAL F 172 12.86 -2.42 51.91
C VAL F 172 14.11 -2.16 52.73
N ARG F 173 14.14 -1.03 53.44
CA ARG F 173 15.33 -0.61 54.18
C ARG F 173 15.63 -1.51 55.38
N ALA F 174 14.59 -2.16 55.90
CA ALA F 174 14.77 -3.05 57.05
C ALA F 174 14.56 -4.52 56.68
N LYS F 175 13.49 -4.79 55.93
CA LYS F 175 13.11 -6.17 55.59
C LYS F 175 14.09 -6.83 54.62
N TYR F 176 14.68 -6.04 53.73
CA TYR F 176 15.57 -6.59 52.72
C TYR F 176 16.92 -5.86 52.68
N GLY F 177 17.06 -4.81 53.48
CA GLY F 177 18.31 -4.07 53.56
C GLY F 177 18.65 -3.23 52.34
N CYS F 178 17.67 -3.03 51.47
CA CYS F 178 17.88 -2.23 50.26
C CYS F 178 17.14 -0.90 50.36
N THR F 179 17.54 0.06 49.54
CA THR F 179 16.91 1.38 49.59
C THR F 179 16.40 1.84 48.23
N ILE F 180 15.17 2.35 48.21
CA ILE F 180 14.55 2.86 47.00
C ILE F 180 15.04 4.28 46.71
N LEU F 181 15.43 4.55 45.48
CA LEU F 181 16.04 5.82 45.14
C LEU F 181 15.16 6.73 44.26
N ALA F 182 14.39 6.13 43.36
CA ALA F 182 13.61 6.93 42.43
C ALA F 182 12.39 6.19 41.90
N ILE F 183 11.34 6.95 41.56
CA ILE F 183 10.15 6.37 40.93
C ILE F 183 9.74 7.19 39.71
N LYS F 184 9.64 6.53 38.56
CA LYS F 184 9.24 7.20 37.33
C LYS F 184 7.84 6.75 36.92
N HIS F 185 6.89 7.68 37.01
CA HIS F 185 5.49 7.40 36.72
C HIS F 185 4.98 8.25 35.55
N HIS F 186 4.62 7.58 34.46
CA HIS F 186 4.16 8.24 33.24
C HIS F 186 5.10 9.34 32.77
N GLY F 187 6.39 9.07 32.85
CA GLY F 187 7.41 10.02 32.42
C GLY F 187 7.79 11.00 33.51
N ASP F 188 6.85 11.29 34.42
CA ASP F 188 7.14 12.15 35.56
C ASP F 188 8.11 11.44 36.49
N ILE F 189 8.99 12.19 37.13
CA ILE F 189 10.08 11.58 37.88
C ILE F 189 10.17 12.08 39.32
N CYS F 190 10.32 11.13 40.24
CA CYS F 190 10.43 11.43 41.68
C CYS F 190 11.76 10.92 42.24
N LEU F 191 12.62 11.86 42.64
CA LEU F 191 13.95 11.52 43.14
C LEU F 191 13.96 11.44 44.66
N SER F 192 14.54 10.38 45.19
CA SER F 192 14.63 10.13 46.64
C SER F 192 13.29 10.36 47.33
N PRO F 193 12.30 9.53 46.99
CA PRO F 193 10.91 9.77 47.41
C PRO F 193 10.64 9.49 48.88
N ALA F 194 9.70 10.23 49.44
CA ALA F 194 9.31 10.11 50.85
C ALA F 194 8.42 8.88 51.06
N PRO F 195 8.40 8.33 52.29
CA PRO F 195 7.68 7.08 52.58
C PRO F 195 6.18 7.09 52.25
N GLU F 196 5.57 8.27 52.11
CA GLU F 196 4.15 8.35 51.81
C GLU F 196 3.84 8.10 50.33
N ASP F 197 4.86 8.19 49.49
CA ASP F 197 4.67 8.11 48.04
C ASP F 197 4.13 6.75 47.57
N ILE F 198 3.34 6.79 46.50
CA ILE F 198 2.70 5.60 45.96
C ILE F 198 3.41 5.11 44.70
N ILE F 199 3.55 3.79 44.57
CA ILE F 199 4.06 3.19 43.35
C ILE F 199 2.93 2.51 42.57
N ARG F 200 2.71 2.96 41.34
CA ARG F 200 1.68 2.35 40.52
C ARG F 200 2.35 1.39 39.56
N GLU F 201 1.61 0.39 39.10
CA GLU F 201 2.19 -0.64 38.22
C GLU F 201 2.69 -0.03 36.91
N GLN F 202 3.62 -0.74 36.26
CA GLN F 202 4.18 -0.35 34.97
C GLN F 202 5.08 0.88 35.10
N ASP F 203 5.38 1.26 36.34
CA ASP F 203 6.28 2.40 36.60
C ASP F 203 7.73 1.92 36.77
N CYS F 204 8.67 2.84 36.61
CA CYS F 204 10.08 2.52 36.86
C CYS F 204 10.44 2.71 38.33
N LEU F 205 11.07 1.70 38.92
CA LEU F 205 11.46 1.76 40.32
C LEU F 205 12.97 1.54 40.47
N VAL F 206 13.66 2.44 41.15
CA VAL F 206 15.11 2.31 41.26
C VAL F 206 15.49 1.94 42.69
N ILE F 207 15.91 0.70 42.86
CA ILE F 207 16.32 0.18 44.16
C ILE F 207 17.84 0.09 44.23
N MET F 208 18.39 0.08 45.44
CA MET F 208 19.83 -0.01 45.63
C MET F 208 20.19 -0.90 46.80
N GLY F 209 21.15 -1.81 46.59
CA GLY F 209 21.61 -2.64 47.69
C GLY F 209 22.44 -3.83 47.29
N HIS F 210 22.31 -4.93 48.05
CA HIS F 210 23.02 -6.15 47.73
C HIS F 210 22.22 -6.93 46.67
N LYS F 211 22.94 -7.58 45.77
CA LYS F 211 22.32 -8.30 44.66
C LYS F 211 21.33 -9.37 45.13
N LYS F 212 21.80 -10.26 45.99
CA LYS F 212 20.95 -11.34 46.52
C LYS F 212 19.73 -10.79 47.25
N ASP F 213 19.90 -9.66 47.94
CA ASP F 213 18.82 -9.03 48.68
C ASP F 213 17.75 -8.47 47.74
N ILE F 214 18.20 -7.82 46.67
CA ILE F 214 17.30 -7.27 45.68
C ILE F 214 16.54 -8.41 45.02
N LYS F 215 17.25 -9.49 44.69
CA LYS F 215 16.62 -10.70 44.17
C LYS F 215 15.55 -11.24 45.13
N ARG F 216 15.84 -11.21 46.43
CA ARG F 216 14.87 -11.63 47.43
C ARG F 216 13.60 -10.78 47.35
N PHE F 217 13.80 -9.46 47.36
CA PHE F 217 12.68 -8.52 47.25
C PHE F 217 11.86 -8.73 45.97
N GLU F 218 12.55 -9.05 44.88
CA GLU F 218 11.87 -9.39 43.64
C GLU F 218 11.02 -10.62 43.83
N ASN F 219 11.59 -11.62 44.49
CA ASN F 219 10.93 -12.90 44.68
C ASN F 219 9.66 -12.78 45.50
N GLU F 220 9.78 -12.32 46.75
CA GLU F 220 8.62 -12.28 47.64
C GLU F 220 7.74 -11.06 47.42
N GLY F 221 8.36 -9.93 47.08
CA GLY F 221 7.65 -8.68 46.92
C GLY F 221 6.82 -8.55 45.67
N MET F 222 7.45 -8.74 44.51
CA MET F 222 6.76 -8.55 43.24
C MET F 222 6.65 -9.85 42.45
N GLN G 8 9.17 36.68 -52.26
CA GLN G 8 8.90 35.96 -51.01
C GLN G 8 7.40 35.69 -50.85
N PHE G 9 6.57 36.63 -51.28
CA PHE G 9 5.13 36.48 -51.15
C PHE G 9 4.41 36.70 -52.48
N ALA G 10 3.45 35.83 -52.78
CA ALA G 10 2.61 35.99 -53.94
C ALA G 10 1.13 35.92 -53.57
N VAL G 11 0.36 36.91 -54.01
CA VAL G 11 -1.07 36.94 -53.75
C VAL G 11 -1.83 36.79 -55.07
N ILE G 12 -2.61 35.72 -55.17
CA ILE G 12 -3.20 35.32 -56.44
C ILE G 12 -4.55 35.99 -56.71
N GLY G 13 -5.31 36.28 -55.66
CA GLY G 13 -6.59 36.94 -55.82
C GLY G 13 -6.61 38.31 -55.18
N LEU G 14 -6.70 39.35 -56.02
CA LEU G 14 -6.72 40.72 -55.51
C LEU G 14 -8.14 41.23 -55.33
N GLY G 15 -8.83 40.70 -54.33
CA GLY G 15 -10.16 41.14 -53.99
C GLY G 15 -10.17 41.87 -52.66
N ARG G 16 -11.33 41.90 -52.02
CA ARG G 16 -11.47 42.50 -50.70
C ARG G 16 -10.50 41.86 -49.70
N PHE G 17 -10.34 40.55 -49.79
CA PHE G 17 -9.48 39.81 -48.87
C PHE G 17 -8.02 39.86 -49.31
N GLY G 18 -7.75 39.32 -50.50
CA GLY G 18 -6.39 39.23 -51.02
C GLY G 18 -5.72 40.55 -51.27
N GLY G 19 -6.48 41.52 -51.79
CA GLY G 19 -5.97 42.85 -52.03
C GLY G 19 -5.43 43.49 -50.75
N SER G 20 -6.12 43.23 -49.65
CA SER G 20 -5.72 43.72 -48.35
C SER G 20 -4.40 43.09 -47.90
N ILE G 21 -4.28 41.79 -48.12
CA ILE G 21 -3.04 41.06 -47.82
C ILE G 21 -1.88 41.67 -48.60
N CYS G 22 -2.10 41.88 -49.89
CA CYS G 22 -1.11 42.48 -50.77
C CYS G 22 -0.67 43.86 -50.29
N LYS G 23 -1.64 44.76 -50.15
CA LYS G 23 -1.37 46.13 -49.70
C LYS G 23 -0.65 46.18 -48.36
N GLU G 24 -1.04 45.31 -47.43
CA GLU G 24 -0.45 45.32 -46.09
C GLU G 24 0.97 44.78 -46.10
N LEU G 25 1.17 43.66 -46.79
CA LEU G 25 2.51 43.09 -46.95
C LEU G 25 3.45 44.07 -47.62
N HIS G 26 2.94 44.80 -48.61
CA HIS G 26 3.73 45.82 -49.29
C HIS G 26 4.06 46.97 -48.35
N ARG G 27 3.08 47.35 -47.54
CA ARG G 27 3.25 48.43 -46.57
C ARG G 27 4.26 48.08 -45.50
N MET G 28 4.36 46.80 -45.15
CA MET G 28 5.30 46.34 -44.14
C MET G 28 6.74 46.36 -44.65
N GLY G 29 6.90 46.34 -45.96
CA GLY G 29 8.22 46.42 -46.57
C GLY G 29 8.69 45.14 -47.25
N HIS G 30 7.83 44.13 -47.27
CA HIS G 30 8.15 42.88 -47.96
C HIS G 30 7.87 43.03 -49.46
N GLU G 31 8.53 42.21 -50.27
CA GLU G 31 8.27 42.23 -51.71
C GLU G 31 7.16 41.25 -52.08
N VAL G 32 6.16 41.75 -52.79
CA VAL G 32 4.96 40.97 -53.08
C VAL G 32 4.61 40.98 -54.57
N LEU G 33 4.33 39.80 -55.12
CA LEU G 33 3.84 39.71 -56.48
C LEU G 33 2.32 39.51 -56.48
N ALA G 34 1.61 40.48 -57.05
CA ALA G 34 0.16 40.43 -57.10
C ALA G 34 -0.31 39.85 -58.43
N VAL G 35 -1.22 38.89 -58.38
CA VAL G 35 -1.75 38.25 -59.57
C VAL G 35 -3.24 38.56 -59.67
N ASP G 36 -3.76 38.72 -60.89
CA ASP G 36 -5.20 38.82 -61.06
C ASP G 36 -5.62 38.59 -62.51
N ILE G 37 -6.75 37.91 -62.70
CA ILE G 37 -7.26 37.67 -64.04
C ILE G 37 -7.90 38.94 -64.61
N ASN G 38 -8.34 39.82 -63.72
CA ASN G 38 -8.96 41.08 -64.11
C ASN G 38 -7.92 42.19 -64.24
N GLU G 39 -7.84 42.80 -65.42
CA GLU G 39 -6.80 43.78 -65.72
C GLU G 39 -6.90 45.03 -64.85
N GLU G 40 -8.12 45.47 -64.57
CA GLU G 40 -8.34 46.65 -63.73
C GLU G 40 -7.76 46.47 -62.33
N LYS G 41 -7.99 45.30 -61.74
CA LYS G 41 -7.45 44.97 -60.43
C LYS G 41 -5.92 45.03 -60.44
N VAL G 42 -5.33 44.46 -61.48
CA VAL G 42 -3.88 44.46 -61.65
C VAL G 42 -3.34 45.88 -61.74
N ASN G 43 -4.03 46.72 -62.49
CA ASN G 43 -3.65 48.12 -62.62
C ASN G 43 -3.74 48.89 -61.31
N ALA G 44 -4.81 48.63 -60.55
CA ALA G 44 -5.05 49.35 -59.30
C ALA G 44 -4.04 48.98 -58.21
N TYR G 45 -3.46 47.79 -58.32
CA TYR G 45 -2.53 47.31 -57.30
C TYR G 45 -1.07 47.37 -57.73
N ALA G 46 -0.82 47.99 -58.88
CA ALA G 46 0.54 48.22 -59.35
C ALA G 46 1.38 48.98 -58.34
N SER G 47 0.76 49.97 -57.69
CA SER G 47 1.45 50.81 -56.72
C SER G 47 1.59 50.12 -55.37
N TYR G 48 0.74 49.14 -55.13
CA TYR G 48 0.68 48.48 -53.83
C TYR G 48 1.33 47.10 -53.89
N ALA G 49 2.23 46.92 -54.84
CA ALA G 49 2.95 45.65 -54.99
C ALA G 49 4.26 45.86 -55.74
N THR G 50 5.23 44.99 -55.47
CA THR G 50 6.50 45.02 -56.19
C THR G 50 6.28 44.79 -57.68
N HIS G 51 5.50 43.77 -58.00
CA HIS G 51 5.10 43.48 -59.37
C HIS G 51 3.63 43.07 -59.42
N ALA G 52 2.96 43.37 -60.52
CA ALA G 52 1.56 43.00 -60.69
C ALA G 52 1.32 42.42 -62.08
N VAL G 53 0.71 41.24 -62.13
CA VAL G 53 0.54 40.52 -63.39
C VAL G 53 -0.89 40.04 -63.62
N ILE G 54 -1.33 40.18 -64.88
CA ILE G 54 -2.58 39.58 -65.32
C ILE G 54 -2.35 38.11 -65.61
N ALA G 55 -3.10 37.23 -64.96
CA ALA G 55 -2.93 35.80 -65.16
C ALA G 55 -4.13 35.01 -64.68
N ASN G 56 -4.41 33.91 -65.38
CA ASN G 56 -5.43 32.96 -64.95
C ASN G 56 -4.77 31.90 -64.09
N ALA G 57 -5.06 31.93 -62.78
CA ALA G 57 -4.41 31.03 -61.82
C ALA G 57 -4.79 29.57 -62.00
N THR G 58 -5.74 29.29 -62.89
CA THR G 58 -6.17 27.92 -63.15
C THR G 58 -5.45 27.36 -64.37
N GLU G 59 -4.55 28.15 -64.93
CA GLU G 59 -3.79 27.74 -66.10
C GLU G 59 -2.33 27.52 -65.72
N GLU G 60 -1.88 26.26 -65.81
CA GLU G 60 -0.56 25.86 -65.32
C GLU G 60 0.59 26.60 -65.99
N ASN G 61 0.55 26.73 -67.32
CA ASN G 61 1.62 27.38 -68.05
C ASN G 61 1.75 28.86 -67.69
N GLU G 62 0.63 29.48 -67.33
CA GLU G 62 0.63 30.86 -66.86
C GLU G 62 1.31 30.95 -65.51
N LEU G 63 1.01 29.97 -64.65
CA LEU G 63 1.65 29.88 -63.33
C LEU G 63 3.16 29.76 -63.48
N LEU G 64 3.57 28.90 -64.41
CA LEU G 64 4.98 28.74 -64.73
C LEU G 64 5.58 30.05 -65.23
N SER G 65 4.82 30.75 -66.08
CA SER G 65 5.25 32.02 -66.63
C SER G 65 5.43 33.09 -65.56
N LEU G 66 4.64 33.00 -64.50
CA LEU G 66 4.74 33.93 -63.37
C LEU G 66 6.02 33.71 -62.57
N GLY G 67 6.61 32.52 -62.72
CA GLY G 67 7.74 32.13 -61.91
C GLY G 67 7.26 31.86 -60.49
N ILE G 68 6.11 31.20 -60.41
CA ILE G 68 5.42 30.96 -59.14
C ILE G 68 6.24 30.06 -58.19
N ARG G 69 7.14 29.27 -58.75
CA ARG G 69 7.95 28.36 -57.95
C ARG G 69 9.01 29.10 -57.14
N ASN G 70 9.36 30.30 -57.61
CA ASN G 70 10.34 31.14 -56.92
C ASN G 70 9.83 31.71 -55.60
N PHE G 71 8.59 31.39 -55.25
CA PHE G 71 7.96 31.95 -54.06
C PHE G 71 7.80 30.93 -52.94
N GLU G 72 7.99 31.38 -51.71
CA GLU G 72 7.89 30.54 -50.53
C GLU G 72 6.46 30.53 -50.00
N TYR G 73 5.74 31.61 -50.24
CA TYR G 73 4.35 31.74 -49.81
C TYR G 73 3.47 32.18 -50.97
N VAL G 74 2.47 31.37 -51.30
CA VAL G 74 1.49 31.76 -52.30
C VAL G 74 0.08 31.76 -51.70
N ILE G 75 -0.60 32.89 -51.81
CA ILE G 75 -1.94 33.02 -51.26
C ILE G 75 -3.04 32.88 -52.31
N VAL G 76 -3.91 31.89 -52.10
CA VAL G 76 -5.05 31.70 -52.99
C VAL G 76 -6.25 32.43 -52.42
N ALA G 77 -6.52 33.62 -52.95
CA ALA G 77 -7.62 34.43 -52.45
C ALA G 77 -8.63 34.72 -53.55
N ILE G 78 -9.21 33.65 -54.10
CA ILE G 78 -10.33 33.78 -55.01
C ILE G 78 -11.60 33.38 -54.27
N GLY G 79 -12.52 34.34 -54.15
CA GLY G 79 -13.71 34.15 -53.33
C GLY G 79 -14.75 33.25 -53.96
N ALA G 80 -15.61 33.84 -54.78
CA ALA G 80 -16.84 33.19 -55.25
C ALA G 80 -16.58 31.85 -55.95
N ASN G 81 -15.64 31.84 -56.88
CA ASN G 81 -15.38 30.66 -57.70
C ASN G 81 -14.63 29.59 -56.90
N ILE G 82 -15.39 28.68 -56.30
CA ILE G 82 -14.81 27.58 -55.53
C ILE G 82 -13.94 26.71 -56.43
N GLN G 83 -14.45 26.41 -57.62
CA GLN G 83 -13.75 25.59 -58.59
C GLN G 83 -12.37 26.15 -58.91
N ALA G 84 -12.33 27.44 -59.25
CA ALA G 84 -11.08 28.12 -59.56
C ALA G 84 -10.12 28.04 -58.37
N SER G 85 -10.66 28.23 -57.18
CA SER G 85 -9.87 28.18 -55.96
C SER G 85 -9.19 26.83 -55.75
N THR G 86 -9.97 25.76 -55.83
CA THR G 86 -9.44 24.43 -55.59
C THR G 86 -8.50 23.99 -56.70
N LEU G 87 -8.82 24.38 -57.94
CA LEU G 87 -7.95 24.10 -59.08
C LEU G 87 -6.60 24.78 -58.93
N THR G 88 -6.63 26.05 -58.54
CA THR G 88 -5.41 26.82 -58.30
C THR G 88 -4.58 26.19 -57.18
N THR G 89 -5.22 25.93 -56.05
CA THR G 89 -4.56 25.27 -54.91
C THR G 89 -3.91 23.97 -55.34
N LEU G 90 -4.63 23.19 -56.14
CA LEU G 90 -4.14 21.92 -56.65
C LEU G 90 -2.88 22.09 -57.50
N LEU G 91 -2.96 22.98 -58.49
CA LEU G 91 -1.82 23.26 -59.36
C LEU G 91 -0.61 23.72 -58.56
N LEU G 92 -0.83 24.57 -57.55
CA LEU G 92 0.23 25.03 -56.68
C LEU G 92 0.85 23.90 -55.87
N LYS G 93 0.01 22.96 -55.44
CA LYS G 93 0.48 21.81 -54.69
C LYS G 93 1.32 20.91 -55.57
N GLU G 94 0.98 20.85 -56.85
CA GLU G 94 1.76 20.11 -57.83
C GLU G 94 3.14 20.73 -58.05
N LEU G 95 3.19 22.06 -57.99
CA LEU G 95 4.42 22.79 -58.24
C LEU G 95 5.28 22.90 -56.97
N ASP G 96 4.91 22.13 -55.96
CA ASP G 96 5.70 21.98 -54.73
C ASP G 96 5.91 23.27 -53.95
N ILE G 97 4.93 24.17 -54.01
CA ILE G 97 4.94 25.39 -53.21
C ILE G 97 4.97 25.03 -51.72
N PRO G 98 5.95 25.57 -50.98
CA PRO G 98 6.15 25.26 -49.56
C PRO G 98 4.96 25.61 -48.67
N ASN G 99 4.38 26.79 -48.86
CA ASN G 99 3.24 27.23 -48.06
C ASN G 99 2.09 27.75 -48.91
N ILE G 100 0.96 27.04 -48.86
CA ILE G 100 -0.22 27.45 -49.61
C ILE G 100 -1.37 27.79 -48.67
N TRP G 101 -1.74 29.06 -48.64
CA TRP G 101 -2.85 29.52 -47.79
C TRP G 101 -4.04 29.91 -48.66
N VAL G 102 -5.19 29.31 -48.39
CA VAL G 102 -6.37 29.51 -49.22
C VAL G 102 -7.58 29.98 -48.42
N LYS G 103 -8.34 30.91 -49.00
CA LYS G 103 -9.58 31.38 -48.40
C LYS G 103 -10.72 30.42 -48.73
N ALA G 104 -11.39 29.91 -47.70
CA ALA G 104 -12.50 28.99 -47.88
C ALA G 104 -13.84 29.71 -47.90
N GLN G 105 -14.76 29.23 -48.73
CA GLN G 105 -16.10 29.80 -48.82
C GLN G 105 -17.05 29.12 -47.84
N ASN G 106 -16.91 27.80 -47.71
CA ASN G 106 -17.79 27.04 -46.84
C ASN G 106 -17.12 25.78 -46.29
N TYR G 107 -17.91 24.96 -45.59
CA TYR G 107 -17.43 23.72 -44.99
C TYR G 107 -16.84 22.79 -46.05
N TYR G 108 -17.58 22.58 -47.12
CA TYR G 108 -17.17 21.73 -48.24
C TYR G 108 -15.83 22.18 -48.83
N HIS G 109 -15.72 23.48 -49.10
CA HIS G 109 -14.51 24.07 -49.65
C HIS G 109 -13.33 23.82 -48.71
N HIS G 110 -13.57 24.03 -47.42
CA HIS G 110 -12.58 23.74 -46.40
C HIS G 110 -12.12 22.29 -46.45
N LYS G 111 -13.07 21.38 -46.64
CA LYS G 111 -12.75 19.95 -46.69
C LYS G 111 -11.88 19.59 -47.89
N VAL G 112 -12.30 20.00 -49.08
CA VAL G 112 -11.55 19.67 -50.29
C VAL G 112 -10.18 20.34 -50.31
N LEU G 113 -10.09 21.57 -49.79
CA LEU G 113 -8.80 22.24 -49.65
C LEU G 113 -7.92 21.48 -48.67
N GLU G 114 -8.53 21.03 -47.58
CA GLU G 114 -7.86 20.23 -46.57
C GLU G 114 -7.22 18.98 -47.17
N LYS G 115 -7.97 18.28 -48.00
CA LYS G 115 -7.51 17.02 -48.56
C LYS G 115 -6.46 17.17 -49.67
N ILE G 116 -6.53 18.27 -50.43
CA ILE G 116 -5.56 18.48 -51.51
C ILE G 116 -4.28 19.15 -51.01
N GLY G 117 -4.10 19.17 -49.70
CA GLY G 117 -2.86 19.62 -49.10
C GLY G 117 -2.67 21.12 -48.97
N ALA G 118 -3.71 21.81 -48.52
CA ALA G 118 -3.58 23.23 -48.20
C ALA G 118 -2.92 23.39 -46.84
N ASP G 119 -1.92 24.26 -46.76
CA ASP G 119 -1.14 24.41 -45.54
C ASP G 119 -1.91 25.17 -44.45
N ARG G 120 -2.67 26.18 -44.87
CA ARG G 120 -3.55 26.88 -43.95
C ARG G 120 -4.83 27.34 -44.65
N ILE G 121 -5.97 27.08 -44.02
CA ILE G 121 -7.26 27.46 -44.58
C ILE G 121 -7.92 28.53 -43.70
N ILE G 122 -8.23 29.67 -44.30
CA ILE G 122 -8.74 30.81 -43.56
C ILE G 122 -10.23 31.05 -43.82
N HIS G 123 -10.98 31.19 -42.72
CA HIS G 123 -12.38 31.64 -42.80
C HIS G 123 -12.49 33.07 -42.28
N PRO G 124 -12.36 34.06 -43.17
CA PRO G 124 -12.28 35.48 -42.81
C PRO G 124 -13.49 35.97 -42.00
N GLN G 125 -14.70 35.80 -42.55
CA GLN G 125 -15.92 36.29 -41.89
C GLN G 125 -16.16 35.64 -40.53
N LYS G 126 -15.80 34.36 -40.39
CA LYS G 126 -15.89 33.69 -39.11
C LYS G 126 -15.00 34.33 -38.03
N ASP G 127 -13.73 34.49 -38.36
CA ASP G 127 -12.74 35.05 -37.44
C ASP G 127 -13.06 36.49 -37.07
N MET G 128 -13.46 37.27 -38.07
CA MET G 128 -13.89 38.63 -37.80
C MET G 128 -15.17 38.60 -36.97
N GLY G 129 -15.94 37.54 -37.14
CA GLY G 129 -17.11 37.31 -36.31
C GLY G 129 -16.76 37.20 -34.83
N VAL G 130 -15.86 36.26 -34.50
CA VAL G 130 -15.48 36.06 -33.10
C VAL G 130 -14.80 37.31 -32.52
N LYS G 131 -13.95 37.97 -33.31
CA LYS G 131 -13.26 39.19 -32.86
C LYS G 131 -14.22 40.36 -32.62
N ILE G 132 -15.22 40.51 -33.48
CA ILE G 132 -16.24 41.54 -33.31
C ILE G 132 -17.05 41.23 -32.06
N ALA G 133 -17.32 39.96 -31.83
CA ALA G 133 -18.01 39.55 -30.61
C ALA G 133 -17.18 39.91 -29.38
N GLN G 134 -15.87 39.72 -29.48
CA GLN G 134 -14.94 40.10 -28.42
C GLN G 134 -15.04 41.59 -28.12
N SER G 135 -15.05 42.39 -29.18
CA SER G 135 -15.13 43.85 -29.04
C SER G 135 -16.46 44.33 -28.48
N LEU G 136 -17.55 43.65 -28.85
CA LEU G 136 -18.86 43.97 -28.31
C LEU G 136 -18.98 43.55 -26.85
N SER G 137 -18.26 42.51 -26.46
CA SER G 137 -18.36 41.99 -25.11
C SER G 137 -17.76 42.95 -24.08
N ASP G 138 -16.66 43.60 -24.46
CA ASP G 138 -16.06 44.64 -23.63
C ASP G 138 -15.55 45.77 -24.49
N GLU G 139 -16.31 46.86 -24.55
CA GLU G 139 -15.98 47.99 -25.42
C GLU G 139 -14.72 48.69 -24.93
N ASN G 140 -14.45 48.57 -23.63
CA ASN G 140 -13.27 49.18 -23.04
C ASN G 140 -11.98 48.55 -23.54
N GLN H 8 -29.36 42.92 -24.67
CA GLN H 8 -28.18 43.77 -24.77
C GLN H 8 -27.61 43.76 -26.18
N PHE H 9 -27.65 42.60 -26.83
CA PHE H 9 -27.14 42.45 -28.19
C PHE H 9 -28.15 41.80 -29.13
N ALA H 10 -28.27 42.36 -30.33
CA ALA H 10 -29.11 41.77 -31.37
C ALA H 10 -28.32 41.59 -32.67
N VAL H 11 -28.37 40.37 -33.21
CA VAL H 11 -27.71 40.08 -34.48
C VAL H 11 -28.75 39.79 -35.55
N ILE H 12 -28.79 40.61 -36.58
CA ILE H 12 -29.87 40.58 -37.55
C ILE H 12 -29.64 39.59 -38.70
N GLY H 13 -28.38 39.39 -39.07
CA GLY H 13 -28.07 38.44 -40.13
C GLY H 13 -27.26 37.25 -39.65
N LEU H 14 -27.87 36.08 -39.66
CA LEU H 14 -27.19 34.87 -39.21
C LEU H 14 -26.55 34.13 -40.38
N GLY H 15 -25.49 34.72 -40.93
CA GLY H 15 -24.74 34.10 -42.01
C GLY H 15 -23.37 33.67 -41.51
N ARG H 16 -22.42 33.54 -42.44
CA ARG H 16 -21.05 33.21 -42.10
C ARG H 16 -20.46 34.21 -41.10
N PHE H 17 -20.76 35.48 -41.30
CA PHE H 17 -20.22 36.54 -40.45
C PHE H 17 -21.03 36.71 -39.17
N GLY H 18 -22.31 37.06 -39.33
CA GLY H 18 -23.18 37.35 -38.20
C GLY H 18 -23.40 36.16 -37.28
N GLY H 19 -23.53 34.98 -37.87
CA GLY H 19 -23.69 33.75 -37.11
C GLY H 19 -22.53 33.52 -36.14
N SER H 20 -21.33 33.85 -36.59
CA SER H 20 -20.13 33.71 -35.77
C SER H 20 -20.18 34.68 -34.59
N ILE H 21 -20.59 35.91 -34.86
CA ILE H 21 -20.76 36.92 -33.82
C ILE H 21 -21.76 36.45 -32.76
N CYS H 22 -22.89 35.95 -33.24
CA CYS H 22 -23.94 35.43 -32.36
C CYS H 22 -23.43 34.29 -31.49
N LYS H 23 -22.91 33.24 -32.12
CA LYS H 23 -22.40 32.08 -31.41
C LYS H 23 -21.31 32.43 -30.40
N GLU H 24 -20.42 33.35 -30.76
CA GLU H 24 -19.32 33.71 -29.88
C GLU H 24 -19.80 34.54 -28.69
N LEU H 25 -20.67 35.52 -28.95
CA LEU H 25 -21.27 36.31 -27.89
C LEU H 25 -22.03 35.42 -26.91
N HIS H 26 -22.71 34.41 -27.46
CA HIS H 26 -23.45 33.46 -26.65
C HIS H 26 -22.49 32.60 -25.81
N ARG H 27 -21.38 32.20 -26.41
CA ARG H 27 -20.39 31.39 -25.72
C ARG H 27 -19.71 32.15 -24.59
N MET H 28 -19.58 33.47 -24.75
CA MET H 28 -18.96 34.29 -23.72
C MET H 28 -19.88 34.51 -22.51
N GLY H 29 -21.17 34.30 -22.71
CA GLY H 29 -22.13 34.38 -21.62
C GLY H 29 -23.09 35.56 -21.67
N HIS H 30 -23.00 36.35 -22.73
CA HIS H 30 -23.94 37.47 -22.92
C HIS H 30 -25.26 36.97 -23.49
N GLU H 31 -26.32 37.73 -23.28
CA GLU H 31 -27.62 37.37 -23.86
C GLU H 31 -27.80 38.01 -25.23
N VAL H 32 -28.12 37.18 -26.22
CA VAL H 32 -28.17 37.62 -27.61
C VAL H 32 -29.47 37.22 -28.28
N LEU H 33 -30.10 38.15 -28.98
CA LEU H 33 -31.27 37.83 -29.78
C LEU H 33 -30.86 37.71 -31.24
N ALA H 34 -31.04 36.52 -31.80
CA ALA H 34 -30.67 36.25 -33.18
C ALA H 34 -31.88 36.42 -34.10
N VAL H 35 -31.69 37.15 -35.18
CA VAL H 35 -32.76 37.38 -36.16
C VAL H 35 -32.37 36.75 -37.48
N ASP H 36 -33.35 36.21 -38.22
CA ASP H 36 -33.09 35.78 -39.59
C ASP H 36 -34.38 35.57 -40.37
N ILE H 37 -34.37 35.93 -41.65
CA ILE H 37 -35.55 35.74 -42.50
C ILE H 37 -35.70 34.27 -42.87
N ASN H 38 -34.60 33.53 -42.83
CA ASN H 38 -34.60 32.11 -43.17
C ASN H 38 -34.85 31.25 -41.93
N GLU H 39 -35.89 30.43 -41.99
CA GLU H 39 -36.32 29.63 -40.83
C GLU H 39 -35.26 28.62 -40.39
N GLU H 40 -34.59 28.00 -41.36
CA GLU H 40 -33.55 27.01 -41.08
C GLU H 40 -32.41 27.64 -40.27
N LYS H 41 -32.00 28.84 -40.67
CA LYS H 41 -30.97 29.58 -39.94
C LYS H 41 -31.37 29.81 -38.50
N VAL H 42 -32.62 30.24 -38.30
CA VAL H 42 -33.15 30.49 -36.97
C VAL H 42 -33.15 29.22 -36.13
N ASN H 43 -33.54 28.11 -36.74
CA ASN H 43 -33.55 26.83 -36.06
C ASN H 43 -32.17 26.37 -35.65
N ALA H 44 -31.19 26.56 -36.54
CA ALA H 44 -29.83 26.10 -36.29
C ALA H 44 -29.14 26.90 -35.18
N TYR H 45 -29.60 28.12 -34.96
CA TYR H 45 -28.99 29.00 -33.98
C TYR H 45 -29.83 29.13 -32.71
N ALA H 46 -30.88 28.32 -32.62
CA ALA H 46 -31.71 28.27 -31.42
C ALA H 46 -30.89 27.96 -30.18
N SER H 47 -29.94 27.05 -30.33
CA SER H 47 -29.09 26.63 -29.22
C SER H 47 -27.97 27.62 -28.95
N TYR H 48 -27.67 28.45 -29.95
CA TYR H 48 -26.54 29.37 -29.86
C TYR H 48 -26.99 30.81 -29.60
N ALA H 49 -28.18 30.95 -29.02
CA ALA H 49 -28.71 32.28 -28.71
C ALA H 49 -29.76 32.20 -27.60
N THR H 50 -29.92 33.28 -26.85
CA THR H 50 -30.96 33.36 -25.84
C THR H 50 -32.33 33.22 -26.48
N HIS H 51 -32.54 33.95 -27.56
CA HIS H 51 -33.76 33.84 -28.35
C HIS H 51 -33.44 33.90 -29.83
N ALA H 52 -34.25 33.23 -30.64
CA ALA H 52 -34.05 33.23 -32.09
C ALA H 52 -35.38 33.45 -32.81
N VAL H 53 -35.42 34.43 -33.70
CA VAL H 53 -36.67 34.83 -34.35
C VAL H 53 -36.57 34.93 -35.87
N ILE H 54 -37.62 34.46 -36.53
CA ILE H 54 -37.81 34.69 -37.96
C ILE H 54 -38.38 36.09 -38.17
N ALA H 55 -37.68 36.90 -38.95
CA ALA H 55 -38.14 38.27 -39.20
C ALA H 55 -37.46 38.89 -40.42
N ASN H 56 -38.22 39.73 -41.13
CA ASN H 56 -37.67 40.52 -42.22
C ASN H 56 -37.21 41.88 -41.69
N ALA H 57 -35.90 42.08 -41.65
CA ALA H 57 -35.31 43.27 -41.06
C ALA H 57 -35.60 44.55 -41.84
N THR H 58 -36.20 44.43 -43.02
CA THR H 58 -36.54 45.60 -43.82
C THR H 58 -37.99 46.00 -43.59
N GLU H 59 -38.65 45.29 -42.68
CA GLU H 59 -40.04 45.58 -42.36
C GLU H 59 -40.15 46.19 -40.97
N GLU H 60 -40.55 47.46 -40.90
CA GLU H 60 -40.53 48.23 -39.66
C GLU H 60 -41.37 47.60 -38.54
N ASN H 61 -42.58 47.18 -38.87
CA ASN H 61 -43.48 46.60 -37.87
C ASN H 61 -42.93 45.30 -37.29
N GLU H 62 -42.17 44.56 -38.10
CA GLU H 62 -41.52 43.34 -37.64
C GLU H 62 -40.41 43.68 -36.64
N LEU H 63 -39.65 44.73 -36.95
CA LEU H 63 -38.62 45.21 -36.04
C LEU H 63 -39.22 45.63 -34.71
N LEU H 64 -40.34 46.35 -34.79
CA LEU H 64 -41.08 46.74 -33.60
C LEU H 64 -41.55 45.52 -32.82
N SER H 65 -42.00 44.51 -33.53
CA SER H 65 -42.46 43.26 -32.91
C SER H 65 -41.31 42.53 -32.21
N LEU H 66 -40.10 42.67 -32.73
CA LEU H 66 -38.93 42.05 -32.12
C LEU H 66 -38.56 42.71 -30.79
N GLY H 67 -39.03 43.93 -30.58
CA GLY H 67 -38.62 44.71 -29.42
C GLY H 67 -37.19 45.17 -29.60
N ILE H 68 -36.87 45.59 -30.82
CA ILE H 68 -35.50 45.93 -31.19
C ILE H 68 -34.95 47.13 -30.41
N ARG H 69 -35.84 47.96 -29.88
CA ARG H 69 -35.44 49.14 -29.14
C ARG H 69 -34.88 48.82 -27.76
N ASN H 70 -35.25 47.66 -27.24
CA ASN H 70 -34.76 47.20 -25.95
C ASN H 70 -33.27 46.84 -25.97
N PHE H 71 -32.65 46.98 -27.15
CA PHE H 71 -31.26 46.59 -27.33
C PHE H 71 -30.35 47.79 -27.49
N GLU H 72 -29.16 47.69 -26.91
CA GLU H 72 -28.17 48.76 -26.99
C GLU H 72 -27.28 48.56 -28.20
N TYR H 73 -27.14 47.30 -28.61
CA TYR H 73 -26.32 46.95 -29.76
C TYR H 73 -27.07 46.07 -30.74
N VAL H 74 -27.20 46.54 -31.98
CA VAL H 74 -27.79 45.73 -33.04
C VAL H 74 -26.78 45.57 -34.17
N ILE H 75 -26.49 44.33 -34.54
CA ILE H 75 -25.53 44.06 -35.60
C ILE H 75 -26.23 43.74 -36.92
N VAL H 76 -25.96 44.55 -37.93
CA VAL H 76 -26.52 44.33 -39.25
C VAL H 76 -25.54 43.52 -40.09
N ALA H 77 -25.78 42.22 -40.17
CA ALA H 77 -24.89 41.35 -40.90
C ALA H 77 -25.61 40.63 -42.03
N ILE H 78 -26.16 41.40 -42.96
CA ILE H 78 -26.69 40.84 -44.19
C ILE H 78 -25.70 41.13 -45.30
N GLY H 79 -25.15 40.08 -45.89
CA GLY H 79 -24.08 40.22 -46.85
C GLY H 79 -24.51 40.71 -48.21
N ALA H 80 -24.90 39.77 -49.07
CA ALA H 80 -25.08 40.03 -50.50
C ALA H 80 -26.06 41.17 -50.77
N ASN H 81 -27.21 41.13 -50.10
CA ASN H 81 -28.26 42.09 -50.35
C ASN H 81 -27.91 43.46 -49.76
N ILE H 82 -27.29 44.32 -50.57
CA ILE H 82 -26.91 45.66 -50.16
C ILE H 82 -28.14 46.48 -49.78
N GLN H 83 -29.18 46.38 -50.61
CA GLN H 83 -30.43 47.09 -50.39
C GLN H 83 -31.04 46.78 -49.04
N ALA H 84 -31.19 45.49 -48.74
CA ALA H 84 -31.72 45.04 -47.46
C ALA H 84 -30.88 45.55 -46.30
N SER H 85 -29.56 45.49 -46.46
CA SER H 85 -28.62 45.93 -45.43
C SER H 85 -28.81 47.41 -45.09
N THR H 86 -28.78 48.26 -46.11
CA THR H 86 -28.90 49.69 -45.91
C THR H 86 -30.29 50.10 -45.43
N LEU H 87 -31.31 49.43 -45.94
CA LEU H 87 -32.68 49.68 -45.51
C LEU H 87 -32.86 49.34 -44.03
N THR H 88 -32.32 48.20 -43.64
CA THR H 88 -32.35 47.76 -42.25
C THR H 88 -31.62 48.75 -41.35
N THR H 89 -30.40 49.10 -41.73
CA THR H 89 -29.60 50.08 -41.01
C THR H 89 -30.38 51.37 -40.84
N LEU H 90 -31.07 51.77 -41.91
CA LEU H 90 -31.89 52.98 -41.91
C LEU H 90 -33.02 52.91 -40.90
N LEU H 91 -33.80 51.84 -40.96
CA LEU H 91 -34.90 51.63 -40.02
C LEU H 91 -34.39 51.67 -38.58
N LEU H 92 -33.25 51.03 -38.34
CA LEU H 92 -32.64 51.03 -37.02
C LEU H 92 -32.22 52.42 -36.57
N LYS H 93 -31.73 53.22 -37.51
CA LYS H 93 -31.32 54.59 -37.20
C LYS H 93 -32.55 55.44 -36.87
N GLU H 94 -33.67 55.14 -37.52
CA GLU H 94 -34.92 55.83 -37.23
C GLU H 94 -35.41 55.49 -35.82
N LEU H 95 -35.18 54.26 -35.39
CA LEU H 95 -35.66 53.79 -34.09
C LEU H 95 -34.71 54.13 -32.95
N ASP H 96 -33.75 55.02 -33.23
CA ASP H 96 -32.86 55.57 -32.21
C ASP H 96 -31.97 54.54 -31.52
N ILE H 97 -31.62 53.47 -32.24
CA ILE H 97 -30.68 52.47 -31.74
C ILE H 97 -29.33 53.11 -31.42
N PRO H 98 -28.83 52.93 -30.19
CA PRO H 98 -27.59 53.54 -29.71
C PRO H 98 -26.35 53.14 -30.51
N ASN H 99 -26.21 51.85 -30.81
CA ASN H 99 -25.05 51.36 -31.55
C ASN H 99 -25.45 50.46 -32.72
N ILE H 100 -25.14 50.91 -33.93
CA ILE H 100 -25.45 50.14 -35.13
C ILE H 100 -24.18 49.76 -35.89
N TRP H 101 -23.86 48.47 -35.90
CA TRP H 101 -22.68 47.95 -36.59
C TRP H 101 -23.09 47.14 -37.83
N VAL H 102 -22.58 47.52 -39.00
CA VAL H 102 -23.00 46.90 -40.25
C VAL H 102 -21.83 46.35 -41.06
N LYS H 103 -22.03 45.19 -41.67
CA LYS H 103 -21.05 44.60 -42.57
C LYS H 103 -21.14 45.21 -43.96
N ALA H 104 -20.03 45.73 -44.45
CA ALA H 104 -19.98 46.37 -45.77
C ALA H 104 -19.55 45.39 -46.87
N GLN H 105 -20.15 45.55 -48.04
CA GLN H 105 -19.82 44.71 -49.18
C GLN H 105 -18.71 45.32 -50.02
N ASN H 106 -18.78 46.63 -50.21
CA ASN H 106 -17.81 47.35 -51.02
C ASN H 106 -17.69 48.81 -50.60
N TYR H 107 -16.93 49.57 -51.38
CA TYR H 107 -16.71 50.99 -51.10
C TYR H 107 -18.03 51.75 -51.04
N TYR H 108 -18.87 51.55 -52.05
CA TYR H 108 -20.16 52.21 -52.15
C TYR H 108 -21.03 51.94 -50.93
N HIS H 109 -21.13 50.66 -50.55
CA HIS H 109 -21.91 50.26 -49.38
C HIS H 109 -21.37 50.94 -48.14
N HIS H 110 -20.05 50.98 -48.00
CA HIS H 110 -19.41 51.68 -46.92
C HIS H 110 -19.82 53.15 -46.87
N LYS H 111 -19.88 53.79 -48.05
CA LYS H 111 -20.25 55.20 -48.12
C LYS H 111 -21.69 55.45 -47.68
N VAL H 112 -22.62 54.70 -48.24
CA VAL H 112 -24.03 54.90 -47.90
C VAL H 112 -24.31 54.55 -46.43
N LEU H 113 -23.65 53.51 -45.92
CA LEU H 113 -23.76 53.19 -44.50
C LEU H 113 -23.18 54.31 -43.64
N GLU H 114 -22.06 54.86 -44.10
CA GLU H 114 -21.40 56.00 -43.45
C GLU H 114 -22.35 57.16 -43.27
N LYS H 115 -23.06 57.51 -44.35
CA LYS H 115 -23.94 58.67 -44.31
C LYS H 115 -25.26 58.45 -43.58
N ILE H 116 -25.77 57.21 -43.57
CA ILE H 116 -27.04 56.94 -42.90
C ILE H 116 -26.86 56.67 -41.41
N GLY H 117 -25.68 57.02 -40.90
CA GLY H 117 -25.44 56.99 -39.46
C GLY H 117 -25.15 55.63 -38.87
N ALA H 118 -24.31 54.85 -39.53
CA ALA H 118 -23.82 53.61 -38.96
C ALA H 118 -22.70 53.93 -37.97
N ASP H 119 -22.78 53.34 -36.78
CA ASP H 119 -21.82 53.67 -35.72
C ASP H 119 -20.46 53.04 -36.00
N ARG H 120 -20.47 51.82 -36.53
CA ARG H 120 -19.24 51.18 -36.96
C ARG H 120 -19.46 50.32 -38.20
N ILE H 121 -18.56 50.48 -39.18
CA ILE H 121 -18.66 49.73 -40.42
C ILE H 121 -17.48 48.78 -40.54
N ILE H 122 -17.77 47.48 -40.67
CA ILE H 122 -16.73 46.46 -40.69
C ILE H 122 -16.51 45.87 -42.07
N HIS H 123 -15.24 45.81 -42.48
CA HIS H 123 -14.83 45.09 -43.67
C HIS H 123 -14.09 43.81 -43.26
N PRO H 124 -14.84 42.71 -43.11
CA PRO H 124 -14.31 41.45 -42.57
C PRO H 124 -13.11 40.92 -43.36
N GLN H 125 -13.31 40.74 -44.66
CA GLN H 125 -12.29 40.16 -45.52
C GLN H 125 -11.03 41.03 -45.59
N LYS H 126 -11.22 42.35 -45.55
CA LYS H 126 -10.09 43.28 -45.49
C LYS H 126 -9.24 43.10 -44.22
N ASP H 127 -9.90 43.13 -43.07
CA ASP H 127 -9.22 43.03 -41.79
C ASP H 127 -8.54 41.68 -41.61
N MET H 128 -9.23 40.61 -41.98
CA MET H 128 -8.60 39.30 -41.96
C MET H 128 -7.48 39.26 -42.99
N GLY H 129 -7.60 40.06 -44.02
CA GLY H 129 -6.54 40.23 -45.01
C GLY H 129 -5.26 40.72 -44.35
N VAL H 130 -5.33 41.86 -43.67
CA VAL H 130 -4.14 42.40 -43.03
C VAL H 130 -3.63 41.47 -41.94
N LYS H 131 -4.55 40.82 -41.23
CA LYS H 131 -4.18 39.90 -40.16
C LYS H 131 -3.39 38.70 -40.67
N ILE H 132 -3.88 38.15 -41.78
CA ILE H 132 -3.24 37.03 -42.45
C ILE H 132 -1.89 37.45 -42.99
N ALA H 133 -1.81 38.67 -43.52
CA ALA H 133 -0.54 39.21 -43.99
C ALA H 133 0.47 39.27 -42.83
N GLN H 134 -0.03 39.69 -41.67
CA GLN H 134 0.78 39.72 -40.45
C GLN H 134 1.31 38.34 -40.09
N SER H 135 0.44 37.34 -40.16
CA SER H 135 0.83 35.96 -39.83
C SER H 135 1.84 35.41 -40.85
N LEU H 136 1.69 35.80 -42.10
CA LEU H 136 2.63 35.40 -43.14
C LEU H 136 4.00 36.08 -42.99
N SER H 137 4.01 37.30 -42.47
CA SER H 137 5.25 38.05 -42.36
C SER H 137 6.18 37.45 -41.33
N ASP H 138 5.59 36.96 -40.23
CA ASP H 138 6.34 36.25 -39.21
C ASP H 138 5.53 35.06 -38.71
N GLU H 139 5.88 33.87 -39.18
CA GLU H 139 5.15 32.66 -38.85
C GLU H 139 5.31 32.30 -37.37
N ASN H 140 6.41 32.72 -36.78
CA ASN H 140 6.68 32.46 -35.37
C ASN H 140 5.70 33.18 -34.45
PB ADP I . -31.33 1.31 24.66
O1B ADP I . -30.08 0.98 25.44
O2B ADP I . -31.08 2.01 23.34
O3B ADP I . -32.34 0.19 24.59
PA ADP I . -33.45 3.10 25.14
O1A ADP I . -33.95 2.50 23.85
O2A ADP I . -33.32 4.60 25.27
O3A ADP I . -32.05 2.42 25.57
O5' ADP I . -34.41 2.57 26.32
C5' ADP I . -34.45 3.26 27.55
C4' ADP I . -35.70 2.84 28.30
O4' ADP I . -35.49 2.96 29.70
C3' ADP I . -36.89 3.72 27.92
O3' ADP I . -37.89 2.95 27.27
C2' ADP I . -37.42 4.27 29.22
O2' ADP I . -38.81 4.00 29.35
C1' ADP I . -36.63 3.56 30.32
N9 ADP I . -36.19 4.54 31.35
C8 ADP I . -35.50 5.67 31.12
N7 ADP I . -35.26 6.32 32.29
C5 ADP I . -35.79 5.60 33.29
C6 ADP I . -35.90 5.70 34.76
N6 ADP I . -35.36 6.76 35.42
N1 ADP I . -36.56 4.72 35.42
C2 ADP I . -37.10 3.67 34.77
N3 ADP I . -37.04 3.51 33.43
C4 ADP I . -36.41 4.41 32.65
PB ADP J . -24.56 3.86 17.09
O1B ADP J . -23.06 3.79 17.23
O2B ADP J . -25.14 2.87 16.12
O3B ADP J . -25.32 3.99 18.39
PA ADP J . -24.18 6.64 16.91
O1A ADP J . -23.46 6.39 18.20
O2A ADP J . -25.23 7.73 16.82
O3A ADP J . -24.81 5.28 16.34
O5' ADP J . -23.08 6.93 15.78
C5' ADP J . -23.45 7.44 14.50
C4' ADP J . -22.20 7.86 13.76
O4' ADP J . -22.46 7.94 12.36
C3' ADP J . -21.72 9.22 14.22
O3' ADP J . -20.41 9.11 14.79
C2' ADP J . -21.66 10.09 12.98
O2' ADP J . -20.39 10.74 12.89
C1' ADP J . -21.87 9.13 11.81
N9 ADP J . -22.77 9.73 10.79
C8 ADP J . -24.01 10.17 10.99
N7 ADP J . -24.55 10.65 9.84
C5 ADP J . -23.63 10.51 8.88
C6 ADP J . -23.55 10.81 7.43
N6 ADP J . -24.58 11.38 6.77
N1 ADP J . -22.40 10.51 6.79
C2 ADP J . -21.36 9.95 7.43
N3 ADP J . -21.37 9.65 8.74
C4 ADP J . -22.45 9.90 9.51
PB ADP K . 19.01 -16.03 -13.20
O1B ADP K . 17.95 -16.92 -12.60
O2B ADP K . 18.81 -15.73 -14.67
O3B ADP K . 19.39 -14.84 -12.36
PA ADP K . 20.96 -17.52 -11.83
O1A ADP K . 22.45 -17.32 -11.86
O2A ADP K . 20.14 -17.05 -10.66
O3A ADP K . 20.33 -16.95 -13.20
O5' ADP K . 20.66 -19.10 -12.00
C5' ADP K . 21.57 -19.91 -12.74
C4' ADP K . 21.37 -21.35 -12.33
O4' ADP K . 21.99 -22.21 -13.30
C3' ADP K . 22.01 -21.63 -10.99
O3' ADP K . 21.02 -22.05 -10.05
C2' ADP K . 23.02 -22.74 -11.23
O2' ADP K . 22.83 -23.80 -10.29
C1' ADP K . 22.74 -23.23 -12.64
N9 ADP K . 24.01 -23.46 -13.37
C8 ADP K . 25.03 -22.59 -13.49
N7 ADP K . 26.04 -23.12 -14.22
C5 ADP K . 25.68 -24.38 -14.56
C6 ADP K . 26.27 -25.50 -15.32
N6 ADP K . 27.49 -25.39 -15.88
N1 ADP K . 25.54 -26.63 -15.44
C2 ADP K . 24.31 -26.75 -14.90
N3 ADP K . 23.72 -25.77 -14.19
C4 ADP K . 24.33 -24.58 -13.99
PB ADP L . 19.24 -5.77 -13.00
O1B ADP L . 19.77 -7.14 -13.35
O2B ADP L . 18.00 -5.77 -12.16
O3B ADP L . 19.20 -4.80 -14.16
PA ADP L . 21.81 -4.77 -12.58
O1A ADP L . 22.84 -5.11 -11.52
O2A ADP L . 21.99 -5.27 -14.00
O3A ADP L . 20.35 -5.16 -12.02
O5' ADP L . 21.67 -3.18 -12.63
C5' ADP L . 21.56 -2.43 -11.42
C4' ADP L . 21.81 -0.97 -11.74
O4' ADP L . 21.50 -0.18 -10.59
C3' ADP L . 23.28 -0.74 -12.07
O3' ADP L . 23.39 -0.26 -13.40
C2' ADP L . 23.77 0.30 -11.09
O2' ADP L . 24.43 1.37 -11.78
C1' ADP L . 22.51 0.81 -10.40
N9 ADP L . 22.75 1.04 -8.96
C8 ADP L . 23.36 0.19 -8.11
N7 ADP L . 23.41 0.71 -6.86
C5 ADP L . 22.83 1.93 -6.89
C6 ADP L . 22.56 3.01 -5.93
N6 ADP L . 22.93 2.92 -4.64
N1 ADP L . 21.94 4.13 -6.40
C2 ADP L . 21.56 4.24 -7.68
N3 ADP L . 21.78 3.30 -8.62
C4 ADP L . 22.40 2.14 -8.29
PB ADP M . 27.95 -12.05 14.36
O1B ADP M . 28.48 -13.06 15.36
O2B ADP M . 26.76 -11.28 14.86
O3B ADP M . 29.01 -11.22 13.69
PA ADP M . 28.14 -14.16 12.49
O1A ADP M . 29.54 -14.24 13.05
O2A ADP M . 27.93 -14.10 10.99
O3A ADP M . 27.33 -12.95 13.18
O5' ADP M . 27.31 -15.40 13.07
C5' ADP M . 26.07 -15.77 12.47
C4' ADP M . 25.71 -17.16 12.95
O4' ADP M . 24.39 -17.49 12.51
C3' ADP M . 26.66 -18.18 12.34
O3' ADP M . 27.28 -18.92 13.40
C2' ADP M . 25.79 -19.10 11.50
O2' ADP M . 26.11 -20.47 11.77
C1' ADP M . 24.37 -18.78 11.93
N9 ADP M . 23.44 -18.81 10.78
C8 ADP M . 23.62 -18.19 9.59
N7 ADP M . 22.57 -18.42 8.76
C5 ADP M . 21.70 -19.21 9.41
C6 ADP M . 20.40 -19.84 9.12
N6 ADP M . 19.79 -19.67 7.92
N1 ADP M . 19.82 -20.60 10.09
C2 ADP M . 20.42 -20.78 11.28
N3 ADP M . 21.61 -20.24 11.62
C4 ADP M . 22.28 -19.47 10.74
PB ADP N . 33.70 -4.28 12.87
O1B ADP N . 34.72 -4.58 13.94
O2B ADP N . 32.68 -5.38 12.65
O3B ADP N . 33.11 -2.89 12.95
PA ADP N . 33.94 -3.79 10.12
O1A ADP N . 34.37 -4.78 9.05
O2A ADP N . 32.49 -3.44 10.28
O3A ADP N . 34.57 -4.26 11.52
O5' ADP N . 34.75 -2.43 9.87
C5' ADP N . 36.16 -2.46 9.61
C4' ADP N . 36.59 -1.08 9.13
O4' ADP N . 38.01 -0.97 9.22
C3' ADP N . 36.19 -0.85 7.68
O3' ADP N . 35.22 0.19 7.61
C2' ADP N . 37.46 -0.45 6.96
O2' ADP N . 37.26 0.78 6.26
C1' ADP N . 38.50 -0.28 8.06
N9 ADP N . 39.80 -0.85 7.62
C8 ADP N . 40.00 -2.10 7.15
N7 ADP N . 41.31 -2.29 6.83
C5 ADP N . 41.96 -1.16 7.11
C6 ADP N . 43.36 -0.68 7.01
N6 ADP N . 44.35 -1.47 6.55
N1 ADP N . 43.62 0.59 7.41
C2 ADP N . 42.64 1.41 7.87
N3 ADP N . 41.35 1.04 7.99
C4 ADP N . 40.96 -0.20 7.63
PB ADP O . -13.12 37.97 -51.92
O1B ADP O . -12.64 36.79 -51.11
O2B ADP O . -14.56 38.34 -51.70
O3B ADP O . -12.16 39.13 -51.95
PA ADP O . -13.47 38.36 -54.67
O1A ADP O . -14.42 37.60 -55.57
O2A ADP O . -13.83 39.73 -54.17
O3A ADP O . -13.07 37.41 -53.43
O5' ADP O . -12.04 38.48 -55.40
C5' ADP O . -11.52 37.37 -56.14
C4' ADP O . -10.38 37.87 -57.02
O4' ADP O . -9.69 36.75 -57.59
C3' ADP O . -10.92 38.71 -58.16
O3' ADP O . -10.34 40.02 -58.12
C2' ADP O . -10.50 38.00 -59.43
O2' ADP O . -9.91 38.93 -60.36
C1' ADP O . -9.48 36.96 -58.98
N9 ADP O . -9.69 35.71 -59.73
C8 ADP O . -10.86 35.06 -59.89
N7 ADP O . -10.70 33.95 -60.65
C5 ADP O . -9.40 33.87 -60.98
C6 ADP O . -8.55 32.94 -61.77
N6 ADP O . -9.08 31.84 -62.35
N1 ADP O . -7.24 33.24 -61.87
C2 ADP O . -6.70 34.33 -61.29
N3 ADP O . -7.41 35.21 -60.57
C4 ADP O . -8.74 35.04 -60.39
PB ADP P . -22.66 36.85 -45.19
O1B ADP P . -21.98 36.12 -46.32
O2B ADP P . -22.13 38.23 -44.91
O3B ADP P . -22.89 36.01 -43.94
PA ADP P . -25.12 35.92 -46.12
O1A ADP P . -24.39 34.60 -46.01
O2A ADP P . -25.84 36.28 -47.40
O3A ADP P . -24.15 37.14 -45.72
O5' ADP P . -26.18 35.98 -44.92
C5' ADP P . -27.29 36.86 -45.00
C4' ADP P . -28.36 36.34 -44.07
O4' ADP P . -29.23 37.41 -43.70
C3' ADP P . -29.21 35.28 -44.75
O3' ADP P . -29.09 34.04 -44.04
C2' ADP P . -30.63 35.78 -44.70
O2' ADP P . -31.48 34.79 -44.12
C1' ADP P . -30.59 37.02 -43.83
N9 ADP P . -31.35 38.12 -44.47
C8 ADP P . -31.20 38.57 -45.73
N7 ADP P . -32.06 39.58 -46.00
C5 ADP P . -32.77 39.81 -44.88
C6 ADP P . -33.84 40.73 -44.47
N6 ADP P . -34.32 41.66 -45.33
N1 ADP P . -34.31 40.64 -43.21
C2 ADP P . -33.83 39.73 -42.34
N3 ADP P . -32.86 38.84 -42.65
C4 ADP P . -32.30 38.84 -43.88
#